data_6WSN
# 
_entry.id   6WSN 
# 
_audit_conform.dict_name       mmcif_pdbx.dic 
_audit_conform.dict_version    5.380 
_audit_conform.dict_location   http://mmcif.pdb.org/dictionaries/ascii/mmcif_pdbx.dic 
# 
loop_
_database_2.database_id 
_database_2.database_code 
_database_2.pdbx_database_accession 
_database_2.pdbx_DOI 
PDB   6WSN         pdb_00006wsn 10.2210/pdb6wsn/pdb 
WWPDB D_1000248853 ?            ?                   
# 
_pdbx_database_status.status_code                     REL 
_pdbx_database_status.status_code_sf                  REL 
_pdbx_database_status.status_code_mr                  ? 
_pdbx_database_status.entry_id                        6WSN 
_pdbx_database_status.recvd_initial_deposition_date   2020-05-01 
_pdbx_database_status.SG_entry                        N 
_pdbx_database_status.deposit_site                    RCSB 
_pdbx_database_status.process_site                    RCSB 
_pdbx_database_status.status_code_cs                  ? 
_pdbx_database_status.status_code_nmr_data            ? 
_pdbx_database_status.methods_development_category    ? 
_pdbx_database_status.pdb_format_compatible           Y 
# 
loop_
_audit_author.name 
_audit_author.pdbx_ordinal 
_audit_author.identifier_ORCID 
'Simmons, C.R.'      1 0000-0002-2290-6132 
'MacCulloch, T.'     2 0000-0001-5875-3361 
'Stephanopoulos, N.' 3 0000-0001-7859-410X 
'Yan, H.'            4 0000-0001-7397-9852 
# 
_citation.abstract                  ? 
_citation.abstract_id_CAS           ? 
_citation.book_id_ISBN              ? 
_citation.book_publisher            ? 
_citation.book_publisher_city       ? 
_citation.book_title                ? 
_citation.coordinate_linkage        ? 
_citation.country                   UK 
_citation.database_id_Medline       ? 
_citation.details                   ? 
_citation.id                        primary 
_citation.journal_abbrev            'Nat Commun' 
_citation.journal_id_ASTM           ? 
_citation.journal_id_CSD            ? 
_citation.journal_id_ISSN           2041-1723 
_citation.journal_full              ? 
_citation.journal_issue             ? 
_citation.journal_volume            13 
_citation.language                  ? 
_citation.page_first                3112 
_citation.page_last                 3112 
_citation.title                     'The influence of Holliday junction sequence and dynamics on DNA crystal self-assembly.' 
_citation.year                      2022 
_citation.database_id_CSD           ? 
_citation.pdbx_database_id_DOI      10.1038/s41467-022-30779-6 
_citation.pdbx_database_id_PubMed   35662248 
_citation.unpublished_flag          ? 
# 
loop_
_citation_author.citation_id 
_citation_author.name 
_citation_author.ordinal 
_citation_author.identifier_ORCID 
primary 'Simmons, C.R.'      1  ?                   
primary 'MacCulloch, T.'     2  ?                   
primary 'Krepl, M.'          3  0000-0002-9833-4281 
primary 'Matthies, M.'       4  ?                   
primary 'Buchberger, A.'     5  ?                   
primary 'Crawford, I.'       6  ?                   
primary 'Sponer, J.'         7  0000-0001-6558-6186 
primary 'Sulc, P.'           8  0000-0003-1565-6769 
primary 'Stephanopoulos, N.' 9  0000-0001-7859-410X 
primary 'Yan, H.'            10 0000-0001-7397-9852 
# 
_cell.angle_alpha                  90.000 
_cell.angle_alpha_esd              ? 
_cell.angle_beta                   90.000 
_cell.angle_beta_esd               ? 
_cell.angle_gamma                  120.000 
_cell.angle_gamma_esd              ? 
_cell.entry_id                     6WSN 
_cell.details                      ? 
_cell.formula_units_Z              ? 
_cell.length_a                     68.245 
_cell.length_a_esd                 ? 
_cell.length_b                     68.245 
_cell.length_b_esd                 ? 
_cell.length_c                     61.163 
_cell.length_c_esd                 ? 
_cell.volume                       ? 
_cell.volume_esd                   ? 
_cell.Z_PDB                        6 
_cell.reciprocal_angle_alpha       ? 
_cell.reciprocal_angle_beta        ? 
_cell.reciprocal_angle_gamma       ? 
_cell.reciprocal_angle_alpha_esd   ? 
_cell.reciprocal_angle_beta_esd    ? 
_cell.reciprocal_angle_gamma_esd   ? 
_cell.reciprocal_length_a          ? 
_cell.reciprocal_length_b          ? 
_cell.reciprocal_length_c          ? 
_cell.reciprocal_length_a_esd      ? 
_cell.reciprocal_length_b_esd      ? 
_cell.reciprocal_length_c_esd      ? 
_cell.pdbx_unique_axis             ? 
# 
_symmetry.entry_id                         6WSN 
_symmetry.cell_setting                     ? 
_symmetry.Int_Tables_number                154 
_symmetry.space_group_name_Hall            ? 
_symmetry.space_group_name_H-M             'P 32 2 1' 
_symmetry.pdbx_full_space_group_name_H-M   ? 
# 
loop_
_entity.id 
_entity.type 
_entity.src_method 
_entity.pdbx_description 
_entity.formula_weight 
_entity.pdbx_number_of_molecules 
_entity.pdbx_ec 
_entity.pdbx_mutation 
_entity.pdbx_fragment 
_entity.details 
1 polymer     syn 
;DNA (5'-D(*GP*AP*GP*CP*AP*GP*AP*CP*CP*AP*GP*AP*CP*GP*TP*CP*AP*CP*TP*CP*A)-3')
;
6426.177 1 ? ? ? ? 
2 polymer     syn 
;DNA (5'-D(P*CP*GP*TP*CP*T)-3')
;
1470.998 1 ? ? ? ? 
3 polymer     syn 
;DNA (5'-D(*TP*CP*TP*GP*AP*GP*TP*GP*A)-3')
;
2770.833 1 ? ? ? ? 
4 polymer     syn 
;DNA (5'-D(P*GP*GP*TP*CP*TP*GP*C)-3')
;
2129.409 1 ? ? ? ? 
5 non-polymer syn 'CACODYLATE ION'                                                                136.989  2 ? ? ? ? 
# 
loop_
_entity_poly.entity_id 
_entity_poly.type 
_entity_poly.nstd_linkage 
_entity_poly.nstd_monomer 
_entity_poly.pdbx_seq_one_letter_code 
_entity_poly.pdbx_seq_one_letter_code_can 
_entity_poly.pdbx_strand_id 
_entity_poly.pdbx_target_identifier 
1 polydeoxyribonucleotide no no 
;(DG)(DA)(DG)(DC)(DA)(DG)(DA)(DC)(DC)(DA)(DG)(DA)(DC)(DG)(DT)(DC)(DA)(DC)(DT)(DC)
(DA)
;
GAGCAGACCAGACGTCACTCA A ? 
2 polydeoxyribonucleotide no no '(DC)(DG)(DT)(DC)(DT)'                                                                  CGTCT B ? 
3 polydeoxyribonucleotide no no '(DT)(DC)(DT)(DG)(DA)(DG)(DT)(DG)(DA)'                                                  TCTGAGTGA 
C ? 
4 polydeoxyribonucleotide no no '(DG)(DG)(DT)(DC)(DT)(DG)(DC)'                                                          GGTCTGC D 
? 
# 
loop_
_entity_poly_seq.entity_id 
_entity_poly_seq.num 
_entity_poly_seq.mon_id 
_entity_poly_seq.hetero 
1 1  DG n 
1 2  DA n 
1 3  DG n 
1 4  DC n 
1 5  DA n 
1 6  DG n 
1 7  DA n 
1 8  DC n 
1 9  DC n 
1 10 DA n 
1 11 DG n 
1 12 DA n 
1 13 DC n 
1 14 DG n 
1 15 DT n 
1 16 DC n 
1 17 DA n 
1 18 DC n 
1 19 DT n 
1 20 DC n 
1 21 DA n 
2 1  DC n 
2 2  DG n 
2 3  DT n 
2 4  DC n 
2 5  DT n 
3 1  DT n 
3 2  DC n 
3 3  DT n 
3 4  DG n 
3 5  DA n 
3 6  DG n 
3 7  DT n 
3 8  DG n 
3 9  DA n 
4 1  DG n 
4 2  DG n 
4 3  DT n 
4 4  DC n 
4 5  DT n 
4 6  DG n 
4 7  DC n 
# 
loop_
_pdbx_entity_src_syn.entity_id 
_pdbx_entity_src_syn.pdbx_src_id 
_pdbx_entity_src_syn.pdbx_alt_source_flag 
_pdbx_entity_src_syn.pdbx_beg_seq_num 
_pdbx_entity_src_syn.pdbx_end_seq_num 
_pdbx_entity_src_syn.organism_scientific 
_pdbx_entity_src_syn.organism_common_name 
_pdbx_entity_src_syn.ncbi_taxonomy_id 
_pdbx_entity_src_syn.details 
1 1 sample 1 21 'synthetic construct' ? 32630 ? 
2 1 sample 1 5  'synthetic construct' ? 32630 ? 
3 1 sample 1 9  'synthetic construct' ? 32630 ? 
4 1 sample 1 7  'synthetic construct' ? 32630 ? 
# 
loop_
_struct_ref.id 
_struct_ref.db_name 
_struct_ref.db_code 
_struct_ref.pdbx_db_accession 
_struct_ref.pdbx_db_isoform 
_struct_ref.entity_id 
_struct_ref.pdbx_seq_one_letter_code 
_struct_ref.pdbx_align_begin 
1 PDB 6WSN 6WSN ? 1 ? 1 
2 PDB 6WSN 6WSN ? 2 ? 1 
3 PDB 6WSN 6WSN ? 3 ? 1 
4 PDB 6WSN 6WSN ? 4 ? 1 
# 
loop_
_struct_ref_seq.align_id 
_struct_ref_seq.ref_id 
_struct_ref_seq.pdbx_PDB_id_code 
_struct_ref_seq.pdbx_strand_id 
_struct_ref_seq.seq_align_beg 
_struct_ref_seq.pdbx_seq_align_beg_ins_code 
_struct_ref_seq.seq_align_end 
_struct_ref_seq.pdbx_seq_align_end_ins_code 
_struct_ref_seq.pdbx_db_accession 
_struct_ref_seq.db_align_beg 
_struct_ref_seq.pdbx_db_align_beg_ins_code 
_struct_ref_seq.db_align_end 
_struct_ref_seq.pdbx_db_align_end_ins_code 
_struct_ref_seq.pdbx_auth_seq_align_beg 
_struct_ref_seq.pdbx_auth_seq_align_end 
1 1 6WSN A 1 ? 21 ? 6WSN 1  ? 21 ? 1  21 
2 2 6WSN B 1 ? 5  ? 6WSN 1  ? 5  ? 1  5  
3 3 6WSN C 1 ? 9  ? 6WSN 1  ? 9  ? 1  9  
4 4 6WSN D 1 ? 7  ? 6WSN 10 ? 16 ? 10 16 
# 
loop_
_chem_comp.id 
_chem_comp.type 
_chem_comp.mon_nstd_flag 
_chem_comp.name 
_chem_comp.pdbx_synonyms 
_chem_comp.formula 
_chem_comp.formula_weight 
CAC non-polymer   . 'CACODYLATE ION'                     dimethylarsinate 'C2 H6 As O2 -1'  136.989 
DA  'DNA linking' y "2'-DEOXYADENOSINE-5'-MONOPHOSPHATE" ?                'C10 H14 N5 O6 P' 331.222 
DC  'DNA linking' y "2'-DEOXYCYTIDINE-5'-MONOPHOSPHATE"  ?                'C9 H14 N3 O7 P'  307.197 
DG  'DNA linking' y "2'-DEOXYGUANOSINE-5'-MONOPHOSPHATE" ?                'C10 H14 N5 O7 P' 347.221 
DT  'DNA linking' y "THYMIDINE-5'-MONOPHOSPHATE"         ?                'C10 H15 N2 O8 P' 322.208 
# 
_exptl.absorpt_coefficient_mu     ? 
_exptl.absorpt_correction_T_max   ? 
_exptl.absorpt_correction_T_min   ? 
_exptl.absorpt_correction_type    ? 
_exptl.absorpt_process_details    ? 
_exptl.entry_id                   6WSN 
_exptl.crystals_number            1 
_exptl.details                    ? 
_exptl.method                     'X-RAY DIFFRACTION' 
_exptl.method_details             ? 
# 
_exptl_crystal.colour                      ? 
_exptl_crystal.density_diffrn              ? 
_exptl_crystal.density_Matthews            3.21 
_exptl_crystal.density_method              ? 
_exptl_crystal.density_percent_sol         61.72 
_exptl_crystal.description                 ? 
_exptl_crystal.F_000                       ? 
_exptl_crystal.id                          1 
_exptl_crystal.preparation                 ? 
_exptl_crystal.size_max                    ? 
_exptl_crystal.size_mid                    ? 
_exptl_crystal.size_min                    ? 
_exptl_crystal.size_rad                    ? 
_exptl_crystal.colour_lustre               ? 
_exptl_crystal.colour_modifier             ? 
_exptl_crystal.colour_primary              ? 
_exptl_crystal.density_meas                ? 
_exptl_crystal.density_meas_esd            ? 
_exptl_crystal.density_meas_gt             ? 
_exptl_crystal.density_meas_lt             ? 
_exptl_crystal.density_meas_temp           ? 
_exptl_crystal.density_meas_temp_esd       ? 
_exptl_crystal.density_meas_temp_gt        ? 
_exptl_crystal.density_meas_temp_lt        ? 
_exptl_crystal.pdbx_crystal_image_url      ? 
_exptl_crystal.pdbx_crystal_image_format   ? 
_exptl_crystal.pdbx_mosaicity              ? 
_exptl_crystal.pdbx_mosaicity_esd          ? 
# 
_exptl_crystal_grow.apparatus       ? 
_exptl_crystal_grow.atmosphere      ? 
_exptl_crystal_grow.crystal_id      1 
_exptl_crystal_grow.details         ? 
_exptl_crystal_grow.method          'VAPOR DIFFUSION, SITTING DROP' 
_exptl_crystal_grow.method_ref      ? 
_exptl_crystal_grow.pH              ? 
_exptl_crystal_grow.pressure        ? 
_exptl_crystal_grow.pressure_esd    ? 
_exptl_crystal_grow.seeding         ? 
_exptl_crystal_grow.seeding_ref     ? 
_exptl_crystal_grow.temp            298 
_exptl_crystal_grow.temp_details    'temperature gradient generated from 60 to 25 C at 0.3 degrees per hour' 
_exptl_crystal_grow.temp_esd        ? 
_exptl_crystal_grow.time            ? 
_exptl_crystal_grow.pdbx_details    
;0.5 mL of 0.05 M Cacodylate pH 7.0, 20 mM MgCl2, 1.0 mM spermine, 1.0 mM CoH18N6, and 15% ethanol was added to the reservoir with 2 uL added to the drop containing 4 uL of DNA stock
;
_exptl_crystal_grow.pdbx_pH_range   ? 
# 
_diffrn.ambient_environment              ? 
_diffrn.ambient_temp                     100 
_diffrn.ambient_temp_details             ? 
_diffrn.ambient_temp_esd                 ? 
_diffrn.crystal_id                       1 
_diffrn.crystal_support                  ? 
_diffrn.crystal_treatment                ? 
_diffrn.details                          ? 
_diffrn.id                               1 
_diffrn.ambient_pressure                 ? 
_diffrn.ambient_pressure_esd             ? 
_diffrn.ambient_pressure_gt              ? 
_diffrn.ambient_pressure_lt              ? 
_diffrn.ambient_temp_gt                  ? 
_diffrn.ambient_temp_lt                  ? 
_diffrn.pdbx_serial_crystal_experiment   N 
# 
_diffrn_detector.details                      ? 
_diffrn_detector.detector                     PIXEL 
_diffrn_detector.diffrn_id                    1 
_diffrn_detector.type                         'DECTRIS PILATUS3 6M' 
_diffrn_detector.area_resol_mean              ? 
_diffrn_detector.dtime                        ? 
_diffrn_detector.pdbx_frames_total            ? 
_diffrn_detector.pdbx_collection_time_total   ? 
_diffrn_detector.pdbx_collection_date         2018-08-15 
_diffrn_detector.pdbx_frequency               ? 
# 
_diffrn_radiation.collimation                      ? 
_diffrn_radiation.diffrn_id                        1 
_diffrn_radiation.filter_edge                      ? 
_diffrn_radiation.inhomogeneity                    ? 
_diffrn_radiation.monochromator                    ? 
_diffrn_radiation.polarisn_norm                    ? 
_diffrn_radiation.polarisn_ratio                   ? 
_diffrn_radiation.probe                            ? 
_diffrn_radiation.type                             ? 
_diffrn_radiation.xray_symbol                      ? 
_diffrn_radiation.wavelength_id                    1 
_diffrn_radiation.pdbx_monochromatic_or_laue_m_l   M 
_diffrn_radiation.pdbx_wavelength_list             ? 
_diffrn_radiation.pdbx_wavelength                  ? 
_diffrn_radiation.pdbx_diffrn_protocol             'SINGLE WAVELENGTH' 
_diffrn_radiation.pdbx_analyzer                    ? 
_diffrn_radiation.pdbx_scattering_type             x-ray 
# 
_diffrn_radiation_wavelength.id           1 
_diffrn_radiation_wavelength.wavelength   0.92 
_diffrn_radiation_wavelength.wt           1.0 
# 
_diffrn_source.current                     ? 
_diffrn_source.details                     ? 
_diffrn_source.diffrn_id                   1 
_diffrn_source.power                       ? 
_diffrn_source.size                        ? 
_diffrn_source.source                      SYNCHROTRON 
_diffrn_source.target                      ? 
_diffrn_source.type                        'APS BEAMLINE 19-ID' 
_diffrn_source.voltage                     ? 
_diffrn_source.take-off_angle              ? 
_diffrn_source.pdbx_wavelength_list        0.92 
_diffrn_source.pdbx_wavelength             ? 
_diffrn_source.pdbx_synchrotron_beamline   19-ID 
_diffrn_source.pdbx_synchrotron_site       APS 
# 
_reflns.B_iso_Wilson_estimate            100.410 
_reflns.entry_id                         6WSN 
_reflns.data_reduction_details           ? 
_reflns.data_reduction_method            ? 
_reflns.d_resolution_high                3.050 
_reflns.d_resolution_low                 50.000 
_reflns.details                          ? 
_reflns.limit_h_max                      ? 
_reflns.limit_h_min                      ? 
_reflns.limit_k_max                      ? 
_reflns.limit_k_min                      ? 
_reflns.limit_l_max                      ? 
_reflns.limit_l_min                      ? 
_reflns.number_all                       ? 
_reflns.number_obs                       3334 
_reflns.observed_criterion               ? 
_reflns.observed_criterion_F_max         ? 
_reflns.observed_criterion_F_min         ? 
_reflns.observed_criterion_I_max         ? 
_reflns.observed_criterion_I_min         ? 
_reflns.observed_criterion_sigma_F       ? 
_reflns.observed_criterion_sigma_I       ? 
_reflns.percent_possible_obs             99.900 
_reflns.R_free_details                   ? 
_reflns.Rmerge_F_all                     ? 
_reflns.Rmerge_F_obs                     ? 
_reflns.Friedel_coverage                 ? 
_reflns.number_gt                        ? 
_reflns.threshold_expression             ? 
_reflns.pdbx_redundancy                  17.800 
_reflns.pdbx_Rmerge_I_obs                0.082 
_reflns.pdbx_Rmerge_I_all                ? 
_reflns.pdbx_Rsym_value                  ? 
_reflns.pdbx_netI_over_av_sigmaI         ? 
_reflns.pdbx_netI_over_sigmaI            7.500 
_reflns.pdbx_res_netI_over_av_sigmaI_2   ? 
_reflns.pdbx_res_netI_over_sigmaI_2      ? 
_reflns.pdbx_chi_squared                 2.742 
_reflns.pdbx_scaling_rejects             ? 
_reflns.pdbx_d_res_high_opt              ? 
_reflns.pdbx_d_res_low_opt               ? 
_reflns.pdbx_d_res_opt_method            ? 
_reflns.phase_calculation_details        ? 
_reflns.pdbx_Rrim_I_all                  0.086 
_reflns.pdbx_Rpim_I_all                  0.023 
_reflns.pdbx_d_opt                       ? 
_reflns.pdbx_number_measured_all         ? 
_reflns.pdbx_diffrn_id                   1 
_reflns.pdbx_ordinal                     1 
_reflns.pdbx_CC_half                     0.865 
_reflns.pdbx_CC_star                     ? 
_reflns.pdbx_R_split                     ? 
# 
loop_
_reflns_shell.d_res_high 
_reflns_shell.d_res_low 
_reflns_shell.meanI_over_sigI_all 
_reflns_shell.meanI_over_sigI_obs 
_reflns_shell.number_measured_all 
_reflns_shell.number_measured_obs 
_reflns_shell.number_possible 
_reflns_shell.number_unique_all 
_reflns_shell.number_unique_obs 
_reflns_shell.percent_possible_all 
_reflns_shell.percent_possible_obs 
_reflns_shell.Rmerge_F_all 
_reflns_shell.Rmerge_F_obs 
_reflns_shell.Rmerge_I_all 
_reflns_shell.Rmerge_I_obs 
_reflns_shell.meanI_over_sigI_gt 
_reflns_shell.meanI_over_uI_all 
_reflns_shell.meanI_over_uI_gt 
_reflns_shell.number_measured_gt 
_reflns_shell.number_unique_gt 
_reflns_shell.percent_possible_gt 
_reflns_shell.Rmerge_F_gt 
_reflns_shell.Rmerge_I_gt 
_reflns_shell.pdbx_redundancy 
_reflns_shell.pdbx_Rsym_value 
_reflns_shell.pdbx_chi_squared 
_reflns_shell.pdbx_netI_over_sigmaI_all 
_reflns_shell.pdbx_netI_over_sigmaI_obs 
_reflns_shell.pdbx_Rrim_I_all 
_reflns_shell.pdbx_Rpim_I_all 
_reflns_shell.pdbx_rejects 
_reflns_shell.pdbx_ordinal 
_reflns_shell.pdbx_diffrn_id 
_reflns_shell.pdbx_CC_half 
_reflns_shell.pdbx_CC_star 
_reflns_shell.pdbx_R_split 
3.050 3.100  ? ? ? ? ? ? 156 100.000 ? ? ? ? 0.975 ? ? ? ? ? ? ? ? 17.300 ? 0.467  ? ? 1.003 0.231 ? 1  1 0.963 ? ? 
3.100 3.160  ? ? ? ? ? ? 163 100.000 ? ? ? ? 0.578 ? ? ? ? ? ? ? ? 17.700 ? 0.502  ? ? 0.594 0.135 ? 2  1 0.994 ? ? 
3.160 3.220  ? ? ? ? ? ? 155 100.000 ? ? ? ? 0.260 ? ? ? ? ? ? ? ? 18.400 ? 0.756  ? ? 0.267 0.059 ? 3  1 0.999 ? ? 
3.220 3.290  ? ? ? ? ? ? 163 100.000 ? ? ? ? 0.209 ? ? ? ? ? ? ? ? 18.500 ? 0.931  ? ? 0.214 0.048 ? 4  1 0.999 ? ? 
3.290 3.360  ? ? ? ? ? ? 161 100.000 ? ? ? ? 0.274 ? ? ? ? ? ? ? ? 18.700 ? 0.667  ? ? 0.282 0.063 ? 5  1 0.997 ? ? 
3.360 3.430  ? ? ? ? ? ? 165 100.000 ? ? ? ? 0.212 ? ? ? ? ? ? ? ? 18.500 ? 0.704  ? ? 0.218 0.049 ? 6  1 0.998 ? ? 
3.430 3.520  ? ? ? ? ? ? 172 100.000 ? ? ? ? 0.240 ? ? ? ? ? ? ? ? 18.200 ? 0.780  ? ? 0.247 0.057 ? 7  1 0.997 ? ? 
3.520 3.620  ? ? ? ? ? ? 161 100.000 ? ? ? ? 0.192 ? ? ? ? ? ? ? ? 17.800 ? 0.813  ? ? 0.198 0.046 ? 8  1 0.998 ? ? 
3.620 3.720  ? ? ? ? ? ? 153 100.000 ? ? ? ? 0.214 ? ? ? ? ? ? ? ? 15.800 ? 0.739  ? ? 0.221 0.055 ? 9  1 0.995 ? ? 
3.720 3.840  ? ? ? ? ? ? 177 100.000 ? ? ? ? 0.163 ? ? ? ? ? ? ? ? 18.100 ? 1.241  ? ? 0.167 0.039 ? 10 1 0.994 ? ? 
3.840 3.980  ? ? ? ? ? ? 162 100.000 ? ? ? ? 0.140 ? ? ? ? ? ? ? ? 19.100 ? 1.420  ? ? 0.144 0.032 ? 11 1 0.994 ? ? 
3.980 4.140  ? ? ? ? ? ? 169 100.000 ? ? ? ? 0.123 ? ? ? ? ? ? ? ? 18.900 ? 1.460  ? ? 0.126 0.029 ? 12 1 0.995 ? ? 
4.140 4.330  ? ? ? ? ? ? 158 100.000 ? ? ? ? 0.098 ? ? ? ? ? ? ? ? 18.300 ? 1.040  ? ? 0.101 0.024 ? 13 1 0.998 ? ? 
4.330 4.560  ? ? ? ? ? ? 176 100.000 ? ? ? ? 0.103 ? ? ? ? ? ? ? ? 18.500 ? 1.240  ? ? 0.106 0.025 ? 14 1 0.995 ? ? 
4.560 4.840  ? ? ? ? ? ? 160 100.000 ? ? ? ? 0.084 ? ? ? ? ? ? ? ? 17.500 ? 1.250  ? ? 0.086 0.020 ? 15 1 0.997 ? ? 
4.840 5.210  ? ? ? ? ? ? 169 100.000 ? ? ? ? 0.076 ? ? ? ? ? ? ? ? 17.100 ? 3.120  ? ? 0.079 0.019 ? 16 1 0.996 ? ? 
5.210 5.740  ? ? ? ? ? ? 176 100.000 ? ? ? ? 0.071 ? ? ? ? ? ? ? ? 18.400 ? 4.585  ? ? 0.073 0.017 ? 17 1 0.997 ? ? 
5.740 6.570  ? ? ? ? ? ? 171 100.000 ? ? ? ? 0.073 ? ? ? ? ? ? ? ? 17.800 ? 7.819  ? ? 0.076 0.018 ? 18 1 0.990 ? ? 
6.570 8.270  ? ? ? ? ? ? 176 100.000 ? ? ? ? 0.059 ? ? ? ? ? ? ? ? 16.500 ? 10.283 ? ? 0.061 0.015 ? 19 1 0.998 ? ? 
8.270 50.000 ? ? ? ? ? ? 191 97.900  ? ? ? ? 0.069 ? ? ? ? ? ? ? ? 15.600 ? 14.684 ? ? 0.073 0.023 ? 20 1 0.948 ? ? 
# 
_refine.aniso_B[1][1]                            ? 
_refine.aniso_B[1][2]                            ? 
_refine.aniso_B[1][3]                            ? 
_refine.aniso_B[2][2]                            ? 
_refine.aniso_B[2][3]                            ? 
_refine.aniso_B[3][3]                            ? 
_refine.B_iso_max                                232.510 
_refine.B_iso_mean                               116.1126 
_refine.B_iso_min                                86.940 
_refine.correlation_coeff_Fo_to_Fc               ? 
_refine.correlation_coeff_Fo_to_Fc_free          ? 
_refine.details                                  ? 
_refine.diff_density_max                         ? 
_refine.diff_density_max_esd                     ? 
_refine.diff_density_min                         ? 
_refine.diff_density_min_esd                     ? 
_refine.diff_density_rms                         ? 
_refine.diff_density_rms_esd                     ? 
_refine.entry_id                                 6WSN 
_refine.pdbx_refine_id                           'X-RAY DIFFRACTION' 
_refine.ls_abs_structure_details                 ? 
_refine.ls_abs_structure_Flack                   ? 
_refine.ls_abs_structure_Flack_esd               ? 
_refine.ls_abs_structure_Rogers                  ? 
_refine.ls_abs_structure_Rogers_esd              ? 
_refine.ls_d_res_high                            3.0520 
_refine.ls_d_res_low                             34.1220 
_refine.ls_extinction_coef                       ? 
_refine.ls_extinction_coef_esd                   ? 
_refine.ls_extinction_expression                 ? 
_refine.ls_extinction_method                     ? 
_refine.ls_goodness_of_fit_all                   ? 
_refine.ls_goodness_of_fit_all_esd               ? 
_refine.ls_goodness_of_fit_obs                   ? 
_refine.ls_goodness_of_fit_obs_esd               ? 
_refine.ls_hydrogen_treatment                    ? 
_refine.ls_matrix_type                           ? 
_refine.ls_number_constraints                    ? 
_refine.ls_number_parameters                     ? 
_refine.ls_number_reflns_all                     ? 
_refine.ls_number_reflns_obs                     3259 
_refine.ls_number_reflns_R_free                  167 
_refine.ls_number_reflns_R_work                  ? 
_refine.ls_number_restraints                     ? 
_refine.ls_percent_reflns_obs                    98.0700 
_refine.ls_percent_reflns_R_free                 5.1200 
_refine.ls_R_factor_all                          ? 
_refine.ls_R_factor_obs                          0.2587 
_refine.ls_R_factor_R_free                       0.2873 
_refine.ls_R_factor_R_free_error                 ? 
_refine.ls_R_factor_R_free_error_details         ? 
_refine.ls_R_factor_R_work                       0.2572 
_refine.ls_R_Fsqd_factor_obs                     ? 
_refine.ls_R_I_factor_obs                        ? 
_refine.ls_redundancy_reflns_all                 ? 
_refine.ls_redundancy_reflns_obs                 ? 
_refine.ls_restrained_S_all                      ? 
_refine.ls_restrained_S_obs                      ? 
_refine.ls_shift_over_esd_max                    ? 
_refine.ls_shift_over_esd_mean                   ? 
_refine.ls_structure_factor_coef                 ? 
_refine.ls_weighting_details                     ? 
_refine.ls_weighting_scheme                      ? 
_refine.ls_wR_factor_all                         ? 
_refine.ls_wR_factor_obs                         ? 
_refine.ls_wR_factor_R_free                      ? 
_refine.ls_wR_factor_R_work                      ? 
_refine.occupancy_max                            ? 
_refine.occupancy_min                            ? 
_refine.solvent_model_details                    ? 
_refine.solvent_model_param_bsol                 ? 
_refine.solvent_model_param_ksol                 ? 
_refine.pdbx_R_complete                          ? 
_refine.ls_R_factor_gt                           ? 
_refine.ls_goodness_of_fit_gt                    ? 
_refine.ls_goodness_of_fit_ref                   ? 
_refine.ls_shift_over_su_max                     ? 
_refine.ls_shift_over_su_max_lt                  ? 
_refine.ls_shift_over_su_mean                    ? 
_refine.ls_shift_over_su_mean_lt                 ? 
_refine.pdbx_ls_sigma_I                          ? 
_refine.pdbx_ls_sigma_F                          2.070 
_refine.pdbx_ls_sigma_Fsqd                       ? 
_refine.pdbx_data_cutoff_high_absF               ? 
_refine.pdbx_data_cutoff_high_rms_absF           ? 
_refine.pdbx_data_cutoff_low_absF                ? 
_refine.pdbx_isotropic_thermal_model             ? 
_refine.pdbx_ls_cross_valid_method               THROUGHOUT 
_refine.pdbx_method_to_determine_struct          'MOLECULAR REPLACEMENT' 
_refine.pdbx_starting_model                      5KEK 
_refine.pdbx_stereochemistry_target_values       ? 
_refine.pdbx_R_Free_selection_details            ? 
_refine.pdbx_stereochem_target_val_spec_case     ? 
_refine.pdbx_overall_ESU_R                       ? 
_refine.pdbx_overall_ESU_R_Free                  ? 
_refine.pdbx_solvent_vdw_probe_radii             1.1100 
_refine.pdbx_solvent_ion_probe_radii             ? 
_refine.pdbx_solvent_shrinkage_radii             0.9000 
_refine.pdbx_real_space_R                        ? 
_refine.pdbx_density_correlation                 ? 
_refine.pdbx_pd_number_of_powder_patterns        ? 
_refine.pdbx_pd_number_of_points                 ? 
_refine.pdbx_pd_meas_number_of_points            ? 
_refine.pdbx_pd_proc_ls_prof_R_factor            ? 
_refine.pdbx_pd_proc_ls_prof_wR_factor           ? 
_refine.pdbx_pd_Marquardt_correlation_coeff      ? 
_refine.pdbx_pd_Fsqrd_R_factor                   ? 
_refine.pdbx_pd_ls_matrix_band_width             ? 
_refine.pdbx_overall_phase_error                 32.2300 
_refine.pdbx_overall_SU_R_free_Cruickshank_DPI   ? 
_refine.pdbx_overall_SU_R_free_Blow_DPI          ? 
_refine.pdbx_overall_SU_R_Blow_DPI               ? 
_refine.pdbx_TLS_residual_ADP_flag               ? 
_refine.pdbx_diffrn_id                           1 
_refine.overall_SU_B                             ? 
_refine.overall_SU_ML                            0.0000 
_refine.overall_SU_R_Cruickshank_DPI             ? 
_refine.overall_SU_R_free                        ? 
_refine.overall_FOM_free_R_set                   ? 
_refine.overall_FOM_work_R_set                   ? 
_refine.pdbx_average_fsc_overall                 ? 
_refine.pdbx_average_fsc_work                    ? 
_refine.pdbx_average_fsc_free                    ? 
# 
_refine_hist.pdbx_refine_id                   'X-RAY DIFFRACTION' 
_refine_hist.cycle_id                         final 
_refine_hist.details                          ? 
_refine_hist.d_res_high                       3.0520 
_refine_hist.d_res_low                        34.1220 
_refine_hist.number_atoms_solvent             0 
_refine_hist.number_atoms_total               857 
_refine_hist.number_reflns_all                ? 
_refine_hist.number_reflns_obs                ? 
_refine_hist.number_reflns_R_free             ? 
_refine_hist.number_reflns_R_work             ? 
_refine_hist.R_factor_all                     ? 
_refine_hist.R_factor_obs                     ? 
_refine_hist.R_factor_R_free                  ? 
_refine_hist.R_factor_R_work                  ? 
_refine_hist.pdbx_number_residues_total       42 
_refine_hist.pdbx_B_iso_mean_ligand           183.65 
_refine_hist.pdbx_B_iso_mean_solvent          ? 
_refine_hist.pdbx_number_atoms_protein        0 
_refine_hist.pdbx_number_atoms_nucleic_acid   855 
_refine_hist.pdbx_number_atoms_ligand         2 
_refine_hist.pdbx_number_atoms_lipid          ? 
_refine_hist.pdbx_number_atoms_carb           ? 
_refine_hist.pdbx_pseudo_atom_details         ? 
# 
loop_
_refine_ls_restr.pdbx_refine_id 
_refine_ls_restr.criterion 
_refine_ls_restr.dev_ideal 
_refine_ls_restr.dev_ideal_target 
_refine_ls_restr.number 
_refine_ls_restr.rejects 
_refine_ls_restr.type 
_refine_ls_restr.weight 
_refine_ls_restr.pdbx_restraint_function 
'X-RAY DIFFRACTION' ? 0.011  ? 956  ? f_bond_d           ? ? 
'X-RAY DIFFRACTION' ? 0.802  ? 1467 ? f_angle_d          ? ? 
'X-RAY DIFFRACTION' ? 0.053  ? 166  ? f_chiral_restr     ? ? 
'X-RAY DIFFRACTION' ? 0.004  ? 42   ? f_plane_restr      ? ? 
'X-RAY DIFFRACTION' ? 33.342 ? 406  ? f_dihedral_angle_d ? ? 
# 
_refine_ls_shell.pdbx_refine_id                   'X-RAY DIFFRACTION' 
_refine_ls_shell.d_res_high                       3.0520 
_refine_ls_shell.d_res_low                        34.1220 
_refine_ls_shell.number_reflns_all                ? 
_refine_ls_shell.number_reflns_obs                ? 
_refine_ls_shell.number_reflns_R_free             167 
_refine_ls_shell.number_reflns_R_work             3092 
_refine_ls_shell.percent_reflns_obs               98.0000 
_refine_ls_shell.percent_reflns_R_free            ? 
_refine_ls_shell.R_factor_all                     ? 
_refine_ls_shell.R_factor_obs                     ? 
_refine_ls_shell.R_factor_R_free                  0.2873 
_refine_ls_shell.R_factor_R_free_error            0.0000 
_refine_ls_shell.R_factor_R_work                  0.2572 
_refine_ls_shell.redundancy_reflns_all            ? 
_refine_ls_shell.redundancy_reflns_obs            ? 
_refine_ls_shell.wR_factor_all                    ? 
_refine_ls_shell.wR_factor_obs                    ? 
_refine_ls_shell.wR_factor_R_free                 ? 
_refine_ls_shell.wR_factor_R_work                 ? 
_refine_ls_shell.pdbx_R_complete                  ? 
_refine_ls_shell.pdbx_total_number_of_bins_used   ? 
_refine_ls_shell.pdbx_phase_error                 ? 
_refine_ls_shell.pdbx_fsc_work                    ? 
_refine_ls_shell.pdbx_fsc_free                    ? 
# 
_struct.entry_id                     6WSN 
_struct.title                        
'Self-assembly of a 3D DNA crystal lattice (4x5 duplex version) containing the J7 immobile Holliday junction' 
_struct.pdbx_model_details           ? 
_struct.pdbx_formula_weight          ? 
_struct.pdbx_formula_weight_method   ? 
_struct.pdbx_model_type_details      ? 
_struct.pdbx_CASP_flag               N 
# 
_struct_keywords.entry_id        6WSN 
_struct_keywords.text            
'Structural DNA nanotechnology, immobile Holliday junctions, 3D DNA self-assembly, designer DNA crystals, DNA' 
_struct_keywords.pdbx_keywords   DNA 
# 
loop_
_struct_asym.id 
_struct_asym.pdbx_blank_PDB_chainid_flag 
_struct_asym.pdbx_modified 
_struct_asym.entity_id 
_struct_asym.details 
A N N 1 ? 
B N N 2 ? 
C N N 3 ? 
D N N 4 ? 
E N N 5 ? 
F N N 5 ? 
# 
loop_
_struct_conn.id 
_struct_conn.conn_type_id 
_struct_conn.pdbx_leaving_atom_flag 
_struct_conn.pdbx_PDB_id 
_struct_conn.ptnr1_label_asym_id 
_struct_conn.ptnr1_label_comp_id 
_struct_conn.ptnr1_label_seq_id 
_struct_conn.ptnr1_label_atom_id 
_struct_conn.pdbx_ptnr1_label_alt_id 
_struct_conn.pdbx_ptnr1_PDB_ins_code 
_struct_conn.pdbx_ptnr1_standard_comp_id 
_struct_conn.ptnr1_symmetry 
_struct_conn.ptnr2_label_asym_id 
_struct_conn.ptnr2_label_comp_id 
_struct_conn.ptnr2_label_seq_id 
_struct_conn.ptnr2_label_atom_id 
_struct_conn.pdbx_ptnr2_label_alt_id 
_struct_conn.pdbx_ptnr2_PDB_ins_code 
_struct_conn.ptnr1_auth_asym_id 
_struct_conn.ptnr1_auth_comp_id 
_struct_conn.ptnr1_auth_seq_id 
_struct_conn.ptnr2_auth_asym_id 
_struct_conn.ptnr2_auth_comp_id 
_struct_conn.ptnr2_auth_seq_id 
_struct_conn.ptnr2_symmetry 
_struct_conn.pdbx_ptnr3_label_atom_id 
_struct_conn.pdbx_ptnr3_label_seq_id 
_struct_conn.pdbx_ptnr3_label_comp_id 
_struct_conn.pdbx_ptnr3_label_asym_id 
_struct_conn.pdbx_ptnr3_label_alt_id 
_struct_conn.pdbx_ptnr3_PDB_ins_code 
_struct_conn.details 
_struct_conn.pdbx_dist_value 
_struct_conn.pdbx_value_order 
_struct_conn.pdbx_role 
hydrog1  hydrog ? ? A DG 3  N1 ? ? ? 1_555 D DC 7 N3 ? ? A DG 3  D DC 16 1_555 ? ? ? ? ? ? WATSON-CRICK    ? ? ? 
hydrog2  hydrog ? ? A DG 3  N2 ? ? ? 1_555 D DC 7 O2 ? ? A DG 3  D DC 16 1_555 ? ? ? ? ? ? WATSON-CRICK    ? ? ? 
hydrog3  hydrog ? ? A DG 3  O6 ? ? ? 1_555 D DC 7 N4 ? ? A DG 3  D DC 16 1_555 ? ? ? ? ? ? WATSON-CRICK    ? ? ? 
hydrog4  hydrog ? ? A DC 4  N3 ? ? ? 1_555 D DG 6 N1 ? ? A DC 4  D DG 15 1_555 ? ? ? ? ? ? WATSON-CRICK    ? ? ? 
hydrog5  hydrog ? ? A DC 4  N4 ? ? ? 1_555 D DG 6 O6 ? ? A DC 4  D DG 15 1_555 ? ? ? ? ? ? WATSON-CRICK    ? ? ? 
hydrog6  hydrog ? ? A DC 4  O2 ? ? ? 1_555 D DG 6 N2 ? ? A DC 4  D DG 15 1_555 ? ? ? ? ? ? WATSON-CRICK    ? ? ? 
hydrog7  hydrog ? ? A DA 5  N1 ? ? ? 1_555 D DT 5 N3 ? ? A DA 5  D DT 14 1_555 ? ? ? ? ? ? WATSON-CRICK    ? ? ? 
hydrog8  hydrog ? ? A DA 5  N6 ? ? ? 1_555 D DT 5 O4 ? ? A DA 5  D DT 14 1_555 ? ? ? ? ? ? WATSON-CRICK    ? ? ? 
hydrog9  hydrog ? ? A DG 6  N1 ? ? ? 1_555 D DC 4 N3 ? ? A DG 6  D DC 13 1_555 ? ? ? ? ? ? WATSON-CRICK    ? ? ? 
hydrog10 hydrog ? ? A DG 6  N2 ? ? ? 1_555 D DC 4 O2 ? ? A DG 6  D DC 13 1_555 ? ? ? ? ? ? WATSON-CRICK    ? ? ? 
hydrog11 hydrog ? ? A DG 6  O6 ? ? ? 1_555 D DC 4 N4 ? ? A DG 6  D DC 13 1_555 ? ? ? ? ? ? WATSON-CRICK    ? ? ? 
hydrog12 hydrog ? ? A DA 7  N1 ? ? ? 1_555 D DT 3 N3 ? ? A DA 7  D DT 12 1_555 ? ? ? ? ? ? WATSON-CRICK    ? ? ? 
hydrog13 hydrog ? ? A DA 7  N6 ? ? ? 1_555 D DT 3 O4 ? ? A DA 7  D DT 12 1_555 ? ? ? ? ? ? WATSON-CRICK    ? ? ? 
hydrog14 hydrog ? ? A DC 8  N3 ? ? ? 1_555 D DG 2 N1 ? ? A DC 8  D DG 11 1_555 ? ? ? ? ? ? WATSON-CRICK    ? ? ? 
hydrog15 hydrog ? ? A DC 8  N4 ? ? ? 1_555 D DG 2 O6 ? ? A DC 8  D DG 11 1_555 ? ? ? ? ? ? WATSON-CRICK    ? ? ? 
hydrog16 hydrog ? ? A DC 8  O2 ? ? ? 1_555 D DG 2 N2 ? ? A DC 8  D DG 11 1_555 ? ? ? ? ? ? WATSON-CRICK    ? ? ? 
hydrog17 hydrog ? ? A DC 9  N3 ? ? ? 1_555 D DG 1 N1 ? ? A DC 9  D DG 10 1_555 ? ? ? ? ? ? WATSON-CRICK    ? ? ? 
hydrog18 hydrog ? ? A DC 9  N4 ? ? ? 1_555 D DG 1 O6 ? ? A DC 9  D DG 10 1_555 ? ? ? ? ? ? WATSON-CRICK    ? ? ? 
hydrog19 hydrog ? ? A DC 9  O2 ? ? ? 1_555 D DG 1 N2 ? ? A DC 9  D DG 10 1_555 ? ? ? ? ? ? WATSON-CRICK    ? ? ? 
hydrog20 hydrog ? ? A DA 10 N1 ? ? ? 1_555 B DT 5 N3 ? ? A DA 10 B DT 5  1_555 ? ? ? ? ? ? WATSON-CRICK    ? ? ? 
hydrog21 hydrog ? ? A DA 10 N6 ? ? ? 1_555 B DT 5 O4 ? ? A DA 10 B DT 5  1_555 ? ? ? ? ? ? WATSON-CRICK    ? ? ? 
hydrog22 hydrog ? ? A DG 11 N1 ? ? ? 1_555 B DC 4 N3 ? ? A DG 11 B DC 4  1_555 ? ? ? ? ? ? WATSON-CRICK    ? ? ? 
hydrog23 hydrog ? ? A DG 11 N2 ? ? ? 1_555 B DC 4 O2 ? ? A DG 11 B DC 4  1_555 ? ? ? ? ? ? WATSON-CRICK    ? ? ? 
hydrog24 hydrog ? ? A DG 11 O6 ? ? ? 1_555 B DC 4 N4 ? ? A DG 11 B DC 4  1_555 ? ? ? ? ? ? WATSON-CRICK    ? ? ? 
hydrog25 hydrog ? ? A DA 12 N1 ? ? ? 1_555 B DT 3 N3 ? ? A DA 12 B DT 3  1_555 ? ? ? ? ? ? WATSON-CRICK    ? ? ? 
hydrog26 hydrog ? ? A DA 12 N6 ? ? ? 1_555 B DT 3 O4 ? ? A DA 12 B DT 3  1_555 ? ? ? ? ? ? WATSON-CRICK    ? ? ? 
hydrog27 hydrog ? ? A DC 13 N3 ? ? ? 1_555 B DG 2 N1 ? ? A DC 13 B DG 2  1_555 ? ? ? ? ? ? WATSON-CRICK    ? ? ? 
hydrog28 hydrog ? ? A DC 13 N4 ? ? ? 1_555 B DG 2 O6 ? ? A DC 13 B DG 2  1_555 ? ? ? ? ? ? WATSON-CRICK    ? ? ? 
hydrog29 hydrog ? ? A DC 13 O2 ? ? ? 1_555 B DG 2 N2 ? ? A DC 13 B DG 2  1_555 ? ? ? ? ? ? WATSON-CRICK    ? ? ? 
hydrog30 hydrog ? ? A DG 14 N1 ? ? ? 1_555 B DC 1 N3 ? ? A DG 14 B DC 1  1_555 ? ? ? ? ? ? WATSON-CRICK    ? ? ? 
hydrog31 hydrog ? ? A DG 14 N2 ? ? ? 1_555 B DC 1 O2 ? ? A DG 14 B DC 1  1_555 ? ? ? ? ? ? WATSON-CRICK    ? ? ? 
hydrog32 hydrog ? ? A DG 14 O6 ? ? ? 1_555 B DC 1 N4 ? ? A DG 14 B DC 1  1_555 ? ? ? ? ? ? WATSON-CRICK    ? ? ? 
hydrog33 hydrog ? ? A DT 15 N3 ? ? ? 1_555 C DA 9 N1 ? ? A DT 15 C DA 9  1_555 ? ? ? ? ? ? WATSON-CRICK    ? ? ? 
hydrog34 hydrog ? ? A DT 15 O4 ? ? ? 1_555 C DA 9 N6 ? ? A DT 15 C DA 9  1_555 ? ? ? ? ? ? WATSON-CRICK    ? ? ? 
hydrog35 hydrog ? ? A DC 16 N3 ? ? ? 1_555 C DG 8 N1 ? ? A DC 16 C DG 8  1_555 ? ? ? ? ? ? WATSON-CRICK    ? ? ? 
hydrog36 hydrog ? ? A DC 16 N4 ? ? ? 1_555 C DG 8 O6 ? ? A DC 16 C DG 8  1_555 ? ? ? ? ? ? WATSON-CRICK    ? ? ? 
hydrog37 hydrog ? ? A DC 16 O2 ? ? ? 1_555 C DG 8 N2 ? ? A DC 16 C DG 8  1_555 ? ? ? ? ? ? WATSON-CRICK    ? ? ? 
hydrog38 hydrog ? ? A DA 17 N1 ? ? ? 1_555 C DT 7 N3 ? ? A DA 17 C DT 7  1_555 ? ? ? ? ? ? WATSON-CRICK    ? ? ? 
hydrog39 hydrog ? ? A DA 17 N6 ? ? ? 1_555 C DT 7 O4 ? ? A DA 17 C DT 7  1_555 ? ? ? ? ? ? WATSON-CRICK    ? ? ? 
hydrog40 hydrog ? ? A DC 18 N3 ? ? ? 1_555 C DG 6 N1 ? ? A DC 18 C DG 6  1_555 ? ? ? ? ? ? WATSON-CRICK    ? ? ? 
hydrog41 hydrog ? ? A DC 18 N4 ? ? ? 1_555 C DG 6 O6 ? ? A DC 18 C DG 6  1_555 ? ? ? ? ? ? WATSON-CRICK    ? ? ? 
hydrog42 hydrog ? ? A DC 18 O2 ? ? ? 1_555 C DG 6 N2 ? ? A DC 18 C DG 6  1_555 ? ? ? ? ? ? WATSON-CRICK    ? ? ? 
hydrog43 hydrog ? ? A DT 19 N3 ? ? ? 1_555 C DA 5 N1 ? ? A DT 19 C DA 5  1_555 ? ? ? ? ? ? WATSON-CRICK    ? ? ? 
hydrog44 hydrog ? ? A DT 19 O4 ? ? ? 1_555 C DA 5 N6 ? ? A DT 19 C DA 5  1_555 ? ? ? ? ? ? WATSON-CRICK    ? ? ? 
hydrog45 hydrog ? ? A DC 20 N4 ? ? ? 1_555 C DT 3 O4 ? ? A DC 20 C DT 3  1_555 ? ? ? ? ? ? 'DC-DT MISPAIR' ? ? ? 
hydrog46 hydrog ? ? A DC 20 O2 ? ? ? 1_555 C DG 4 N2 ? ? A DC 20 C DG 4  1_555 ? ? ? ? ? ? 'DC-DG PAIR'    ? ? ? 
hydrog47 hydrog ? ? A DA 21 N1 ? ? ? 1_555 C DT 3 N3 ? ? A DA 21 C DT 3  1_555 ? ? ? ? ? ? WATSON-CRICK    ? ? ? 
hydrog48 hydrog ? ? A DA 21 N6 ? ? ? 1_555 C DT 3 O4 ? ? A DA 21 C DT 3  1_555 ? ? ? ? ? ? WATSON-CRICK    ? ? ? 
# 
_struct_conn_type.id          hydrog 
_struct_conn_type.criteria    ? 
_struct_conn_type.reference   ? 
# 
_atom_sites.entry_id                    6WSN 
_atom_sites.Cartn_transf_matrix[1][1]   ? 
_atom_sites.Cartn_transf_matrix[1][2]   ? 
_atom_sites.Cartn_transf_matrix[1][3]   ? 
_atom_sites.Cartn_transf_matrix[2][1]   ? 
_atom_sites.Cartn_transf_matrix[2][2]   ? 
_atom_sites.Cartn_transf_matrix[2][3]   ? 
_atom_sites.Cartn_transf_matrix[3][1]   ? 
_atom_sites.Cartn_transf_matrix[3][2]   ? 
_atom_sites.Cartn_transf_matrix[3][3]   ? 
_atom_sites.Cartn_transf_vector[1]      ? 
_atom_sites.Cartn_transf_vector[2]      ? 
_atom_sites.Cartn_transf_vector[3]      ? 
_atom_sites.fract_transf_matrix[1][1]   0.01503469 
_atom_sites.fract_transf_matrix[1][2]   0.00696047 
_atom_sites.fract_transf_matrix[1][3]   0.00343393 
_atom_sites.fract_transf_matrix[2][1]   0.00081224 
_atom_sites.fract_transf_matrix[2][2]   0.01558146 
_atom_sites.fract_transf_matrix[2][3]   0.00654560 
_atom_sites.fract_transf_matrix[3][1]   -0.00052396 
_atom_sites.fract_transf_matrix[3][2]   -0.00630591 
_atom_sites.fract_transf_matrix[3][3]   0.01507592 
_atom_sites.fract_transf_vector[1]      0.369712 
_atom_sites.fract_transf_vector[2]      -1.268904 
_atom_sites.fract_transf_vector[3]      2.155496 
_atom_sites.solution_primary            ? 
_atom_sites.solution_secondary          ? 
_atom_sites.solution_hydrogens          ? 
_atom_sites.special_details             ? 
# 
loop_
_atom_type.symbol 
AS 
C  
N  
O  
P  
# 
loop_
_atom_site.group_PDB 
_atom_site.id 
_atom_site.type_symbol 
_atom_site.label_atom_id 
_atom_site.label_alt_id 
_atom_site.label_comp_id 
_atom_site.label_asym_id 
_atom_site.label_entity_id 
_atom_site.label_seq_id 
_atom_site.pdbx_PDB_ins_code 
_atom_site.Cartn_x 
_atom_site.Cartn_y 
_atom_site.Cartn_z 
_atom_site.occupancy 
_atom_site.B_iso_or_equiv 
_atom_site.pdbx_formal_charge 
_atom_site.auth_seq_id 
_atom_site.auth_comp_id 
_atom_site.auth_asym_id 
_atom_site.auth_atom_id 
_atom_site.pdbx_PDB_model_num 
ATOM   1   O  "O5'" . DG  A 1 1  ? -33.785 -7.591  -1.016  1.00 145.46 ? 1   DG  A "O5'" 1 
ATOM   2   C  "C5'" . DG  A 1 1  ? -35.143 -7.562  -1.417  1.00 129.00 ? 1   DG  A "C5'" 1 
ATOM   3   C  "C4'" . DG  A 1 1  ? -35.502 -6.203  -1.970  1.00 130.33 ? 1   DG  A "C4'" 1 
ATOM   4   O  "O4'" . DG  A 1 1  ? -35.980 -5.368  -0.913  1.00 121.00 ? 1   DG  A "O4'" 1 
ATOM   5   C  "C3'" . DG  A 1 1  ? -34.337 -5.437  -2.550  1.00 132.65 ? 1   DG  A "C3'" 1 
ATOM   6   O  "O3'" . DG  A 1 1  ? -34.191 -5.758  -3.909  1.00 135.13 ? 1   DG  A "O3'" 1 
ATOM   7   C  "C2'" . DG  A 1 1  ? -34.747 -3.974  -2.363  1.00 125.04 ? 1   DG  A "C2'" 1 
ATOM   8   C  "C1'" . DG  A 1 1  ? -35.862 -4.032  -1.325  1.00 118.99 ? 1   DG  A "C1'" 1 
ATOM   9   N  N9    . DG  A 1 1  ? -35.651 -3.205  -0.145  1.00 116.01 ? 1   DG  A N9    1 
ATOM   10  C  C8    . DG  A 1 1  ? -35.544 -3.640  1.147   1.00 117.98 ? 1   DG  A C8    1 
ATOM   11  N  N7    . DG  A 1 1  ? -35.396 -2.678  2.008   1.00 115.13 ? 1   DG  A N7    1 
ATOM   12  C  C5    . DG  A 1 1  ? -35.415 -1.530  1.239   1.00 117.19 ? 1   DG  A C5    1 
ATOM   13  C  C6    . DG  A 1 1  ? -35.296 -0.182  1.625   1.00 120.09 ? 1   DG  A C6    1 
ATOM   14  O  O6    . DG  A 1 1  ? -35.146 0.274   2.760   1.00 115.06 ? 1   DG  A O6    1 
ATOM   15  N  N1    . DG  A 1 1  ? -35.367 0.673   0.538   1.00 119.83 ? 1   DG  A N1    1 
ATOM   16  C  C2    . DG  A 1 1  ? -35.535 0.273   -0.760  1.00 120.39 ? 1   DG  A C2    1 
ATOM   17  N  N2    . DG  A 1 1  ? -35.581 1.246   -1.678  1.00 111.54 ? 1   DG  A N2    1 
ATOM   18  N  N3    . DG  A 1 1  ? -35.642 -0.991  -1.139  1.00 116.99 ? 1   DG  A N3    1 
ATOM   19  C  C4    . DG  A 1 1  ? -35.567 -1.836  -0.089  1.00 113.60 ? 1   DG  A C4    1 
ATOM   20  P  P     . DA  A 1 2  ? -32.740 -5.720  -4.581  1.00 147.97 ? 2   DA  A P     1 
ATOM   21  O  OP1   . DA  A 1 2  ? -32.815 -6.422  -5.876  1.00 139.91 ? 2   DA  A OP1   1 
ATOM   22  O  OP2   . DA  A 1 2  ? -31.773 -6.145  -3.554  1.00 140.14 ? 2   DA  A OP2   1 
ATOM   23  O  "O5'" . DA  A 1 2  ? -32.497 -4.178  -4.859  1.00 126.41 ? 2   DA  A "O5'" 1 
ATOM   24  C  "C5'" . DA  A 1 2  ? -33.367 -3.488  -5.710  1.00 124.96 ? 2   DA  A "C5'" 1 
ATOM   25  C  "C4'" . DA  A 1 2  ? -33.128 -2.006  -5.600  1.00 125.32 ? 2   DA  A "C4'" 1 
ATOM   26  O  "O4'" . DA  A 1 2  ? -33.383 -1.577  -4.241  1.00 120.26 ? 2   DA  A "O4'" 1 
ATOM   27  C  "C3'" . DA  A 1 2  ? -31.701 -1.581  -5.920  1.00 126.41 ? 2   DA  A "C3'" 1 
ATOM   28  O  "O3'" . DA  A 1 2  ? -31.716 -0.494  -6.804  1.00 124.30 ? 2   DA  A "O3'" 1 
ATOM   29  C  "C2'" . DA  A 1 2  ? -31.128 -1.192  -4.564  1.00 126.63 ? 2   DA  A "C2'" 1 
ATOM   30  C  "C1'" . DA  A 1 2  ? -32.358 -0.720  -3.826  1.00 121.41 ? 2   DA  A "C1'" 1 
ATOM   31  N  N9    . DA  A 1 2  ? -32.226 -0.834  -2.385  1.00 118.02 ? 2   DA  A N9    1 
ATOM   32  C  C8    . DA  A 1 2  ? -32.060 -1.976  -1.669  1.00 120.54 ? 2   DA  A C8    1 
ATOM   33  N  N7    . DA  A 1 2  ? -31.964 -1.785  -0.380  1.00 118.90 ? 2   DA  A N7    1 
ATOM   34  C  C5    . DA  A 1 2  ? -32.059 -0.419  -0.243  1.00 115.58 ? 2   DA  A C5    1 
ATOM   35  C  C6    . DA  A 1 2  ? -32.029 0.421   0.876   1.00 114.07 ? 2   DA  A C6    1 
ATOM   36  N  N6    . DA  A 1 2  ? -31.877 -0.024  2.122   1.00 113.34 ? 2   DA  A N6    1 
ATOM   37  N  N1    . DA  A 1 2  ? -32.150 1.743   0.667   1.00 114.75 ? 2   DA  A N1    1 
ATOM   38  C  C2    . DA  A 1 2  ? -32.302 2.186   -0.580  1.00 120.83 ? 2   DA  A C2    1 
ATOM   39  N  N3    . DA  A 1 2  ? -32.343 1.492   -1.712  1.00 119.28 ? 2   DA  A N3    1 
ATOM   40  C  C4    . DA  A 1 2  ? -32.224 0.183   -1.470  1.00 113.37 ? 2   DA  A C4    1 
ATOM   41  P  P     . DG  A 1 3  ? -30.346 0.047   -7.432  1.00 144.15 ? 3   DG  A P     1 
ATOM   42  O  OP1   . DG  A 1 3  ? -30.656 0.528   -8.790  1.00 137.06 ? 3   DG  A OP1   1 
ATOM   43  O  OP2   . DG  A 1 3  ? -29.289 -0.964  -7.235  1.00 139.77 ? 3   DG  A OP2   1 
ATOM   44  O  "O5'" . DG  A 1 3  ? -30.009 1.311   -6.536  1.00 121.22 ? 3   DG  A "O5'" 1 
ATOM   45  C  "C5'" . DG  A 1 3  ? -30.942 2.356   -6.454  1.00 118.06 ? 3   DG  A "C5'" 1 
ATOM   46  C  "C4'" . DG  A 1 3  ? -30.461 3.442   -5.518  1.00 119.78 ? 3   DG  A "C4'" 1 
ATOM   47  O  "O4'" . DG  A 1 3  ? -30.554 2.985   -4.151  1.00 120.11 ? 3   DG  A "O4'" 1 
ATOM   48  C  "C3'" . DG  A 1 3  ? -29.018 3.888   -5.723  1.00 126.89 ? 3   DG  A "C3'" 1 
ATOM   49  O  "O3'" . DG  A 1 3  ? -28.962 5.283   -5.635  1.00 125.96 ? 3   DG  A "O3'" 1 
ATOM   50  C  "C2'" . DG  A 1 3  ? -28.282 3.231   -4.556  1.00 129.43 ? 3   DG  A "C2'" 1 
ATOM   51  C  "C1'" . DG  A 1 3  ? -29.348 3.257   -3.483  1.00 122.48 ? 3   DG  A "C1'" 1 
ATOM   52  N  N9    . DG  A 1 3  ? -29.181 2.247   -2.448  1.00 121.82 ? 3   DG  A N9    1 
ATOM   53  C  C8    . DG  A 1 3  ? -29.175 0.892   -2.613  1.00 120.64 ? 3   DG  A C8    1 
ATOM   54  N  N7    . DG  A 1 3  ? -29.032 0.235   -1.503  1.00 108.75 ? 3   DG  A N7    1 
ATOM   55  C  C5    . DG  A 1 3  ? -28.945 1.218   -0.540  1.00 113.48 ? 3   DG  A C5    1 
ATOM   56  C  C6    . DG  A 1 3  ? -28.781 1.108   0.853   1.00 117.67 ? 3   DG  A C6    1 
ATOM   57  O  O6    . DG  A 1 3  ? -28.678 0.079   1.532   1.00 116.11 ? 3   DG  A O6    1 
ATOM   58  N  N1    . DG  A 1 3  ? -28.734 2.353   1.463   1.00 115.47 ? 3   DG  A N1    1 
ATOM   59  C  C2    . DG  A 1 3  ? -28.835 3.550   0.805   1.00 114.79 ? 3   DG  A C2    1 
ATOM   60  N  N2    . DG  A 1 3  ? -28.768 4.650   1.560   1.00 123.47 ? 3   DG  A N2    1 
ATOM   61  N  N3    . DG  A 1 3  ? -28.991 3.664   -0.500  1.00 111.26 ? 3   DG  A N3    1 
ATOM   62  C  C4    . DG  A 1 3  ? -29.034 2.463   -1.105  1.00 116.54 ? 3   DG  A C4    1 
ATOM   63  P  P     . DC  A 1 4  ? -27.755 6.085   -6.305  1.00 139.91 ? 4   DC  A P     1 
ATOM   64  O  OP1   . DC  A 1 4  ? -28.342 7.039   -7.263  1.00 125.35 ? 4   DC  A OP1   1 
ATOM   65  O  OP2   . DC  A 1 4  ? -26.752 5.104   -6.757  1.00 142.16 ? 4   DC  A OP2   1 
ATOM   66  O  "O5'" . DC  A 1 4  ? -27.147 6.901   -5.087  1.00 125.09 ? 4   DC  A "O5'" 1 
ATOM   67  C  "C5'" . DC  A 1 4  ? -27.780 6.837   -3.829  1.00 119.22 ? 4   DC  A "C5'" 1 
ATOM   68  C  "C4'" . DC  A 1 4  ? -26.933 7.501   -2.775  1.00 125.00 ? 4   DC  A "C4'" 1 
ATOM   69  O  "O4'" . DC  A 1 4  ? -26.864 6.647   -1.603  1.00 127.03 ? 4   DC  A "O4'" 1 
ATOM   70  C  "C3'" . DC  A 1 4  ? -25.497 7.729   -3.183  1.00 119.96 ? 4   DC  A "C3'" 1 
ATOM   71  O  "O3'" . DC  A 1 4  ? -24.984 8.794   -2.463  1.00 121.78 ? 4   DC  A "O3'" 1 
ATOM   72  C  "C2'" . DC  A 1 4  ? -24.845 6.424   -2.766  1.00 120.81 ? 4   DC  A "C2'" 1 
ATOM   73  C  "C1'" . DC  A 1 4  ? -25.544 6.168   -1.438  1.00 122.56 ? 4   DC  A "C1'" 1 
ATOM   74  N  N1    . DC  A 1 4  ? -25.610 4.725   -1.067  1.00 123.49 ? 4   DC  A N1    1 
ATOM   75  C  C2    . DC  A 1 4  ? -25.584 4.349   0.280   1.00 119.69 ? 4   DC  A C2    1 
ATOM   76  O  O2    . DC  A 1 4  ? -25.507 5.221   1.148   1.00 120.27 ? 4   DC  A O2    1 
ATOM   77  N  N3    . DC  A 1 4  ? -25.647 3.032   0.592   1.00 112.62 ? 4   DC  A N3    1 
ATOM   78  C  C4    . DC  A 1 4  ? -25.728 2.123   -0.377  1.00 113.67 ? 4   DC  A C4    1 
ATOM   79  N  N4    . DC  A 1 4  ? -25.781 0.835   -0.027  1.00 114.83 ? 4   DC  A N4    1 
ATOM   80  C  C5    . DC  A 1 4  ? -25.747 2.488   -1.750  1.00 113.12 ? 4   DC  A C5    1 
ATOM   81  C  C6    . DC  A 1 4  ? -25.694 3.786   -2.045  1.00 121.03 ? 4   DC  A C6    1 
ATOM   82  P  P     . DA  A 1 5  ? -23.918 9.759   -3.153  1.00 140.73 ? 5   DA  A P     1 
ATOM   83  O  OP1   . DA  A 1 5  ? -24.654 10.929  -3.664  1.00 141.08 ? 5   DA  A OP1   1 
ATOM   84  O  OP2   . DA  A 1 5  ? -23.115 8.930   -4.072  1.00 138.31 ? 5   DA  A OP2   1 
ATOM   85  O  "O5'" . DA  A 1 5  ? -23.000 10.218  -1.943  1.00 130.69 ? 5   DA  A "O5'" 1 
ATOM   86  C  "C5'" . DA  A 1 5  ? -23.585 10.855  -0.842  1.00 116.16 ? 5   DA  A "C5'" 1 
ATOM   87  C  "C4'" . DA  A 1 5  ? -22.743 10.676  0.405   1.00 119.74 ? 5   DA  A "C4'" 1 
ATOM   88  O  "O4'" . DA  A 1 5  ? -22.887 9.333   0.908   1.00 124.59 ? 5   DA  A "O4'" 1 
ATOM   89  C  "C3'" . DA  A 1 5  ? -21.254 10.916  0.233   1.00 126.56 ? 5   DA  A "C3'" 1 
ATOM   90  O  "O3'" . DA  A 1 5  ? -20.777 11.629  1.339   1.00 126.42 ? 5   DA  A "O3'" 1 
ATOM   91  C  "C2'" . DA  A 1 5  ? -20.664 9.510   0.172   1.00 121.98 ? 5   DA  A "C2'" 1 
ATOM   92  C  "C1'" . DA  A 1 5  ? -21.633 8.700   1.009   1.00 124.92 ? 5   DA  A "C1'" 1 
ATOM   93  N  N9    . DA  A 1 5  ? -21.803 7.346   0.517   1.00 116.82 ? 5   DA  A N9    1 
ATOM   94  C  C8    . DA  A 1 5  ? -21.971 6.973   -0.778  1.00 121.45 ? 5   DA  A C8    1 
ATOM   95  N  N7    . DA  A 1 5  ? -22.130 5.686   -0.939  1.00 115.96 ? 5   DA  A N7    1 
ATOM   96  C  C5    . DA  A 1 5  ? -22.074 5.183   0.341   1.00 105.79 ? 5   DA  A C5    1 
ATOM   97  C  C6    . DA  A 1 5  ? -22.191 3.879   0.846   1.00 107.44 ? 5   DA  A C6    1 
ATOM   98  N  N6    . DA  A 1 5  ? -22.369 2.811   0.074   1.00 107.78 ? 5   DA  A N6    1 
ATOM   99  N  N1    . DA  A 1 5  ? -22.080 3.710   2.179   1.00 107.51 ? 5   DA  A N1    1 
ATOM   100 C  C2    . DA  A 1 5  ? -21.891 4.788   2.947   1.00 113.10 ? 5   DA  A C2    1 
ATOM   101 N  N3    . DA  A 1 5  ? -21.775 6.065   2.581   1.00 110.79 ? 5   DA  A N3    1 
ATOM   102 C  C4    . DA  A 1 5  ? -21.878 6.193   1.255   1.00 105.82 ? 5   DA  A C4    1 
ATOM   103 P  P     . DG  A 1 6  ? -19.248 12.099  1.409   1.00 148.68 ? 6   DG  A P     1 
ATOM   104 O  OP1   . DG  A 1 6  ? -19.244 13.390  2.127   1.00 145.27 ? 6   DG  A OP1   1 
ATOM   105 O  OP2   . DG  A 1 6  ? -18.629 12.010  0.070   1.00 141.98 ? 6   DG  A OP2   1 
ATOM   106 O  "O5'" . DG  A 1 6  ? -18.592 11.021  2.371   1.00 132.82 ? 6   DG  A "O5'" 1 
ATOM   107 C  "C5'" . DG  A 1 6  ? -19.072 10.915  3.683   1.00 124.73 ? 6   DG  A "C5'" 1 
ATOM   108 C  "C4'" . DG  A 1 6  ? -18.658 9.607   4.304   1.00 127.26 ? 6   DG  A "C4'" 1 
ATOM   109 O  "O4'" . DG  A 1 6  ? -19.155 8.516   3.511   1.00 118.11 ? 6   DG  A "O4'" 1 
ATOM   110 C  "C3'" . DG  A 1 6  ? -17.151 9.398   4.407   1.00 122.99 ? 6   DG  A "C3'" 1 
ATOM   111 O  "O3'" . DG  A 1 6  ? -16.789 9.301   5.760   1.00 124.20 ? 6   DG  A "O3'" 1 
ATOM   112 C  "C2'" . DG  A 1 6  ? -16.901 8.085   3.653   1.00 120.75 ? 6   DG  A "C2'" 1 
ATOM   113 C  "C1'" . DG  A 1 6  ? -18.268 7.448   3.643   1.00 114.61 ? 6   DG  A "C1'" 1 
ATOM   114 N  N9    . DG  A 1 6  ? -18.474 6.555   2.524   1.00 108.55 ? 6   DG  A N9    1 
ATOM   115 C  C8    . DG  A 1 6  ? -18.567 6.902   1.211   1.00 111.65 ? 6   DG  A C8    1 
ATOM   116 N  N7    . DG  A 1 6  ? -18.767 5.892   0.425   1.00 106.12 ? 6   DG  A N7    1 
ATOM   117 C  C5    . DG  A 1 6  ? -18.803 4.806   1.276   1.00 103.01 ? 6   DG  A C5    1 
ATOM   118 C  C6    . DG  A 1 6  ? -18.983 3.443   0.991   1.00 104.38 ? 6   DG  A C6    1 
ATOM   119 O  O6    . DG  A 1 6  ? -19.156 2.913   -0.107  1.00 101.07 ? 6   DG  A O6    1 
ATOM   120 N  N1    . DG  A 1 6  ? -18.955 2.671   2.139   1.00 98.63  ? 6   DG  A N1    1 
ATOM   121 C  C2    . DG  A 1 6  ? -18.787 3.157   3.404   1.00 108.01 ? 6   DG  A C2    1 
ATOM   122 N  N2    . DG  A 1 6  ? -18.776 2.254   4.389   1.00 109.69 ? 6   DG  A N2    1 
ATOM   123 N  N3    . DG  A 1 6  ? -18.597 4.436   3.684   1.00 108.63 ? 6   DG  A N3    1 
ATOM   124 C  C4    . DG  A 1 6  ? -18.618 5.198   2.571   1.00 103.14 ? 6   DG  A C4    1 
ATOM   125 P  P     . DA  A 1 7  ? -15.255 9.121   6.183   1.00 141.74 ? 7   DA  A P     1 
ATOM   126 O  OP1   . DA  A 1 7  ? -15.112 9.746   7.511   1.00 139.22 ? 7   DA  A OP1   1 
ATOM   127 O  OP2   . DA  A 1 7  ? -14.384 9.557   5.076   1.00 138.38 ? 7   DA  A OP2   1 
ATOM   128 O  "O5'" . DA  A 1 7  ? -15.104 7.549   6.354   1.00 132.89 ? 7   DA  A "O5'" 1 
ATOM   129 C  "C5'" . DA  A 1 7  ? -16.101 6.832   7.050   1.00 129.28 ? 7   DA  A "C5'" 1 
ATOM   130 C  "C4'" . DA  A 1 7  ? -15.766 5.360   7.089   1.00 131.12 ? 7   DA  A "C4'" 1 
ATOM   131 O  "O4'" . DA  A 1 7  ? -16.253 4.725   5.887   1.00 118.28 ? 7   DA  A "O4'" 1 
ATOM   132 C  "C3'" . DA  A 1 7  ? -14.274 5.063   7.171   1.00 131.78 ? 7   DA  A "C3'" 1 
ATOM   133 O  "O3'" . DA  A 1 7  ? -14.015 4.165   8.224   1.00 128.99 ? 7   DA  A "O3'" 1 
ATOM   134 C  "C2'" . DA  A 1 7  ? -13.938 4.458   5.812   1.00 120.91 ? 7   DA  A "C2'" 1 
ATOM   135 C  "C1'" . DA  A 1 7  ? -15.265 3.885   5.358   1.00 117.82 ? 7   DA  A "C1'" 1 
ATOM   136 N  N9    . DA  A 1 7  ? -15.408 3.894   3.916   1.00 110.81 ? 7   DA  A N9    1 
ATOM   137 C  C8    . DA  A 1 7  ? -15.355 4.981   3.103   1.00 110.00 ? 7   DA  A C8    1 
ATOM   138 N  N7    . DA  A 1 7  ? -15.516 4.702   1.840   1.00 103.66 ? 7   DA  A N7    1 
ATOM   139 C  C5    . DA  A 1 7  ? -15.683 3.338   1.824   1.00 98.97  ? 7   DA  A C5    1 
ATOM   140 C  C6    . DA  A 1 7  ? -15.885 2.429   0.783   1.00 101.50 ? 7   DA  A C6    1 
ATOM   141 N  N6    . DA  A 1 7  ? -15.978 2.795   -0.490  1.00 93.00  ? 7   DA  A N6    1 
ATOM   142 N  N1    . DA  A 1 7  ? -16.012 1.130   1.099   1.00 103.79 ? 7   DA  A N1    1 
ATOM   143 C  C2    . DA  A 1 7  ? -15.936 0.769   2.381   1.00 106.66 ? 7   DA  A C2    1 
ATOM   144 N  N3    . DA  A 1 7  ? -15.731 1.535   3.447   1.00 109.01 ? 7   DA  A N3    1 
ATOM   145 C  C4    . DA  A 1 7  ? -15.609 2.820   3.093   1.00 104.01 ? 7   DA  A C4    1 
ATOM   146 P  P     . DC  A 1 8  ? -12.502 3.829   8.632   1.00 150.39 ? 8   DC  A P     1 
ATOM   147 O  OP1   . DC  A 1 8  ? -12.486 3.530   10.075  1.00 135.30 ? 8   DC  A OP1   1 
ATOM   148 O  OP2   . DC  A 1 8  ? -11.626 4.892   8.101   1.00 136.22 ? 8   DC  A OP2   1 
ATOM   149 O  "O5'" . DC  A 1 8  ? -12.204 2.486   7.834   1.00 140.39 ? 8   DC  A "O5'" 1 
ATOM   150 C  "C5'" . DC  A 1 8  ? -13.173 1.463   7.832   1.00 122.78 ? 8   DC  A "C5'" 1 
ATOM   151 C  "C4'" . DC  A 1 8  ? -12.870 0.443   6.760   1.00 124.26 ? 8   DC  A "C4'" 1 
ATOM   152 O  "O4'" . DC  A 1 8  ? -13.234 0.962   5.466   1.00 123.24 ? 8   DC  A "O4'" 1 
ATOM   153 C  "C3'" . DC  A 1 8  ? -11.399 0.047   6.650   1.00 129.51 ? 8   DC  A "C3'" 1 
ATOM   154 O  "O3'" . DC  A 1 8  ? -11.253 -1.301  7.027   1.00 132.63 ? 8   DC  A "O3'" 1 
ATOM   155 C  "C2'" . DC  A 1 8  ? -11.060 0.263   5.167   1.00 122.82 ? 8   DC  A "C2'" 1 
ATOM   156 C  "C1'" . DC  A 1 8  ? -12.429 0.327   4.519   1.00 115.50 ? 8   DC  A "C1'" 1 
ATOM   157 N  N1    . DC  A 1 8  ? -12.451 1.119   3.277   1.00 104.79 ? 8   DC  A N1    1 
ATOM   158 C  C2    . DC  A 1 8  ? -12.628 0.484   2.049   1.00 108.44 ? 8   DC  A C2    1 
ATOM   159 O  O2    . DC  A 1 8  ? -12.746 -0.741  2.017   1.00 107.94 ? 8   DC  A O2    1 
ATOM   160 N  N3    . DC  A 1 8  ? -12.631 1.230   0.926   1.00 107.80 ? 8   DC  A N3    1 
ATOM   161 C  C4    . DC  A 1 8  ? -12.489 2.544   1.003   1.00 104.29 ? 8   DC  A C4    1 
ATOM   162 N  N4    . DC  A 1 8  ? -12.512 3.244   -0.131  1.00 102.17 ? 8   DC  A N4    1 
ATOM   163 C  C5    . DC  A 1 8  ? -12.315 3.207   2.244   1.00 102.64 ? 8   DC  A C5    1 
ATOM   164 C  C6    . DC  A 1 8  ? -12.296 2.460   3.344   1.00 105.40 ? 8   DC  A C6    1 
ATOM   165 P  P     . DC  A 1 9  ? -9.806  -1.987  7.065   1.00 147.20 ? 9   DC  A P     1 
ATOM   166 O  OP1   . DC  A 1 9  ? -9.863  -3.013  8.121   1.00 137.32 ? 9   DC  A OP1   1 
ATOM   167 O  OP2   . DC  A 1 9  ? -8.764  -0.941  7.123   1.00 142.22 ? 9   DC  A OP2   1 
ATOM   168 O  "O5'" . DC  A 1 9  ? -9.713  -2.723  5.657   1.00 123.80 ? 9   DC  A "O5'" 1 
ATOM   169 C  "C5'" . DC  A 1 9  ? -10.833 -3.425  5.172   1.00 119.27 ? 9   DC  A "C5'" 1 
ATOM   170 C  "C4'" . DC  A 1 9  ? -10.572 -3.984  3.792   1.00 115.97 ? 9   DC  A "C4'" 1 
ATOM   171 O  "O4'" . DC  A 1 9  ? -10.811 -2.974  2.782   1.00 119.80 ? 9   DC  A "O4'" 1 
ATOM   172 C  "C3'" . DC  A 1 9  ? -9.157  -4.492  3.553   1.00 118.11 ? 9   DC  A "C3'" 1 
ATOM   173 O  "O3'" . DC  A 1 9  ? -9.234  -5.699  2.871   1.00 123.85 ? 9   DC  A "O3'" 1 
ATOM   174 C  "C2'" . DC  A 1 9  ? -8.548  -3.404  2.672   1.00 121.81 ? 9   DC  A "C2'" 1 
ATOM   175 C  "C1'" . DC  A 1 9  ? -9.752  -2.992  1.858   1.00 119.30 ? 9   DC  A "C1'" 1 
ATOM   176 N  N1    . DC  A 1 9  ? -9.643  -1.643  1.266   1.00 112.22 ? 9   DC  A N1    1 
ATOM   177 C  C2    . DC  A 1 9  ? -9.760  -1.472  -0.114  1.00 106.58 ? 9   DC  A C2    1 
ATOM   178 O  O2    . DC  A 1 9  ? -9.924  -2.457  -0.835  1.00 107.16 ? 9   DC  A O2    1 
ATOM   179 N  N3    . DC  A 1 9  ? -9.666  -0.228  -0.624  1.00 98.19  ? 9   DC  A N3    1 
ATOM   180 C  C4    . DC  A 1 9  ? -9.486  0.808   0.181   1.00 100.16 ? 9   DC  A C4    1 
ATOM   181 N  N4    . DC  A 1 9  ? -9.407  2.016   -0.369  1.00 106.64 ? 9   DC  A N4    1 
ATOM   182 C  C5    . DC  A 1 9  ? -9.362  0.657   1.584   1.00 95.70  ? 9   DC  A C5    1 
ATOM   183 C  C6    . DC  A 1 9  ? -9.452  -0.575  2.079   1.00 107.86 ? 9   DC  A C6    1 
ATOM   184 P  P     . DA  A 1 10 ? -8.087  -6.799  3.033   1.00 137.53 ? 10  DA  A P     1 
ATOM   185 O  OP1   . DA  A 1 10 ? -8.558  -7.770  4.038   1.00 127.21 ? 10  DA  A OP1   1 
ATOM   186 O  OP2   . DA  A 1 10 ? -6.794  -6.111  3.209   1.00 138.24 ? 10  DA  A OP2   1 
ATOM   187 O  "O5'" . DA  A 1 10 ? -8.078  -7.495  1.610   1.00 121.80 ? 10  DA  A "O5'" 1 
ATOM   188 C  "C5'" . DA  A 1 10 ? -8.885  -6.957  0.587   1.00 124.00 ? 10  DA  A "C5'" 1 
ATOM   189 C  "C4'" . DA  A 1 10 ? -8.175  -7.033  -0.740  1.00 123.40 ? 10  DA  A "C4'" 1 
ATOM   190 O  "O4'" . DA  A 1 10 ? -8.169  -5.723  -1.366  1.00 124.08 ? 10  DA  A "O4'" 1 
ATOM   191 C  "C3'" . DA  A 1 10 ? -6.722  -7.450  -0.641  1.00 123.87 ? 10  DA  A "C3'" 1 
ATOM   192 O  "O3'" . DA  A 1 10 ? -6.390  -8.237  -1.742  1.00 127.88 ? 10  DA  A "O3'" 1 
ATOM   193 C  "C2'" . DA  A 1 10 ? -5.994  -6.118  -0.669  1.00 121.57 ? 10  DA  A "C2'" 1 
ATOM   194 C  "C1'" . DA  A 1 10 ? -6.846  -5.346  -1.654  1.00 115.60 ? 10  DA  A "C1'" 1 
ATOM   195 N  N9    . DA  A 1 10 ? -6.741  -3.902  -1.508  1.00 107.91 ? 10  DA  A N9    1 
ATOM   196 C  C8    . DA  A 1 10 ? -6.785  -3.193  -0.351  1.00 110.94 ? 10  DA  A C8    1 
ATOM   197 N  N7    . DA  A 1 10 ? -6.663  -1.904  -0.516  1.00 101.92 ? 10  DA  A N7    1 
ATOM   198 C  C5    . DA  A 1 10 ? -6.539  -1.757  -1.875  1.00 100.83 ? 10  DA  A C5    1 
ATOM   199 C  C6    . DA  A 1 10 ? -6.386  -0.634  -2.689  1.00 95.24  ? 10  DA  A C6    1 
ATOM   200 N  N6    . DA  A 1 10 ? -6.330  0.607   -2.217  1.00 98.41  ? 10  DA  A N6    1 
ATOM   201 N  N1    . DA  A 1 10 ? -6.291  -0.829  -4.012  1.00 93.11  ? 10  DA  A N1    1 
ATOM   202 C  C2    . DA  A 1 10 ? -6.350  -2.075  -4.484  1.00 100.17 ? 10  DA  A C2    1 
ATOM   203 N  N3    . DA  A 1 10 ? -6.493  -3.211  -3.815  1.00 105.65 ? 10  DA  A N3    1 
ATOM   204 C  C4    . DA  A 1 10 ? -6.583  -2.979  -2.504  1.00 102.65 ? 10  DA  A C4    1 
ATOM   205 P  P     . DG  A 1 11 ? -5.415  -9.488  -1.550  1.00 147.32 ? 11  DG  A P     1 
ATOM   206 O  OP1   . DG  A 1 11 ? -6.221  -10.711 -1.706  1.00 133.75 ? 11  DG  A OP1   1 
ATOM   207 O  OP2   . DG  A 1 11 ? -4.648  -9.260  -0.313  1.00 136.66 ? 11  DG  A OP2   1 
ATOM   208 O  "O5'" . DG  A 1 11 ? -4.426  -9.369  -2.784  1.00 125.28 ? 11  DG  A "O5'" 1 
ATOM   209 C  "C5'" . DG  A 1 11 ? -4.958  -9.365  -4.078  1.00 120.88 ? 11  DG  A "C5'" 1 
ATOM   210 C  "C4'" . DG  A 1 11 ? -4.147  -8.474  -4.985  1.00 126.99 ? 11  DG  A "C4'" 1 
ATOM   211 O  "O4'" . DG  A 1 11 ? -4.359  -7.084  -4.635  1.00 132.42 ? 11  DG  A "O4'" 1 
ATOM   212 C  "C3'" . DG  A 1 11 ? -2.638  -8.696  -4.923  1.00 124.87 ? 11  DG  A "C3'" 1 
ATOM   213 O  "O3'" . DG  A 1 11 ? -2.141  -8.784  -6.224  1.00 125.44 ? 11  DG  A "O3'" 1 
ATOM   214 C  "C2'" . DG  A 1 11 ? -2.140  -7.434  -4.230  1.00 122.34 ? 11  DG  A "C2'" 1 
ATOM   215 C  "C1'" . DG  A 1 11 ? -3.134  -6.425  -4.742  1.00 115.10 ? 11  DG  A "C1'" 1 
ATOM   216 N  N9    . DG  A 1 11 ? -3.181  -5.209  -3.954  1.00 110.91 ? 11  DG  A N9    1 
ATOM   217 C  C8    . DG  A 1 11 ? -3.311  -5.111  -2.600  1.00 112.37 ? 11  DG  A C8    1 
ATOM   218 N  N7    . DG  A 1 11 ? -3.316  -3.887  -2.166  1.00 107.08 ? 11  DG  A N7    1 
ATOM   219 C  C5    . DG  A 1 11 ? -3.172  -3.130  -3.307  1.00 104.50 ? 11  DG  A C5    1 
ATOM   220 C  C6    . DG  A 1 11 ? -3.111  -1.742  -3.457  1.00 100.53 ? 11  DG  A C6    1 
ATOM   221 O  O6    . DG  A 1 11 ? -3.173  -0.881  -2.581  1.00 102.58 ? 11  DG  A O6    1 
ATOM   222 N  N1    . DG  A 1 11 ? -2.960  -1.377  -4.782  1.00 94.37  ? 11  DG  A N1    1 
ATOM   223 C  C2    . DG  A 1 11 ? -2.885  -2.251  -5.830  1.00 104.92 ? 11  DG  A C2    1 
ATOM   224 N  N2    . DG  A 1 11 ? -2.740  -1.716  -7.045  1.00 111.92 ? 11  DG  A N2    1 
ATOM   225 N  N3    . DG  A 1 11 ? -2.941  -3.561  -5.700  1.00 107.52 ? 11  DG  A N3    1 
ATOM   226 C  C4    . DG  A 1 11 ? -3.087  -3.926  -4.415  1.00 106.82 ? 11  DG  A C4    1 
ATOM   227 P  P     . DA  A 1 12 ? -0.711  -9.442  -6.513  1.00 147.09 ? 12  DA  A P     1 
ATOM   228 O  OP1   . DA  A 1 12 ? -0.956  -10.616 -7.372  1.00 136.85 ? 12  DA  A OP1   1 
ATOM   229 O  OP2   . DA  A 1 12 ? 0.041   -9.603  -5.254  1.00 127.65 ? 12  DA  A OP2   1 
ATOM   230 O  "O5'" . DA  A 1 12 ? 0.011   -8.337  -7.395  1.00 126.73 ? 12  DA  A "O5'" 1 
ATOM   231 C  "C5'" . DA  A 1 12 ? -0.609  -7.897  -8.584  1.00 126.77 ? 12  DA  A "C5'" 1 
ATOM   232 C  "C4'" . DA  A 1 12 ? 0.048   -6.641  -9.109  1.00 128.61 ? 12  DA  A "C4'" 1 
ATOM   233 O  "O4'" . DA  A 1 12 ? -0.342  -5.518  -8.289  1.00 124.73 ? 12  DA  A "O4'" 1 
ATOM   234 C  "C3'" . DA  A 1 12 ? 1.569   -6.675  -9.114  1.00 125.51 ? 12  DA  A "C3'" 1 
ATOM   235 O  "O3'" . DA  A 1 12 ? 2.071   -6.154  -10.320 1.00 127.48 ? 12  DA  A "O3'" 1 
ATOM   236 C  "C2'" . DA  A 1 12 ? 1.955   -5.806  -7.933  1.00 119.68 ? 12  DA  A "C2'" 1 
ATOM   237 C  "C1'" . DA  A 1 12 ? 0.793   -4.838  -7.823  1.00 116.39 ? 12  DA  A "C1'" 1 
ATOM   238 N  N9    . DA  A 1 12 ? 0.540   -4.453  -6.450  1.00 111.76 ? 12  DA  A N9    1 
ATOM   239 C  C8    . DA  A 1 12 ? 0.297   -5.287  -5.412  1.00 113.53 ? 12  DA  A C8    1 
ATOM   240 N  N7    . DA  A 1 12 ? 0.112   -4.676  -4.276  1.00 109.23 ? 12  DA  A N7    1 
ATOM   241 C  C5    . DA  A 1 12 ? 0.257   -3.346  -4.594  1.00 104.82 ? 12  DA  A C5    1 
ATOM   242 C  C6    . DA  A 1 12 ? 0.186   -2.183  -3.825  1.00 100.01 ? 12  DA  A C6    1 
ATOM   243 N  N6    . DA  A 1 12 ? -0.067  -2.193  -2.523  1.00 100.03 ? 12  DA  A N6    1 
ATOM   244 N  N1    . DA  A 1 12 ? 0.380   -1.005  -4.444  1.00 97.76  ? 12  DA  A N1    1 
ATOM   245 C  C2    . DA  A 1 12 ? 0.625   -1.002  -5.750  1.00 106.63 ? 12  DA  A C2    1 
ATOM   246 N  N3    . DA  A 1 12 ? 0.726   -2.036  -6.578  1.00 114.85 ? 12  DA  A N3    1 
ATOM   247 C  C4    . DA  A 1 12 ? 0.516   -3.187  -5.931  1.00 110.20 ? 12  DA  A C4    1 
ATOM   248 P  P     . DC  A 1 13 ? 3.637   -6.274  -10.641 1.00 146.44 ? 13  DC  A P     1 
ATOM   249 O  OP1   . DC  A 1 13 ? 3.778   -6.304  -12.109 1.00 139.95 ? 13  DC  A OP1   1 
ATOM   250 O  OP2   . DC  A 1 13 ? 4.196   -7.366  -9.822  1.00 130.34 ? 13  DC  A OP2   1 
ATOM   251 O  "O5'" . DC  A 1 13 ? 4.235   -4.895  -10.117 1.00 123.94 ? 13  DC  A "O5'" 1 
ATOM   252 C  "C5'" . DC  A 1 13 ? 3.877   -3.710  -10.774 1.00 118.44 ? 13  DC  A "C5'" 1 
ATOM   253 C  "C4'" . DC  A 1 13 ? 4.172   -2.499  -9.921  1.00 119.05 ? 13  DC  A "C4'" 1 
ATOM   254 O  "O4'" . DC  A 1 13 ? 3.600   -2.664  -8.617  1.00 120.04 ? 13  DC  A "O4'" 1 
ATOM   255 C  "C3'" . DC  A 1 13 ? 5.654   -2.204  -9.685  1.00 115.59 ? 13  DC  A "C3'" 1 
ATOM   256 O  "O3'" . DC  A 1 13 ? 6.005   -1.025  -10.369 1.00 115.44 ? 13  DC  A "O3'" 1 
ATOM   257 C  "C2'" . DC  A 1 13 ? 5.759   -2.021  -8.165  1.00 111.14 ? 13  DC  A "C2'" 1 
ATOM   258 C  "C1'" . DC  A 1 13 ? 4.313   -1.832  -7.761  1.00 114.34 ? 13  DC  A "C1'" 1 
ATOM   259 N  N1    . DC  A 1 13 ? 4.034   -2.231  -6.384  1.00 108.45 ? 13  DC  A N1    1 
ATOM   260 C  C2    . DC  A 1 13 ? 3.956   -1.265  -5.395  1.00 105.47 ? 13  DC  A C2    1 
ATOM   261 O  O2    . DC  A 1 13 ? 4.115   -0.085  -5.701  1.00 106.81 ? 13  DC  A O2    1 
ATOM   262 N  N3    . DC  A 1 13 ? 3.697   -1.647  -4.134  1.00 98.66  ? 13  DC  A N3    1 
ATOM   263 C  C4    . DC  A 1 13 ? 3.525   -2.928  -3.854  1.00 104.21 ? 13  DC  A C4    1 
ATOM   264 N  N4    . DC  A 1 13 ? 3.273   -3.263  -2.595  1.00 104.72 ? 13  DC  A N4    1 
ATOM   265 C  C5    . DC  A 1 13 ? 3.612   -3.929  -4.849  1.00 110.25 ? 13  DC  A C5    1 
ATOM   266 C  C6    . DC  A 1 13 ? 3.871   -3.534  -6.089  1.00 109.00 ? 13  DC  A C6    1 
ATOM   267 P  P     . DG  A 1 14 ? 7.509   -0.471  -10.332 1.00 132.98 ? 14  DG  A P     1 
ATOM   268 O  OP1   . DG  A 1 14 ? 7.723   0.248   -11.600 1.00 132.45 ? 14  DG  A OP1   1 
ATOM   269 O  OP2   . DG  A 1 14 ? 8.434   -1.546  -9.927  1.00 129.61 ? 14  DG  A OP2   1 
ATOM   270 O  "O5'" . DG  A 1 14 ? 7.468   0.617   -9.180  1.00 122.60 ? 14  DG  A "O5'" 1 
ATOM   271 C  "C5'" . DG  A 1 14 ? 6.587   1.701   -9.297  1.00 113.76 ? 14  DG  A "C5'" 1 
ATOM   272 C  "C4'" . DG  A 1 14 ? 6.818   2.715   -8.195  1.00 117.81 ? 14  DG  A "C4'" 1 
ATOM   273 O  "O4'" . DG  A 1 14 ? 6.330   2.193   -6.939  1.00 116.32 ? 14  DG  A "O4'" 1 
ATOM   274 C  "C3'" . DG  A 1 14 ? 8.266   3.119   -7.960  1.00 110.13 ? 14  DG  A "C3'" 1 
ATOM   275 O  "O3'" . DG  A 1 14 ? 8.318   4.496   -7.737  1.00 119.43 ? 14  DG  A "O3'" 1 
ATOM   276 C  "C2'" . DG  A 1 14 ? 8.651   2.339   -6.707  1.00 104.80 ? 14  DG  A "C2'" 1 
ATOM   277 C  "C1'" . DG  A 1 14 ? 7.334   2.274   -5.956  1.00 108.94 ? 14  DG  A "C1'" 1 
ATOM   278 N  N9    . DG  A 1 14 ? 7.197   1.102   -5.102  1.00 96.60  ? 14  DG  A N9    1 
ATOM   279 C  C8    . DG  A 1 14 ? 7.163   -0.204  -5.506  1.00 99.89  ? 14  DG  A C8    1 
ATOM   280 N  N7    . DG  A 1 14 ? 7.012   -1.043  -4.528  1.00 95.78  ? 14  DG  A N7    1 
ATOM   281 C  C5    . DG  A 1 14 ? 6.933   -0.246  -3.407  1.00 91.34  ? 14  DG  A C5    1 
ATOM   282 C  C6    . DG  A 1 14 ? 6.770   -0.600  -2.062  1.00 96.11  ? 14  DG  A C6    1 
ATOM   283 O  O6    . DG  A 1 14 ? 6.658   -1.725  -1.577  1.00 104.01 ? 14  DG  A O6    1 
ATOM   284 N  N1    . DG  A 1 14 ? 6.741   0.509   -1.239  1.00 95.51  ? 14  DG  A N1    1 
ATOM   285 C  C2    . DG  A 1 14 ? 6.858   1.798   -1.665  1.00 93.22  ? 14  DG  A C2    1 
ATOM   286 N  N2    . DG  A 1 14 ? 6.809   2.737   -0.724  1.00 96.87  ? 14  DG  A N2    1 
ATOM   287 N  N3    . DG  A 1 14 ? 7.013   2.148   -2.925  1.00 91.56  ? 14  DG  A N3    1 
ATOM   288 C  C4    . DG  A 1 14 ? 7.035   1.077   -3.740  1.00 92.08  ? 14  DG  A C4    1 
ATOM   289 P  P     . DT  A 1 15 ? 9.723   5.251   -7.651  1.00 139.45 ? 15  DT  A P     1 
ATOM   290 O  OP1   . DT  A 1 15 ? 9.529   6.591   -8.234  1.00 124.39 ? 15  DT  A OP1   1 
ATOM   291 O  OP2   . DT  A 1 15 ? 10.767  4.351   -8.174  1.00 126.05 ? 15  DT  A OP2   1 
ATOM   292 O  "O5'" . DT  A 1 15 ? 9.965   5.415   -6.089  1.00 121.99 ? 15  DT  A "O5'" 1 
ATOM   293 C  "C5'" . DT  A 1 15 ? 8.877   5.722   -5.245  1.00 113.66 ? 15  DT  A "C5'" 1 
ATOM   294 C  "C4'" . DT  A 1 15 ? 9.343   6.219   -3.886  1.00 119.36 ? 15  DT  A "C4'" 1 
ATOM   295 O  "O4'" . DT  A 1 15 ? 9.127   5.203   -2.877  1.00 116.78 ? 15  DT  A "O4'" 1 
ATOM   296 C  "C3'" . DT  A 1 15 ? 10.806  6.592   -3.779  1.00 120.55 ? 15  DT  A "C3'" 1 
ATOM   297 O  "O3'" . DT  A 1 15 ? 10.923  7.632   -2.854  1.00 121.07 ? 15  DT  A "O3'" 1 
ATOM   298 C  "C2'" . DT  A 1 15 ? 11.429  5.310   -3.241  1.00 118.70 ? 15  DT  A "C2'" 1 
ATOM   299 C  "C1'" . DT  A 1 15 ? 10.356  4.849   -2.274  1.00 113.17 ? 15  DT  A "C1'" 1 
ATOM   300 N  N1    . DT  A 1 15 ? 10.319  3.385   -2.039  1.00 95.17  ? 15  DT  A N1    1 
ATOM   301 C  C2    . DT  A 1 15 ? 10.157  2.915   -0.769  1.00 95.18  ? 15  DT  A C2    1 
ATOM   302 O  O2    . DT  A 1 15 ? 10.081  3.635   0.198   1.00 101.60 ? 15  DT  A O2    1 
ATOM   303 N  N3    . DT  A 1 15 ? 10.100  1.559   -0.668  1.00 92.17  ? 15  DT  A N3    1 
ATOM   304 C  C4    . DT  A 1 15 ? 10.171  0.648   -1.686  1.00 93.30  ? 15  DT  A C4    1 
ATOM   305 O  O4    . DT  A 1 15 ? 10.109  -0.555  -1.499  1.00 92.43  ? 15  DT  A O4    1 
ATOM   306 C  C5    . DT  A 1 15 ? 10.325  1.201   -2.989  1.00 89.90  ? 15  DT  A C5    1 
ATOM   307 C  C7    . DT  A 1 15 ? 10.421  0.294   -4.170  1.00 86.94  ? 15  DT  A C7    1 
ATOM   308 C  C6    . DT  A 1 15 ? 10.381  2.530   -3.109  1.00 89.64  ? 15  DT  A C6    1 
ATOM   309 P  P     . DC  A 1 16 ? 12.178  8.619   -2.904  1.00 129.00 ? 16  DC  A P     1 
ATOM   310 O  OP1   . DC  A 1 16 ? 11.661  9.998   -2.823  1.00 135.57 ? 16  DC  A OP1   1 
ATOM   311 O  OP2   . DC  A 1 16 ? 13.034  8.193   -4.026  1.00 118.93 ? 16  DC  A OP2   1 
ATOM   312 O  "O5'" . DC  A 1 16 ? 12.931  8.309   -1.545  1.00 120.30 ? 16  DC  A "O5'" 1 
ATOM   313 C  "C5'" . DC  A 1 16 ? 12.204  8.325   -0.348  1.00 122.49 ? 16  DC  A "C5'" 1 
ATOM   314 C  "C4'" . DC  A 1 16 ? 12.955  7.618   0.760   1.00 127.19 ? 16  DC  A "C4'" 1 
ATOM   315 O  "O4'" . DC  A 1 16 ? 12.700  6.192   0.709   1.00 124.21 ? 16  DC  A "O4'" 1 
ATOM   316 C  "C3'" . DC  A 1 16 ? 14.473  7.767   0.722   1.00 124.16 ? 16  DC  A "C3'" 1 
ATOM   317 O  "O3'" . DC  A 1 16 ? 14.932  7.933   2.029   1.00 129.87 ? 16  DC  A "O3'" 1 
ATOM   318 C  "C2'" . DC  A 1 16 ? 14.920  6.424   0.166   1.00 118.05 ? 16  DC  A "C2'" 1 
ATOM   319 C  "C1'" . DC  A 1 16 ? 13.923  5.522   0.852   1.00 114.53 ? 16  DC  A "C1'" 1 
ATOM   320 N  N1    . DC  A 1 16 ? 13.807  4.185   0.247   1.00 101.47 ? 16  DC  A N1    1 
ATOM   321 C  C2    . DC  A 1 16 ? 13.578  3.084   1.059   1.00 102.14 ? 16  DC  A C2    1 
ATOM   322 O  O2    . DC  A 1 16 ? 13.484  3.248   2.275   1.00 108.79 ? 16  DC  A O2    1 
ATOM   323 N  N3    . DC  A 1 16 ? 13.477  1.867   0.492   1.00 100.01 ? 16  DC  A N3    1 
ATOM   324 C  C4    . DC  A 1 16 ? 13.587  1.737   -0.825  1.00 98.50  ? 16  DC  A C4    1 
ATOM   325 N  N4    . DC  A 1 16 ? 13.477  0.517   -1.347  1.00 98.56  ? 16  DC  A N4    1 
ATOM   326 C  C5    . DC  A 1 16 ? 13.816  2.848   -1.667  1.00 96.88  ? 16  DC  A C5    1 
ATOM   327 C  C6    . DC  A 1 16 ? 13.924  4.041   -1.093  1.00 96.16  ? 16  DC  A C6    1 
ATOM   328 P  P     . DA  A 1 17 ? 16.243  8.797   2.327   1.00 146.43 ? 17  DA  A P     1 
ATOM   329 O  OP1   . DA  A 1 17 ? 15.823  10.196  2.521   1.00 131.95 ? 17  DA  A OP1   1 
ATOM   330 O  OP2   . DA  A 1 17 ? 17.266  8.462   1.321   1.00 138.58 ? 17  DA  A OP2   1 
ATOM   331 O  "O5'" . DA  A 1 17 ? 16.716  8.235   3.730   1.00 126.37 ? 17  DA  A "O5'" 1 
ATOM   332 C  "C5'" . DA  A 1 17 ? 15.774  8.098   4.757   1.00 117.81 ? 17  DA  A "C5'" 1 
ATOM   333 C  "C4'" . DA  A 1 17 ? 16.015  6.828   5.539   1.00 118.49 ? 17  DA  A "C4'" 1 
ATOM   334 O  "O4'" . DA  A 1 17 ? 15.712  5.684   4.714   1.00 118.96 ? 17  DA  A "O4'" 1 
ATOM   335 C  "C3'" . DA  A 1 17 ? 17.437  6.637   6.036   1.00 114.19 ? 17  DA  A "C3'" 1 
ATOM   336 O  "O3'" . DA  A 1 17 ? 17.401  6.229   7.375   1.00 117.70 ? 17  DA  A "O3'" 1 
ATOM   337 C  "C2'" . DA  A 1 17 ? 18.001  5.549   5.125   1.00 111.70 ? 17  DA  A "C2'" 1 
ATOM   338 C  "C1'" . DA  A 1 17 ? 16.762  4.756   4.765   1.00 112.40 ? 17  DA  A "C1'" 1 
ATOM   339 N  N9    . DA  A 1 17 ? 16.834  4.133   3.460   1.00 108.97 ? 17  DA  A N9    1 
ATOM   340 C  C8    . DA  A 1 17 ? 17.065  4.753   2.280   1.00 108.98 ? 17  DA  A C8    1 
ATOM   341 N  N7    . DA  A 1 17 ? 17.040  3.953   1.247   1.00 104.36 ? 17  DA  A N7    1 
ATOM   342 C  C5    . DA  A 1 17 ? 16.776  2.721   1.794   1.00 98.69  ? 17  DA  A C5    1 
ATOM   343 C  C6    . DA  A 1 17 ? 16.626  1.456   1.224   1.00 97.29  ? 17  DA  A C6    1 
ATOM   344 N  N6    . DA  A 1 17 ? 16.741  1.230   -0.078  1.00 97.41  ? 17  DA  A N6    1 
ATOM   345 N  N1    . DA  A 1 17 ? 16.358  0.429   2.041   1.00 96.93  ? 17  DA  A N1    1 
ATOM   346 C  C2    . DA  A 1 17 ? 16.247  0.665   3.350   1.00 99.84  ? 17  DA  A C2    1 
ATOM   347 N  N3    . DA  A 1 17 ? 16.372  1.818   4.003   1.00 99.44  ? 17  DA  A N3    1 
ATOM   348 C  C4    . DA  A 1 17 ? 16.632  2.813   3.156   1.00 99.77  ? 17  DA  A C4    1 
ATOM   349 P  P     . DC  A 1 18 ? 18.745  6.198   8.241   1.00 140.67 ? 18  DC  A P     1 
ATOM   350 O  OP1   . DC  A 1 18 ? 18.362  6.492   9.632   1.00 125.80 ? 18  DC  A OP1   1 
ATOM   351 O  OP2   . DC  A 1 18 ? 19.749  7.037   7.557   1.00 131.19 ? 18  DC  A OP2   1 
ATOM   352 O  "O5'" . DC  A 1 18 ? 19.191  4.675   8.154   1.00 127.60 ? 18  DC  A "O5'" 1 
ATOM   353 C  "C5'" . DC  A 1 18 ? 18.247  3.685   8.452   1.00 124.17 ? 18  DC  A "C5'" 1 
ATOM   354 C  "C4'" . DC  A 1 18 ? 18.713  2.322   7.999   1.00 117.00 ? 18  DC  A "C4'" 1 
ATOM   355 O  "O4'" . DC  A 1 18 ? 18.576  2.194   6.576   1.00 112.64 ? 18  DC  A "O4'" 1 
ATOM   356 C  "C3'" . DC  A 1 18 ? 20.169  1.994   8.300   1.00 115.88 ? 18  DC  A "C3'" 1 
ATOM   357 O  "O3'" . DC  A 1 18 ? 20.218  1.062   9.366   1.00 122.33 ? 18  DC  A "O3'" 1 
ATOM   358 C  "C2'" . DC  A 1 18 ? 20.692  1.389   6.983   1.00 117.88 ? 18  DC  A "C2'" 1 
ATOM   359 C  "C1'" . DC  A 1 18 ? 19.428  1.166   6.175   1.00 113.88 ? 18  DC  A "C1'" 1 
ATOM   360 N  N1    . DC  A 1 18 ? 19.632  1.274   4.716   1.00 107.38 ? 18  DC  A N1    1 
ATOM   361 C  C2    . DC  A 1 18 ? 19.552  0.138   3.908   1.00 104.12 ? 18  DC  A C2    1 
ATOM   362 O  O2    . DC  A 1 18 ? 19.304  -0.953  4.424   1.00 105.64 ? 18  DC  A O2    1 
ATOM   363 N  N3    . DC  A 1 18 ? 19.734  0.272   2.574   1.00 103.59 ? 18  DC  A N3    1 
ATOM   364 C  C4    . DC  A 1 18 ? 19.993  1.466   2.056   1.00 107.34 ? 18  DC  A C4    1 
ATOM   365 N  N4    . DC  A 1 18 ? 20.174  1.553   0.738   1.00 99.89  ? 18  DC  A N4    1 
ATOM   366 C  C5    . DC  A 1 18 ? 20.085  2.628   2.863   1.00 105.97 ? 18  DC  A C5    1 
ATOM   367 C  C6    . DC  A 1 18 ? 19.900  2.486   4.173   1.00 105.48 ? 18  DC  A C6    1 
ATOM   368 P  P     . DT  A 1 19 ? 21.611  0.446   9.871   1.00 132.62 ? 19  DT  A P     1 
ATOM   369 O  OP1   . DT  A 1 19 ? 21.414  0.059   11.280  1.00 120.54 ? 19  DT  A OP1   1 
ATOM   370 O  OP2   . DT  A 1 19 ? 22.710  1.363   9.518   1.00 123.38 ? 19  DT  A OP2   1 
ATOM   371 O  "O5'" . DT  A 1 19 ? 21.760  -0.895  9.029   1.00 121.78 ? 19  DT  A "O5'" 1 
ATOM   372 C  "C5'" . DT  A 1 19 ? 20.652  -1.770  8.923   1.00 125.63 ? 19  DT  A "C5'" 1 
ATOM   373 C  "C4'" . DT  A 1 19 ? 21.024  -3.063  8.220   1.00 127.72 ? 19  DT  A "C4'" 1 
ATOM   374 O  "O4'" . DT  A 1 19 ? 21.058  -2.860  6.788   1.00 119.00 ? 19  DT  A "O4'" 1 
ATOM   375 C  "C3'" . DT  A 1 19 ? 22.373  -3.647  8.598   1.00 132.60 ? 19  DT  A "C3'" 1 
ATOM   376 O  "O3'" . DT  A 1 19 ? 22.252  -5.038  8.724   1.00 131.11 ? 19  DT  A "O3'" 1 
ATOM   377 C  "C2'" . DT  A 1 19 ? 23.260  -3.267  7.414   1.00 133.07 ? 19  DT  A "C2'" 1 
ATOM   378 C  "C1'" . DT  A 1 19 ? 22.275  -3.333  6.265   1.00 123.29 ? 19  DT  A "C1'" 1 
ATOM   379 N  N1    . DT  A 1 19 ? 22.622  -2.465  5.104   1.00 119.74 ? 19  DT  A N1    1 
ATOM   380 C  C2    . DT  A 1 19 ? 22.621  -3.000  3.838   1.00 119.54 ? 19  DT  A C2    1 
ATOM   381 O  O2    . DT  A 1 19 ? 22.383  -4.169  3.610   1.00 121.57 ? 19  DT  A O2    1 
ATOM   382 N  N3    . DT  A 1 19 ? 22.923  -2.106  2.842   1.00 112.09 ? 19  DT  A N3    1 
ATOM   383 C  C4    . DT  A 1 19 ? 23.203  -0.767  2.983   1.00 112.46 ? 19  DT  A C4    1 
ATOM   384 O  O4    . DT  A 1 19 ? 23.462  -0.045  2.031   1.00 117.19 ? 19  DT  A O4    1 
ATOM   385 C  C5    . DT  A 1 19 ? 23.178  -0.273  4.329   1.00 109.29 ? 19  DT  A C5    1 
ATOM   386 C  C7    . DT  A 1 19 ? 23.477  1.167   4.595   1.00 98.47  ? 19  DT  A C7    1 
ATOM   387 C  C6    . DT  A 1 19 ? 22.883  -1.132  5.314   1.00 110.51 ? 19  DT  A C6    1 
ATOM   388 P  P     . DC  A 1 20 ? 23.387  -5.869  9.484   1.00 148.42 ? 20  DC  A P     1 
ATOM   389 O  OP1   . DC  A 1 20 ? 22.724  -6.944  10.242  1.00 136.70 ? 20  DC  A OP1   1 
ATOM   390 O  OP2   . DC  A 1 20 ? 24.259  -4.895  10.170  1.00 137.76 ? 20  DC  A OP2   1 
ATOM   391 O  "O5'" . DC  A 1 20 ? 24.208  -6.537  8.303   1.00 136.73 ? 20  DC  A "O5'" 1 
ATOM   392 C  "C5'" . DC  A 1 20 ? 23.581  -7.482  7.476   1.00 125.66 ? 20  DC  A "C5'" 1 
ATOM   393 C  "C4'" . DC  A 1 20 ? 24.406  -7.762  6.235   1.00 139.71 ? 20  DC  A "C4'" 1 
ATOM   394 O  "O4'" . DC  A 1 20 ? 24.518  -6.561  5.429   1.00 138.49 ? 20  DC  A "O4'" 1 
ATOM   395 C  "C3'" . DC  A 1 20 ? 25.841  -8.228  6.485   1.00 140.64 ? 20  DC  A "C3'" 1 
ATOM   396 O  "O3'" . DC  A 1 20 ? 26.153  -9.246  5.577   1.00 141.12 ? 20  DC  A "O3'" 1 
ATOM   397 C  "C2'" . DC  A 1 20 ? 26.655  -6.975  6.185   1.00 135.33 ? 20  DC  A "C2'" 1 
ATOM   398 C  "C1'" . DC  A 1 20 ? 25.858  -6.415  5.029   1.00 132.84 ? 20  DC  A "C1'" 1 
ATOM   399 N  N1    . DC  A 1 20 ? 26.116  -4.990  4.752   1.00 127.51 ? 20  DC  A N1    1 
ATOM   400 C  C2    . DC  A 1 20 ? 26.169  -4.542  3.430   1.00 126.12 ? 20  DC  A C2    1 
ATOM   401 O  O2    . DC  A 1 20 ? 26.006  -5.351  2.515   1.00 122.96 ? 20  DC  A O2    1 
ATOM   402 N  N3    . DC  A 1 20 ? 26.402  -3.235  3.193   1.00 126.91 ? 20  DC  A N3    1 
ATOM   403 C  C4    . DC  A 1 20 ? 26.576  -2.397  4.208   1.00 124.48 ? 20  DC  A C4    1 
ATOM   404 N  N4    . DC  A 1 20 ? 26.804  -1.114  3.925   1.00 121.71 ? 20  DC  A N4    1 
ATOM   405 C  C5    . DC  A 1 20 ? 26.524  -2.836  5.561   1.00 121.60 ? 20  DC  A C5    1 
ATOM   406 C  C6    . DC  A 1 20 ? 26.298  -4.129  5.782   1.00 125.64 ? 20  DC  A C6    1 
ATOM   407 P  P     . DA  A 1 21 ? 27.197  -10.389 5.979   1.00 150.35 ? 21  DA  A P     1 
ATOM   408 O  OP1   . DA  A 1 21 ? 26.419  -11.529 6.500   1.00 141.08 ? 21  DA  A OP1   1 
ATOM   409 O  OP2   . DA  A 1 21 ? 28.251  -9.766  6.804   1.00 146.54 ? 21  DA  A OP2   1 
ATOM   410 O  "O5'" . DA  A 1 21 ? 27.842  -10.811 4.586   1.00 144.10 ? 21  DA  A "O5'" 1 
ATOM   411 C  "C5'" . DA  A 1 21 ? 27.016  -11.325 3.560   1.00 137.04 ? 21  DA  A "C5'" 1 
ATOM   412 C  "C4'" . DA  A 1 21 ? 27.577  -10.999 2.184   1.00 140.15 ? 21  DA  A "C4'" 1 
ATOM   413 O  "O4'" . DA  A 1 21 ? 27.547  -9.569  1.973   1.00 147.81 ? 21  DA  A "O4'" 1 
ATOM   414 C  "C3'" . DA  A 1 21 ? 29.016  -11.439 1.937   1.00 138.73 ? 21  DA  A "C3'" 1 
ATOM   415 O  "O3'" . DA  A 1 21 ? 29.141  -11.969 0.626   1.00 141.85 ? 21  DA  A "O3'" 1 
ATOM   416 C  "C2'" . DA  A 1 21 ? 29.821  -10.151 2.101   1.00 134.49 ? 21  DA  A "C2'" 1 
ATOM   417 C  "C1'" . DA  A 1 21 ? 28.832  -9.091  1.651   1.00 130.65 ? 21  DA  A "C1'" 1 
ATOM   418 N  N9    . DA  A 1 21 ? 29.007  -7.832  2.337   1.00 124.09 ? 21  DA  A N9    1 
ATOM   419 C  C8    . DA  A 1 21 ? 29.036  -7.635  3.681   1.00 124.61 ? 21  DA  A C8    1 
ATOM   420 N  N7    . DA  A 1 21 ? 29.197  -6.384  4.027   1.00 131.56 ? 21  DA  A N7    1 
ATOM   421 C  C5    . DA  A 1 21 ? 29.275  -5.718  2.822   1.00 124.93 ? 21  DA  A C5    1 
ATOM   422 C  C6    . DA  A 1 21 ? 29.447  -4.363  2.498   1.00 121.72 ? 21  DA  A C6    1 
ATOM   423 N  N6    . DA  A 1 21 ? 29.573  -3.406  3.412   1.00 118.69 ? 21  DA  A N6    1 
ATOM   424 N  N1    . DA  A 1 21 ? 29.485  -4.027  1.194   1.00 122.93 ? 21  DA  A N1    1 
ATOM   425 C  C2    . DA  A 1 21 ? 29.340  -4.992  0.281   1.00 125.91 ? 21  DA  A C2    1 
ATOM   426 N  N3    . DA  A 1 21 ? 29.189  -6.302  0.467   1.00 125.37 ? 21  DA  A N3    1 
ATOM   427 C  C4    . DA  A 1 21 ? 29.158  -6.598  1.771   1.00 121.81 ? 21  DA  A C4    1 
ATOM   428 P  P     . DC  B 2 1  ? 1.940   0.108   7.969   1.00 106.66 ? 1   DC  B P     1 
ATOM   429 O  OP1   . DC  B 2 1  ? 2.386   0.065   9.367   1.00 104.33 ? 1   DC  B OP1   1 
ATOM   430 O  OP2   . DC  B 2 1  ? 1.547   -1.153  7.336   1.00 104.33 ? 1   DC  B OP2   1 
ATOM   431 O  "O5'" . DC  B 2 1  ? 3.146   0.667   7.100   1.00 113.70 ? 1   DC  B "O5'" 1 
ATOM   432 C  "C5'" . DC  B 2 1  ? 4.210   1.353   7.735   1.00 106.17 ? 1   DC  B "C5'" 1 
ATOM   433 C  "C4'" . DC  B 2 1  ? 4.959   2.232   6.754   1.00 104.33 ? 1   DC  B "C4'" 1 
ATOM   434 O  "O4'" . DC  B 2 1  ? 5.879   1.430   6.000   1.00 104.33 ? 1   DC  B "O4'" 1 
ATOM   435 C  "C3'" . DC  B 2 1  ? 4.088   2.916   5.730   1.00 105.00 ? 1   DC  B "C3'" 1 
ATOM   436 O  "O3'" . DC  B 2 1  ? 3.662   4.163   6.235   1.00 104.33 ? 1   DC  B "O3'" 1 
ATOM   437 C  "C2'" . DC  B 2 1  ? 5.036   3.106   4.559   1.00 104.33 ? 1   DC  B "C2'" 1 
ATOM   438 C  "C1'" . DC  B 2 1  ? 6.059   1.979   4.720   1.00 104.33 ? 1   DC  B "C1'" 1 
ATOM   439 N  N1    . DC  B 2 1  ? 5.931   0.872   3.739   1.00 104.33 ? 1   DC  B N1    1 
ATOM   440 C  C2    . DC  B 2 1  ? 6.233   1.063   2.382   1.00 104.33 ? 1   DC  B C2    1 
ATOM   441 O  O2    . DC  B 2 1  ? 6.606   2.168   1.983   1.00 110.89 ? 1   DC  B O2    1 
ATOM   442 N  N3    . DC  B 2 1  ? 6.117   0.018   1.539   1.00 104.33 ? 1   DC  B N3    1 
ATOM   443 C  C4    . DC  B 2 1  ? 5.725   -1.161  1.995   1.00 104.33 ? 1   DC  B C4    1 
ATOM   444 N  N4    . DC  B 2 1  ? 5.619   -2.161  1.123   1.00 104.33 ? 1   DC  B N4    1 
ATOM   445 C  C5    . DC  B 2 1  ? 5.422   -1.374  3.360   1.00 104.33 ? 1   DC  B C5    1 
ATOM   446 C  C6    . DC  B 2 1  ? 5.541   -0.343  4.187   1.00 104.33 ? 1   DC  B C6    1 
ATOM   447 P  P     . DG  B 2 2  ? 2.245   4.775   5.801   1.00 109.23 ? 2   DG  B P     1 
ATOM   448 O  OP1   . DG  B 2 2  ? 2.144   6.116   6.396   1.00 117.10 ? 2   DG  B OP1   1 
ATOM   449 O  OP2   . DG  B 2 2  ? 1.206   3.781   6.094   1.00 107.06 ? 2   DG  B OP2   1 
ATOM   450 O  "O5'" . DG  B 2 2  ? 2.357   4.950   4.222   1.00 107.06 ? 2   DG  B "O5'" 1 
ATOM   451 C  "C5'" . DG  B 2 2  ? 2.687   6.215   3.679   1.00 113.69 ? 2   DG  B "C5'" 1 
ATOM   452 C  "C4'" . DG  B 2 2  ? 3.136   6.077   2.243   1.00 107.99 ? 2   DG  B "C4'" 1 
ATOM   453 O  "O4'" . DG  B 2 2  ? 3.673   4.770   2.060   1.00 107.06 ? 2   DG  B "O4'" 1 
ATOM   454 C  "C3'" . DG  B 2 2  ? 2.029   6.170   1.219   1.00 110.71 ? 2   DG  B "C3'" 1 
ATOM   455 O  "O3'" . DG  B 2 2  ? 1.872   7.507   0.798   1.00 117.01 ? 2   DG  B "O3'" 1 
ATOM   456 C  "C2'" . DG  B 2 2  ? 2.536   5.300   0.075   1.00 112.53 ? 2   DG  B "C2'" 1 
ATOM   457 C  "C1'" . DG  B 2 2  ? 3.595   4.426   0.708   1.00 107.06 ? 2   DG  B "C1'" 1 
ATOM   458 N  N9    . DG  B 2 2  ? 3.300   3.022   0.623   1.00 107.06 ? 2   DG  B N9    1 
ATOM   459 C  C8    . DG  B 2 2  ? 2.962   2.199   1.652   1.00 107.06 ? 2   DG  B C8    1 
ATOM   460 N  N7    . DG  B 2 2  ? 2.765   0.973   1.286   1.00 107.06 ? 2   DG  B N7    1 
ATOM   461 C  C5    . DG  B 2 2  ? 2.983   0.991   -0.074  1.00 107.06 ? 2   DG  B C5    1 
ATOM   462 C  C6    . DG  B 2 2  ? 2.910   -0.050  -1.008  1.00 107.06 ? 2   DG  B C6    1 
ATOM   463 O  O6    . DG  B 2 2  ? 2.628   -1.226  -0.808  1.00 108.07 ? 2   DG  B O6    1 
ATOM   464 N  N1    . DG  B 2 2  ? 3.197   0.382   -2.284  1.00 107.06 ? 2   DG  B N1    1 
ATOM   465 C  C2    . DG  B 2 2  ? 3.522   1.661   -2.617  1.00 107.06 ? 2   DG  B C2    1 
ATOM   466 N  N2    . DG  B 2 2  ? 3.774   1.891   -3.905  1.00 107.06 ? 2   DG  B N2    1 
ATOM   467 N  N3    . DG  B 2 2  ? 3.596   2.654   -1.749  1.00 107.06 ? 2   DG  B N3    1 
ATOM   468 C  C4    . DG  B 2 2  ? 3.313   2.243   -0.498  1.00 107.06 ? 2   DG  B C4    1 
ATOM   469 P  P     . DT  B 2 3  ? 0.488   7.986   0.144   1.00 140.52 ? 3   DT  B P     1 
ATOM   470 O  OP1   . DT  B 2 3  ? 0.487   9.460   0.140   1.00 130.51 ? 3   DT  B OP1   1 
ATOM   471 O  OP2   . DT  B 2 3  ? -0.599  7.232   0.799   1.00 142.46 ? 3   DT  B OP2   1 
ATOM   472 O  "O5'" . DT  B 2 3  ? 0.567   7.485   -1.365  1.00 111.46 ? 3   DT  B "O5'" 1 
ATOM   473 C  "C5'" . DT  B 2 3  ? 1.607   7.934   -2.196  1.00 111.69 ? 3   DT  B "C5'" 1 
ATOM   474 C  "C4'" . DT  B 2 3  ? 1.655   7.112   -3.466  1.00 112.93 ? 3   DT  B "C4'" 1 
ATOM   475 O  "O4'" . DT  B 2 3  ? 1.728   5.699   -3.142  1.00 106.38 ? 3   DT  B "O4'" 1 
ATOM   476 C  "C3'" . DT  B 2 3  ? 0.436   7.277   -4.361  1.00 107.64 ? 3   DT  B "C3'" 1 
ATOM   477 O  "O3'" . DT  B 2 3  ? 0.846   7.505   -5.685  1.00 111.96 ? 3   DT  B "O3'" 1 
ATOM   478 C  "C2'" . DT  B 2 3  ? -0.295  5.947   -4.215  1.00 115.72 ? 3   DT  B "C2'" 1 
ATOM   479 C  "C1'" . DT  B 2 3  ? 0.852   4.994   -3.984  1.00 106.38 ? 3   DT  B "C1'" 1 
ATOM   480 N  N1    . DT  B 2 3  ? 0.458   3.717   -3.304  1.00 106.38 ? 3   DT  B N1    1 
ATOM   481 C  C2    . DT  B 2 3  ? 0.439   2.546   -4.013  1.00 106.38 ? 3   DT  B C2    1 
ATOM   482 O  O2    . DT  B 2 3  ? 0.716   2.479   -5.190  1.00 107.01 ? 3   DT  B O2    1 
ATOM   483 N  N3    . DT  B 2 3  ? 0.074   1.451   -3.289  1.00 106.38 ? 3   DT  B N3    1 
ATOM   484 C  C4    . DT  B 2 3  ? -0.261  1.408   -1.962  1.00 106.38 ? 3   DT  B C4    1 
ATOM   485 O  O4    . DT  B 2 3  ? -0.576  0.377   -1.396  1.00 106.38 ? 3   DT  B O4    1 
ATOM   486 C  C5    . DT  B 2 3  ? -0.221  2.661   -1.283  1.00 106.38 ? 3   DT  B C5    1 
ATOM   487 C  C7    . DT  B 2 3  ? -0.567  2.735   0.166   1.00 106.38 ? 3   DT  B C7    1 
ATOM   488 C  C6    . DT  B 2 3  ? 0.127   3.741   -1.979  1.00 106.38 ? 3   DT  B C6    1 
ATOM   489 P  P     . DC  B 2 4  ? -0.129  8.266   -6.700  1.00 119.98 ? 4   DC  B P     1 
ATOM   490 O  OP1   . DC  B 2 4  ? 0.696   9.114   -7.576  1.00 109.69 ? 4   DC  B OP1   1 
ATOM   491 O  OP2   . DC  B 2 4  ? -1.221  8.862   -5.910  1.00 113.00 ? 4   DC  B OP2   1 
ATOM   492 O  "O5'" . DC  B 2 4  ? -0.723  7.088   -7.573  1.00 116.00 ? 4   DC  B "O5'" 1 
ATOM   493 C  "C5'" . DC  B 2 4  ? 0.094   5.985   -7.871  1.00 104.56 ? 4   DC  B "C5'" 1 
ATOM   494 C  "C4'" . DC  B 2 4  ? -0.600  5.034   -8.819  1.00 107.43 ? 4   DC  B "C4'" 1 
ATOM   495 O  "O4'" . DC  B 2 4  ? -0.921  3.800   -8.135  1.00 104.13 ? 4   DC  B "O4'" 1 
ATOM   496 C  "C3'" . DC  B 2 4  ? -1.901  5.538   -9.407  1.00 109.74 ? 4   DC  B "C3'" 1 
ATOM   497 O  "O3'" . DC  B 2 4  ? -2.010  5.068   -10.706 1.00 104.13 ? 4   DC  B "O3'" 1 
ATOM   498 C  "C2'" . DC  B 2 4  ? -2.952  4.913   -8.501  1.00 109.16 ? 4   DC  B "C2'" 1 
ATOM   499 C  "C1'" . DC  B 2 4  ? -2.313  3.582   -8.144  1.00 106.61 ? 4   DC  B "C1'" 1 
ATOM   500 N  N1    . DC  B 2 4  ? -2.681  3.114   -6.811  1.00 104.13 ? 4   DC  B N1    1 
ATOM   501 C  C2    . DC  B 2 4  ? -2.902  1.766   -6.585  1.00 104.13 ? 4   DC  B C2    1 
ATOM   502 O  O2    . DC  B 2 4  ? -2.801  0.976   -7.518  1.00 104.13 ? 4   DC  B O2    1 
ATOM   503 N  N3    . DC  B 2 4  ? -3.226  1.361   -5.344  1.00 104.13 ? 4   DC  B N3    1 
ATOM   504 C  C4    . DC  B 2 4  ? -3.317  2.247   -4.365  1.00 104.13 ? 4   DC  B C4    1 
ATOM   505 N  N4    . DC  B 2 4  ? -3.639  1.809   -3.156  1.00 104.13 ? 4   DC  B N4    1 
ATOM   506 C  C5    . DC  B 2 4  ? -3.092  3.623   -4.580  1.00 104.13 ? 4   DC  B C5    1 
ATOM   507 C  C6    . DC  B 2 4  ? -2.781  4.006   -5.808  1.00 104.13 ? 4   DC  B C6    1 
ATOM   508 P  P     . DT  B 2 5  ? -3.187  5.593   -11.642 1.00 111.17 ? 5   DT  B P     1 
ATOM   509 O  OP1   . DT  B 2 5  ? -2.698  5.528   -13.029 1.00 121.55 ? 5   DT  B OP1   1 
ATOM   510 O  OP2   . DT  B 2 5  ? -3.711  6.840   -11.058 1.00 112.06 ? 5   DT  B OP2   1 
ATOM   511 O  "O5'" . DT  B 2 5  ? -4.302  4.490   -11.473 1.00 101.57 ? 5   DT  B "O5'" 1 
ATOM   512 C  "C5'" . DT  B 2 5  ? -3.965  3.138   -11.602 1.00 106.58 ? 5   DT  B "C5'" 1 
ATOM   513 C  "C4'" . DT  B 2 5  ? -5.146  2.287   -11.241 1.00 101.57 ? 5   DT  B "C4'" 1 
ATOM   514 O  "O4'" . DT  B 2 5  ? -5.028  1.837   -9.888  1.00 106.83 ? 5   DT  B "O4'" 1 
ATOM   515 C  "C3'" . DT  B 2 5  ? -6.448  3.033   -11.234 1.00 101.57 ? 5   DT  B "C3'" 1 
ATOM   516 O  "O3'" . DT  B 2 5  ? -6.937  3.134   -12.535 1.00 109.59 ? 5   DT  B "O3'" 1 
ATOM   517 C  "C2'" . DT  B 2 5  ? -7.325  2.141   -10.367 1.00 101.57 ? 5   DT  B "C2'" 1 
ATOM   518 C  "C1'" . DT  B 2 5  ? -6.311  1.449   -9.453  1.00 101.92 ? 5   DT  B "C1'" 1 
ATOM   519 N  N1    . DT  B 2 5  ? -6.468  1.790   -8.030  1.00 101.57 ? 5   DT  B N1    1 
ATOM   520 C  C2    . DT  B 2 5  ? -6.727  0.797   -7.144  1.00 101.57 ? 5   DT  B C2    1 
ATOM   521 O  O2    . DT  B 2 5  ? -6.821  -0.363  -7.464  1.00 111.06 ? 5   DT  B O2    1 
ATOM   522 N  N3    . DT  B 2 5  ? -6.852  1.195   -5.855  1.00 101.57 ? 5   DT  B N3    1 
ATOM   523 C  C4    . DT  B 2 5  ? -6.761  2.474   -5.378  1.00 101.57 ? 5   DT  B C4    1 
ATOM   524 O  O4    . DT  B 2 5  ? -6.894  2.738   -4.198  1.00 101.57 ? 5   DT  B O4    1 
ATOM   525 C  C5    . DT  B 2 5  ? -6.492  3.477   -6.360  1.00 101.57 ? 5   DT  B C5    1 
ATOM   526 C  C7    . DT  B 2 5  ? -6.372  4.907   -5.953  1.00 101.57 ? 5   DT  B C7    1 
ATOM   527 C  C6    . DT  B 2 5  ? -6.365  3.092   -7.629  1.00 101.57 ? 5   DT  B C6    1 
ATOM   528 O  "O5'" . DT  C 3 1  ? 37.095  4.769   7.655   1.00 136.91 ? 1   DT  C "O5'" 1 
ATOM   529 C  "C5'" . DT  C 3 1  ? 38.139  4.796   6.695   1.00 130.54 ? 1   DT  C "C5'" 1 
ATOM   530 C  "C4'" . DT  C 3 1  ? 37.582  4.659   5.294   1.00 136.26 ? 1   DT  C "C4'" 1 
ATOM   531 O  "O4'" . DT  C 3 1  ? 37.603  3.271   4.891   1.00 138.04 ? 1   DT  C "O4'" 1 
ATOM   532 C  "C3'" . DT  C 3 1  ? 36.139  5.130   5.127   1.00 134.75 ? 1   DT  C "C3'" 1 
ATOM   533 O  "O3'" . DT  C 3 1  ? 36.073  6.084   4.102   1.00 137.84 ? 1   DT  C "O3'" 1 
ATOM   534 C  "C2'" . DT  C 3 1  ? 35.374  3.860   4.758   1.00 128.37 ? 1   DT  C "C2'" 1 
ATOM   535 C  "C1'" . DT  C 3 1  ? 36.456  3.005   4.138   1.00 131.46 ? 1   DT  C "C1'" 1 
ATOM   536 N  N1    . DT  C 3 1  ? 36.170  1.561   4.223   1.00 126.94 ? 1   DT  C N1    1 
ATOM   537 C  C2    . DT  C 3 1  ? 36.263  0.790   3.097   1.00 126.44 ? 1   DT  C C2    1 
ATOM   538 O  O2    . DT  C 3 1  ? 36.574  1.231   2.013   1.00 128.22 ? 1   DT  C O2    1 
ATOM   539 N  N3    . DT  C 3 1  ? 35.978  -0.525  3.285   1.00 125.04 ? 1   DT  C N3    1 
ATOM   540 C  C4    . DT  C 3 1  ? 35.614  -1.136  4.462   1.00 127.44 ? 1   DT  C C4    1 
ATOM   541 O  O4    . DT  C 3 1  ? 35.378  -2.335  4.532   1.00 125.73 ? 1   DT  C O4    1 
ATOM   542 C  C5    . DT  C 3 1  ? 35.535  -0.272  5.604   1.00 126.27 ? 1   DT  C C5    1 
ATOM   543 C  C7    . DT  C 3 1  ? 35.150  -0.828  6.938   1.00 119.04 ? 1   DT  C C7    1 
ATOM   544 C  C6    . DT  C 3 1  ? 35.812  1.021   5.432   1.00 128.13 ? 1   DT  C C6    1 
ATOM   545 P  P     . DC  C 3 2  ? 34.695  6.838   3.786   1.00 142.53 ? 2   DC  C P     1 
ATOM   546 O  OP1   . DC  C 3 2  ? 35.056  8.186   3.303   1.00 128.96 ? 2   DC  C OP1   1 
ATOM   547 O  OP2   . DC  C 3 2  ? 33.778  6.688   4.933   1.00 139.45 ? 2   DC  C OP2   1 
ATOM   548 O  "O5'" . DC  C 3 2  ? 34.106  6.021   2.559   1.00 126.72 ? 2   DC  C "O5'" 1 
ATOM   549 C  "C5'" . DC  C 3 2  ? 34.750  6.114   1.324   1.00 123.57 ? 2   DC  C "C5'" 1 
ATOM   550 C  "C4'" . DC  C 3 2  ? 34.477  4.897   0.480   1.00 126.59 ? 2   DC  C "C4'" 1 
ATOM   551 O  "O4'" . DC  C 3 2  ? 34.450  3.728   1.311   1.00 125.03 ? 2   DC  C "O4'" 1 
ATOM   552 C  "C3'" . DC  C 3 2  ? 33.130  4.896   -0.227  1.00 126.37 ? 2   DC  C "C3'" 1 
ATOM   553 O  "O3'" . DC  C 3 2  ? 33.277  5.310   -1.573  1.00 131.04 ? 2   DC  C "O3'" 1 
ATOM   554 C  "C2'" . DC  C 3 2  ? 32.674  3.437   -0.150  1.00 124.82 ? 2   DC  C "C2'" 1 
ATOM   555 C  "C1'" . DC  C 3 2  ? 33.815  2.736   0.570   1.00 124.04 ? 2   DC  C "C1'" 1 
ATOM   556 N  N1    . DC  C 3 2  ? 33.350  1.674   1.468   1.00 118.75 ? 2   DC  C N1    1 
ATOM   557 C  C2    . DC  C 3 2  ? 33.138  0.399   0.958   1.00 117.07 ? 2   DC  C C2    1 
ATOM   558 O  O2    . DC  C 3 2  ? 33.357  0.188   -0.236  1.00 113.30 ? 2   DC  C O2    1 
ATOM   559 N  N3    . DC  C 3 2  ? 32.698  -0.572  1.782   1.00 116.04 ? 2   DC  C N3    1 
ATOM   560 C  C4    . DC  C 3 2  ? 32.465  -0.300  3.056   1.00 122.68 ? 2   DC  C C4    1 
ATOM   561 N  N4    . DC  C 3 2  ? 32.031  -1.292  3.832   1.00 122.59 ? 2   DC  C N4    1 
ATOM   562 C  C5    . DC  C 3 2  ? 32.672  0.998   3.596   1.00 124.43 ? 2   DC  C C5    1 
ATOM   563 C  C6    . DC  C 3 2  ? 33.102  1.948   2.769   1.00 119.16 ? 2   DC  C C6    1 
ATOM   564 P  P     . DT  C 3 3  ? 31.992  5.794   -2.404  1.00 135.26 ? 3   DT  C P     1 
ATOM   565 O  OP1   . DT  C 3 3  ? 32.473  6.547   -3.577  1.00 118.97 ? 3   DT  C OP1   1 
ATOM   566 O  OP2   . DT  C 3 3  ? 31.071  6.421   -1.441  1.00 138.42 ? 3   DT  C OP2   1 
ATOM   567 O  "O5'" . DT  C 3 3  ? 31.321  4.442   -2.923  1.00 120.68 ? 3   DT  C "O5'" 1 
ATOM   568 C  "C5'" . DT  C 3 3  ? 32.000  3.658   -3.868  1.00 108.74 ? 3   DT  C "C5'" 1 
ATOM   569 C  "C4'" . DT  C 3 3  ? 31.450  2.246   -3.912  1.00 112.32 ? 3   DT  C "C4'" 1 
ATOM   570 O  "O4'" . DT  C 3 3  ? 31.329  1.711   -2.590  1.00 121.09 ? 3   DT  C "O4'" 1 
ATOM   571 C  "C3'" . DT  C 3 3  ? 30.060  2.097   -4.519  1.00 127.75 ? 3   DT  C "C3'" 1 
ATOM   572 O  "O3'" . DT  C 3 3  ? 30.177  1.634   -5.837  1.00 131.90 ? 3   DT  C "O3'" 1 
ATOM   573 C  "C2'" . DT  C 3 3  ? 29.363  1.054   -3.620  1.00 128.79 ? 3   DT  C "C2'" 1 
ATOM   574 C  "C1'" . DT  C 3 3  ? 30.479  0.604   -2.689  1.00 129.11 ? 3   DT  C "C1'" 1 
ATOM   575 N  N1    . DT  C 3 3  ? 30.021  0.205   -1.323  1.00 124.28 ? 3   DT  C N1    1 
ATOM   576 C  C2    . DT  C 3 3  ? 29.659  -1.103  -1.088  1.00 127.35 ? 3   DT  C C2    1 
ATOM   577 O  O2    . DT  C 3 3  ? 29.684  -1.966  -1.945  1.00 126.88 ? 3   DT  C O2    1 
ATOM   578 N  N3    . DT  C 3 3  ? 29.259  -1.361  0.196   1.00 125.10 ? 3   DT  C N3    1 
ATOM   579 C  C4    . DT  C 3 3  ? 29.194  -0.469  1.244   1.00 123.61 ? 3   DT  C C4    1 
ATOM   580 O  O4    . DT  C 3 3  ? 28.824  -0.798  2.364   1.00 121.30 ? 3   DT  C O4    1 
ATOM   581 C  C5    . DT  C 3 3  ? 29.592  0.876   0.932   1.00 123.73 ? 3   DT  C C5    1 
ATOM   582 C  C7    . DT  C 3 3  ? 29.556  1.932   1.992   1.00 120.63 ? 3   DT  C C7    1 
ATOM   583 C  C6    . DT  C 3 3  ? 29.977  1.147   -0.322  1.00 121.36 ? 3   DT  C C6    1 
ATOM   584 P  P     . DG  C 3 4  ? 28.904  1.652   -6.807  1.00 147.70 ? 4   DG  C P     1 
ATOM   585 O  OP1   . DG  C 3 4  ? 29.383  1.958   -8.168  1.00 121.97 ? 4   DG  C OP1   1 
ATOM   586 O  OP2   . DG  C 3 4  ? 27.901  2.528   -6.171  1.00 131.45 ? 4   DG  C OP2   1 
ATOM   587 O  "O5'" . DG  C 3 4  ? 28.370  0.147   -6.769  1.00 129.64 ? 4   DG  C "O5'" 1 
ATOM   588 C  "C5'" . DG  C 3 4  ? 27.344  -0.255  -7.664  1.00 128.15 ? 4   DG  C "C5'" 1 
ATOM   589 C  "C4'" . DG  C 3 4  ? 27.129  -1.750  -7.611  1.00 122.28 ? 4   DG  C "C4'" 1 
ATOM   590 O  "O4'" . DG  C 3 4  ? 27.272  -2.199  -6.252  1.00 127.86 ? 4   DG  C "O4'" 1 
ATOM   591 C  "C3'" . DG  C 3 4  ? 25.743  -2.204  -7.992  1.00 121.12 ? 4   DG  C "C3'" 1 
ATOM   592 O  "O3'" . DG  C 3 4  ? 25.769  -3.594  -8.235  1.00 132.36 ? 4   DG  C "O3'" 1 
ATOM   593 C  "C2'" . DG  C 3 4  ? 24.986  -1.884  -6.718  1.00 119.71 ? 4   DG  C "C2'" 1 
ATOM   594 C  "C1'" . DG  C 3 4  ? 25.993  -2.325  -5.664  1.00 126.15 ? 4   DG  C "C1'" 1 
ATOM   595 N  N9    . DG  C 3 4  ? 25.985  -1.509  -4.464  1.00 128.17 ? 4   DG  C N9    1 
ATOM   596 C  C8    . DG  C 3 4  ? 26.057  -0.143  -4.396  1.00 124.42 ? 4   DG  C C8    1 
ATOM   597 N  N7    . DG  C 3 4  ? 26.055  0.316   -3.181  1.00 119.88 ? 4   DG  C N7    1 
ATOM   598 C  C5    . DG  C 3 4  ? 25.989  -0.818  -2.392  1.00 115.84 ? 4   DG  C C5    1 
ATOM   599 C  C6    . DG  C 3 4  ? 25.962  -0.942  -0.991  1.00 123.34 ? 4   DG  C C6    1 
ATOM   600 O  O6    . DG  C 3 4  ? 25.985  -0.045  -0.144  1.00 126.16 ? 4   DG  C O6    1 
ATOM   601 N  N1    . DG  C 3 4  ? 25.899  -2.269  -0.594  1.00 117.63 ? 4   DG  C N1    1 
ATOM   602 C  C2    . DG  C 3 4  ? 25.865  -3.340  -1.448  1.00 121.36 ? 4   DG  C C2    1 
ATOM   603 N  N2    . DG  C 3 4  ? 25.801  -4.549  -0.880  1.00 115.60 ? 4   DG  C N2    1 
ATOM   604 N  N3    . DG  C 3 4  ? 25.888  -3.237  -2.766  1.00 123.77 ? 4   DG  C N3    1 
ATOM   605 C  C4    . DG  C 3 4  ? 25.953  -1.949  -3.165  1.00 120.83 ? 4   DG  C C4    1 
ATOM   606 P  P     . DA  C 3 5  ? 24.494  -4.337  -8.860  1.00 144.12 ? 5   DA  C P     1 
ATOM   607 O  OP1   . DA  C 3 5  ? 24.984  -5.366  -9.797  1.00 125.13 ? 5   DA  C OP1   1 
ATOM   608 O  OP2   . DA  C 3 5  ? 23.556  -3.300  -9.328  1.00 135.25 ? 5   DA  C OP2   1 
ATOM   609 O  "O5'" . DA  C 3 5  ? 23.839  -5.080  -7.612  1.00 128.90 ? 5   DA  C "O5'" 1 
ATOM   610 C  "C5'" . DA  C 3 5  ? 24.355  -6.329  -7.187  1.00 125.02 ? 5   DA  C "C5'" 1 
ATOM   611 C  "C4'" . DA  C 3 5  ? 23.631  -6.835  -5.952  1.00 131.62 ? 5   DA  C "C4'" 1 
ATOM   612 O  "O4'" . DA  C 3 5  ? 23.816  -5.909  -4.857  1.00 129.98 ? 5   DA  C "O4'" 1 
ATOM   613 C  "C3'" . DA  C 3 5  ? 22.127  -7.002  -6.103  1.00 119.27 ? 5   DA  C "C3'" 1 
ATOM   614 O  "O3'" . DA  C 3 5  ? 21.731  -8.173  -5.457  1.00 122.43 ? 5   DA  C "O3'" 1 
ATOM   615 C  "C2'" . DA  C 3 5  ? 21.576  -5.774  -5.390  1.00 121.27 ? 5   DA  C "C2'" 1 
ATOM   616 C  "C1'" . DA  C 3 5  ? 22.571  -5.646  -4.265  1.00 123.73 ? 5   DA  C "C1'" 1 
ATOM   617 N  N9    . DA  C 3 5  ? 22.624  -4.322  -3.673  1.00 117.34 ? 5   DA  C N9    1 
ATOM   618 C  C8    . DA  C 3 5  ? 22.746  -3.133  -4.323  1.00 121.09 ? 5   DA  C C8    1 
ATOM   619 N  N7    . DA  C 3 5  ? 22.779  -2.095  -3.525  1.00 120.48 ? 5   DA  C N7    1 
ATOM   620 C  C5    . DA  C 3 5  ? 22.681  -2.647  -2.266  1.00 114.31 ? 5   DA  C C5    1 
ATOM   621 C  C6    . DA  C 3 5  ? 22.659  -2.082  -0.984  1.00 110.65 ? 5   DA  C C6    1 
ATOM   622 N  N6    . DA  C 3 5  ? 22.738  -0.773  -0.764  1.00 109.64 ? 5   DA  C N6    1 
ATOM   623 N  N1    . DA  C 3 5  ? 22.547  -2.916  0.069   1.00 118.20 ? 5   DA  C N1    1 
ATOM   624 C  C2    . DA  C 3 5  ? 22.466  -4.230  -0.160  1.00 115.43 ? 5   DA  C C2    1 
ATOM   625 N  N3    . DA  C 3 5  ? 22.471  -4.876  -1.321  1.00 112.84 ? 5   DA  C N3    1 
ATOM   626 C  C4    . DA  C 3 5  ? 22.586  -4.019  -2.340  1.00 113.63 ? 5   DA  C C4    1 
ATOM   627 P  P     . DG  C 3 6  ? 20.592  -9.092  -6.104  1.00 151.38 ? 6   DG  C P     1 
ATOM   628 O  OP1   . DG  C 3 6  ? 21.200  -10.396 -6.433  1.00 146.68 ? 6   DG  C OP1   1 
ATOM   629 O  OP2   . DG  C 3 6  ? 19.935  -8.295  -7.158  1.00 140.54 ? 6   DG  C OP2   1 
ATOM   630 O  "O5'" . DG  C 3 6  ? 19.547  -9.282  -4.916  1.00 138.80 ? 6   DG  C "O5'" 1 
ATOM   631 C  "C5'" . DG  C 3 6  ? 19.113  -8.154  -4.184  1.00 130.38 ? 6   DG  C "C5'" 1 
ATOM   632 C  "C4'" . DG  C 3 6  ? 19.108  -8.442  -2.702  1.00 126.44 ? 6   DG  C "C4'" 1 
ATOM   633 O  "O4'" . DG  C 3 6  ? 19.740  -7.348  -1.991  1.00 121.47 ? 6   DG  C "O4'" 1 
ATOM   634 C  "C3'" . DG  C 3 6  ? 17.726  -8.575  -2.105  1.00 126.10 ? 6   DG  C "C3'" 1 
ATOM   635 O  "O3'" . DG  C 3 6  ? 17.759  -9.460  -1.029  1.00 126.39 ? 6   DG  C "O3'" 1 
ATOM   636 C  "C2'" . DG  C 3 6  ? 17.424  -7.156  -1.652  1.00 120.95 ? 6   DG  C "C2'" 1 
ATOM   637 C  "C1'" . DG  C 3 6  ? 18.790  -6.669  -1.198  1.00 111.96 ? 6   DG  C "C1'" 1 
ATOM   638 N  N9    . DG  C 3 6  ? 18.969  -5.245  -1.410  1.00 103.57 ? 6   DG  C N9    1 
ATOM   639 C  C8    . DG  C 3 6  ? 19.040  -4.608  -2.614  1.00 105.38 ? 6   DG  C C8    1 
ATOM   640 N  N7    . DG  C 3 6  ? 19.193  -3.324  -2.513  1.00 103.57 ? 6   DG  C N7    1 
ATOM   641 C  C5    . DG  C 3 6  ? 19.229  -3.093  -1.155  1.00 103.57 ? 6   DG  C C5    1 
ATOM   642 C  C6    . DG  C 3 6  ? 19.376  -1.885  -0.451  1.00 103.57 ? 6   DG  C C6    1 
ATOM   643 O  O6    . DG  C 3 6  ? 19.514  -0.751  -0.909  1.00 105.02 ? 6   DG  C O6    1 
ATOM   644 N  N1    . DG  C 3 6  ? 19.362  -2.079  0.919   1.00 103.57 ? 6   DG  C N1    1 
ATOM   645 C  C2    . DG  C 3 6  ? 19.220  -3.291  1.531   1.00 106.96 ? 6   DG  C C2    1 
ATOM   646 N  N2    . DG  C 3 6  ? 19.225  -3.288  2.869   1.00 109.18 ? 6   DG  C N2    1 
ATOM   647 N  N3    . DG  C 3 6  ? 19.077  -4.439  0.879   1.00 109.51 ? 6   DG  C N3    1 
ATOM   648 C  C4    . DG  C 3 6  ? 19.087  -4.261  -0.458  1.00 104.48 ? 6   DG  C C4    1 
ATOM   649 P  P     . DT  C 3 7  ? 16.387  -10.042 -0.454  1.00 143.08 ? 7   DT  C P     1 
ATOM   650 O  OP1   . DT  C 3 7  ? 16.672  -11.350 0.168   1.00 143.69 ? 7   DT  C OP1   1 
ATOM   651 O  OP2   . DT  C 3 7  ? 15.389  -9.932  -1.535  1.00 133.73 ? 7   DT  C OP2   1 
ATOM   652 O  "O5'" . DT  C 3 7  ? 15.988  -8.999  0.678   1.00 118.70 ? 7   DT  C "O5'" 1 
ATOM   653 C  "C5'" . DT  C 3 7  ? 16.941  -8.625  1.655   1.00 118.89 ? 7   DT  C "C5'" 1 
ATOM   654 C  "C4'" . DT  C 3 7  ? 16.324  -7.698  2.680   1.00 125.92 ? 7   DT  C "C4'" 1 
ATOM   655 O  "O4'" . DT  C 3 7  ? 16.642  -6.321  2.358   1.00 112.69 ? 7   DT  C "O4'" 1 
ATOM   656 C  "C3'" . DT  C 3 7  ? 14.803  -7.766  2.774   1.00 122.28 ? 7   DT  C "C3'" 1 
ATOM   657 O  "O3'" . DT  C 3 7  ? 14.424  -7.715  4.118   1.00 111.15 ? 7   DT  C "O3'" 1 
ATOM   658 C  "C2'" . DT  C 3 7  ? 14.368  -6.511  2.032   1.00 108.85 ? 7   DT  C "C2'" 1 
ATOM   659 C  "C1'" . DT  C 3 7  ? 15.468  -5.557  2.433   1.00 104.49 ? 7   DT  C "C1'" 1 
ATOM   660 N  N1    . DT  C 3 7  ? 15.602  -4.418  1.531   1.00 103.61 ? 7   DT  C N1    1 
ATOM   661 C  C2    . DT  C 3 7  ? 15.804  -3.170  2.050   1.00 108.97 ? 7   DT  C C2    1 
ATOM   662 O  O2    . DT  C 3 7  ? 15.880  -2.950  3.240   1.00 115.54 ? 7   DT  C O2    1 
ATOM   663 N  N3    . DT  C 3 7  ? 15.924  -2.182  1.122   1.00 106.60 ? 7   DT  C N3    1 
ATOM   664 C  C4    . DT  C 3 7  ? 15.856  -2.321  -0.242  1.00 102.79 ? 7   DT  C C4    1 
ATOM   665 O  O4    . DT  C 3 7  ? 15.975  -1.376  -1.002  1.00 102.67 ? 7   DT  C O4    1 
ATOM   666 C  C5    . DT  C 3 7  ? 15.639  -3.656  -0.713  1.00 102.67 ? 7   DT  C C5    1 
ATOM   667 C  C7    . DT  C 3 7  ? 15.546  -3.925  -2.176  1.00 102.67 ? 7   DT  C C7    1 
ATOM   668 C  C6    . DT  C 3 7  ? 15.524  -4.627  0.185   1.00 102.67 ? 7   DT  C C6    1 
ATOM   669 P  P     . DG  C 3 8  ? 13.038  -8.357  4.590   1.00 125.10 ? 8   DG  C P     1 
ATOM   670 O  OP1   . DG  C 3 8  ? 13.357  -9.616  5.282   1.00 123.48 ? 8   DG  C OP1   1 
ATOM   671 O  OP2   . DG  C 3 8  ? 12.103  -8.366  3.453   1.00 132.81 ? 8   DG  C OP2   1 
ATOM   672 O  "O5'" . DG  C 3 8  ? 12.515  -7.312  5.658   1.00 120.18 ? 8   DG  C "O5'" 1 
ATOM   673 C  "C5'" . DG  C 3 8  ? 13.386  -6.877  6.668   1.00 106.69 ? 8   DG  C "C5'" 1 
ATOM   674 C  "C4'" . DG  C 3 8  ? 13.019  -5.489  7.153   1.00 102.77 ? 8   DG  C "C4'" 1 
ATOM   675 O  "O4'" . DG  C 3 8  ? 13.304  -4.521  6.126   1.00 105.18 ? 8   DG  C "O4'" 1 
ATOM   676 C  "C3'" . DG  C 3 8  ? 11.564  -5.291  7.533   1.00 105.27 ? 8   DG  C "C3'" 1 
ATOM   677 O  "O3'" . DG  C 3 8  ? 11.503  -4.520  8.682   1.00 98.77  ? 8   DG  C "O3'" 1 
ATOM   678 C  "C2'" . DG  C 3 8  ? 10.980  -4.547  6.339   1.00 105.15 ? 8   DG  C "C2'" 1 
ATOM   679 C  "C1'" . DG  C 3 8  ? 12.169  -3.735  5.867   1.00 102.27 ? 8   DG  C "C1'" 1 
ATOM   680 N  N9    . DG  C 3 8  ? 12.171  -3.476  4.443   1.00 98.77  ? 8   DG  C N9    1 
ATOM   681 C  C8    . DG  C 3 8  ? 12.030  -4.397  3.453   1.00 98.77  ? 8   DG  C C8    1 
ATOM   682 N  N7    . DG  C 3 8  ? 12.114  -3.893  2.261   1.00 98.77  ? 8   DG  C N7    1 
ATOM   683 C  C5    . DG  C 3 8  ? 12.333  -2.552  2.480   1.00 98.77  ? 8   DG  C C5    1 
ATOM   684 C  C6    . DG  C 3 8  ? 12.508  -1.512  1.562   1.00 98.85  ? 8   DG  C C6    1 
ATOM   685 O  O6    . DG  C 3 8  ? 12.491  -1.576  0.334   1.00 101.39 ? 8   DG  C O6    1 
ATOM   686 N  N1    . DG  C 3 8  ? 12.706  -0.298  2.190   1.00 101.21 ? 8   DG  C N1    1 
ATOM   687 C  C2    . DG  C 3 8  ? 12.737  -0.115  3.543   1.00 98.77  ? 8   DG  C C2    1 
ATOM   688 N  N2    . DG  C 3 8  ? 12.946  1.133   3.971   1.00 98.77  ? 8   DG  C N2    1 
ATOM   689 N  N3    . DG  C 3 8  ? 12.578  -1.088  4.421   1.00 100.66 ? 8   DG  C N3    1 
ATOM   690 C  C4    . DG  C 3 8  ? 12.383  -2.276  3.818   1.00 98.77  ? 8   DG  C C4    1 
ATOM   691 P  P     . DA  C 3 9  ? 10.158  -4.482  9.531   1.00 102.03 ? 9   DA  C P     1 
ATOM   692 O  OP1   . DA  C 3 9  ? 10.523  -4.417  10.955  1.00 97.13  ? 9   DA  C OP1   1 
ATOM   693 O  OP2   . DA  C 3 9  ? 9.304   -5.568  9.024   1.00 105.39 ? 9   DA  C OP2   1 
ATOM   694 O  "O5'" . DA  C 3 9  ? 9.515   -3.091  9.133   1.00 112.72 ? 9   DA  C "O5'" 1 
ATOM   695 C  "C5'" . DA  C 3 9  ? 10.083  -1.902  9.624   1.00 107.73 ? 9   DA  C "C5'" 1 
ATOM   696 C  "C4'" . DA  C 3 9  ? 9.518   -0.698  8.905   1.00 106.47 ? 9   DA  C "C4'" 1 
ATOM   697 O  "O4'" . DA  C 3 9  ? 9.795   -0.797  7.487   1.00 106.52 ? 9   DA  C "O4'" 1 
ATOM   698 C  "C3'" . DA  C 3 9  ? 8.005   -0.521  9.013   1.00 99.66  ? 9   DA  C "C3'" 1 
ATOM   699 O  "O3'" . DA  C 3 9  ? 7.715   0.832   9.201   1.00 97.13  ? 9   DA  C "O3'" 1 
ATOM   700 C  "C2'" . DA  C 3 9  ? 7.516   -0.978  7.647   1.00 101.77 ? 9   DA  C "C2'" 1 
ATOM   701 C  "C1'" . DA  C 3 9  ? 8.634   -0.448  6.789   1.00 97.49  ? 9   DA  C "C1'" 1 
ATOM   702 N  N9    . DA  C 3 9  ? 8.692   -1.028  5.465   1.00 97.13  ? 9   DA  C N9    1 
ATOM   703 C  C8    . DA  C 3 9  ? 8.455   -2.318  5.116   1.00 97.13  ? 9   DA  C C8    1 
ATOM   704 N  N7    . DA  C 3 9  ? 8.589   -2.551  3.838   1.00 97.13  ? 9   DA  C N7    1 
ATOM   705 C  C5    . DA  C 3 9  ? 8.940   -1.327  3.325   1.00 97.13  ? 9   DA  C C5    1 
ATOM   706 C  C6    . DA  C 3 9  ? 9.226   -0.903  2.031   1.00 99.98  ? 9   DA  C C6    1 
ATOM   707 N  N6    . DA  C 3 9  ? 9.199   -1.712  0.979   1.00 107.95 ? 9   DA  C N6    1 
ATOM   708 N  N1    . DA  C 3 9  ? 9.543   0.392   1.852   1.00 106.35 ? 9   DA  C N1    1 
ATOM   709 C  C2    . DA  C 3 9  ? 9.572   1.200   2.913   1.00 103.43 ? 9   DA  C C2    1 
ATOM   710 N  N3    . DA  C 3 9  ? 9.317   0.908   4.179   1.00 99.96  ? 9   DA  C N3    1 
ATOM   711 C  C4    . DA  C 3 9  ? 9.006   -0.381  4.314   1.00 97.13  ? 9   DA  C C4    1 
ATOM   712 P  P     . DG  D 4 1  ? -13.193 2.965   -10.075 1.00 126.47 ? 10  DG  D P     1 
ATOM   713 O  OP1   . DG  D 4 1  ? -13.805 2.830   -11.401 1.00 118.41 ? 10  DG  D OP1   1 
ATOM   714 O  OP2   . DG  D 4 1  ? -12.967 4.313   -9.543  1.00 123.96 ? 10  DG  D OP2   1 
ATOM   715 O  "O5'" . DG  D 4 1  ? -11.759 2.300   -10.185 1.00 111.54 ? 10  DG  D "O5'" 1 
ATOM   716 C  "C5'" . DG  D 4 1  ? -11.531 1.302   -11.156 1.00 110.82 ? 10  DG  D "C5'" 1 
ATOM   717 C  "C4'" . DG  D 4 1  ? -11.054 0.025   -10.508 1.00 104.99 ? 10  DG  D "C4'" 1 
ATOM   718 O  "O4'" . DG  D 4 1  ? -9.905  0.312   -9.689  1.00 100.15 ? 10  DG  D "O4'" 1 
ATOM   719 C  "C3'" . DG  D 4 1  ? -12.048 -0.610  -9.573  1.00 106.01 ? 10  DG  D "C3'" 1 
ATOM   720 O  "O3'" . DG  D 4 1  ? -12.882 -1.471  -10.297 1.00 112.33 ? 10  DG  D "O3'" 1 
ATOM   721 C  "C2'" . DG  D 4 1  ? -11.143 -1.377  -8.628  1.00 99.20  ? 10  DG  D "C2'" 1 
ATOM   722 C  "C1'" . DG  D 4 1  ? -9.947  -0.451  -8.509  1.00 95.86  ? 10  DG  D "C1'" 1 
ATOM   723 N  N9    . DG  D 4 1  ? -10.018 0.462   -7.382  1.00 95.30  ? 10  DG  D N9    1 
ATOM   724 C  C8    . DG  D 4 1  ? -10.175 1.820   -7.432  1.00 102.86 ? 10  DG  D C8    1 
ATOM   725 N  N7    . DG  D 4 1  ? -10.204 2.382   -6.261  1.00 100.71 ? 10  DG  D N7    1 
ATOM   726 C  C5    . DG  D 4 1  ? -10.053 1.329   -5.379  1.00 90.53  ? 10  DG  D C5    1 
ATOM   727 C  C6    . DG  D 4 1  ? -10.014 1.323   -3.978  1.00 91.10  ? 10  DG  D C6    1 
ATOM   728 O  O6    . DG  D 4 1  ? -10.097 2.279   -3.208  1.00 99.60  ? 10  DG  D O6    1 
ATOM   729 N  N1    . DG  D 4 1  ? -9.847  0.045   -3.472  1.00 93.44  ? 10  DG  D N1    1 
ATOM   730 C  C2    . DG  D 4 1  ? -9.741  -1.087  -4.229  1.00 101.29 ? 10  DG  D C2    1 
ATOM   731 N  N2    . DG  D 4 1  ? -9.585  -2.236  -3.562  1.00 103.90 ? 10  DG  D N2    1 
ATOM   732 N  N3    . DG  D 4 1  ? -9.778  -1.098  -5.548  1.00 97.67  ? 10  DG  D N3    1 
ATOM   733 C  C4    . DG  D 4 1  ? -9.938  0.141   -6.053  1.00 94.03  ? 10  DG  D C4    1 
ATOM   734 P  P     . DG  D 4 2  ? -14.464 -1.410  -10.076 1.00 113.54 ? 11  DG  D P     1 
ATOM   735 O  OP1   . DG  D 4 2  ? -15.112 -2.087  -11.209 1.00 103.57 ? 11  DG  D OP1   1 
ATOM   736 O  OP2   . DG  D 4 2  ? -14.806 -0.014  -9.759  1.00 116.58 ? 11  DG  D OP2   1 
ATOM   737 O  "O5'" . DG  D 4 2  ? -14.693 -2.288  -8.774  1.00 103.51 ? 11  DG  D "O5'" 1 
ATOM   738 C  "C5'" . DG  D 4 2  ? -14.431 -3.661  -8.817  1.00 108.68 ? 11  DG  D "C5'" 1 
ATOM   739 C  "C4'" . DG  D 4 2  ? -14.034 -4.173  -7.453  1.00 112.13 ? 11  DG  D "C4'" 1 
ATOM   740 O  "O4'" . DG  D 4 2  ? -13.072 -3.277  -6.886  1.00 105.21 ? 11  DG  D "O4'" 1 
ATOM   741 C  "C3'" . DG  D 4 2  ? -15.155 -4.231  -6.438  1.00 109.25 ? 11  DG  D "C3'" 1 
ATOM   742 O  "O3'" . DG  D 4 2  ? -15.809 -5.484  -6.526  1.00 108.60 ? 11  DG  D "O3'" 1 
ATOM   743 C  "C2'" . DG  D 4 2  ? -14.407 -4.097  -5.117  1.00 107.49 ? 11  DG  D "C2'" 1 
ATOM   744 C  "C1'" . DG  D 4 2  ? -13.184 -3.271  -5.487  1.00 97.66  ? 11  DG  D "C1'" 1 
ATOM   745 N  N9    . DG  D 4 2  ? -13.248 -1.891  -5.045  1.00 91.38  ? 11  DG  D N9    1 
ATOM   746 C  C8    . DG  D 4 2  ? -13.363 -0.784  -5.833  1.00 95.69  ? 11  DG  D C8    1 
ATOM   747 N  N7    . DG  D 4 2  ? -13.384 0.323   -5.160  1.00 93.24  ? 11  DG  D N7    1 
ATOM   748 C  C5    . DG  D 4 2  ? -13.275 -0.081  -3.846  1.00 90.40  ? 11  DG  D C5    1 
ATOM   749 C  C6    . DG  D 4 2  ? -13.246 0.683   -2.669  1.00 94.78  ? 11  DG  D C6    1 
ATOM   750 O  O6    . DG  D 4 2  ? -13.308 1.908   -2.550  1.00 102.10 ? 11  DG  D O6    1 
ATOM   751 N  N1    . DG  D 4 2  ? -13.127 -0.112  -1.545  1.00 93.62  ? 11  DG  D N1    1 
ATOM   752 C  C2    . DG  D 4 2  ? -13.044 -1.473  -1.561  1.00 95.81  ? 11  DG  D C2    1 
ATOM   753 N  N2    . DG  D 4 2  ? -12.930 -2.077  -0.375  1.00 100.29 ? 11  DG  D N2    1 
ATOM   754 N  N3    . DG  D 4 2  ? -13.071 -2.200  -2.661  1.00 90.40  ? 11  DG  D N3    1 
ATOM   755 C  C4    . DG  D 4 2  ? -13.190 -1.437  -3.761  1.00 90.40  ? 11  DG  D C4    1 
ATOM   756 P  P     . DT  D 4 3  ? -17.306 -5.654  -5.983  1.00 129.23 ? 12  DT  D P     1 
ATOM   757 O  OP1   . DT  D 4 3  ? -17.798 -6.969  -6.430  1.00 113.46 ? 12  DT  D OP1   1 
ATOM   758 O  OP2   . DT  D 4 3  ? -18.049 -4.430  -6.323  1.00 124.19 ? 12  DT  D OP2   1 
ATOM   759 O  "O5'" . DT  D 4 3  ? -17.140 -5.693  -4.403  1.00 98.63  ? 12  DT  D "O5'" 1 
ATOM   760 C  "C5'" . DT  D 4 3  ? -16.504 -6.789  -3.790  1.00 100.58 ? 12  DT  D "C5'" 1 
ATOM   761 C  "C4'" . DT  D 4 3  ? -16.288 -6.525  -2.319  1.00 108.13 ? 12  DT  D "C4'" 1 
ATOM   762 O  "O4'" . DT  D 4 3  ? -15.773 -5.181  -2.147  1.00 102.50 ? 12  DT  D "O4'" 1 
ATOM   763 C  "C3'" . DT  D 4 3  ? -17.548 -6.598  -1.458  1.00 109.15 ? 12  DT  D "C3'" 1 
ATOM   764 O  "O3'" . DT  D 4 3  ? -17.235 -7.158  -0.206  1.00 113.85 ? 12  DT  D "O3'" 1 
ATOM   765 C  "C2'" . DT  D 4 3  ? -17.925 -5.137  -1.318  1.00 107.40 ? 12  DT  D "C2'" 1 
ATOM   766 C  "C1'" . DT  D 4 3  ? -16.556 -4.513  -1.192  1.00 103.89 ? 12  DT  D "C1'" 1 
ATOM   767 N  N1    . DT  D 4 3  ? -16.556 -3.083  -1.500  1.00 93.81  ? 12  DT  D N1    1 
ATOM   768 C  C2    . DT  D 4 3  ? -16.422 -2.177  -0.487  1.00 99.08  ? 12  DT  D C2    1 
ATOM   769 O  O2    . DT  D 4 3  ? -16.285 -2.496  0.672   1.00 106.11 ? 12  DT  D O2    1 
ATOM   770 N  N3    . DT  D 4 3  ? -16.453 -0.875  -0.882  1.00 94.61  ? 12  DT  D N3    1 
ATOM   771 C  C4    . DT  D 4 3  ? -16.600 -0.404  -2.164  1.00 93.13  ? 12  DT  D C4    1 
ATOM   772 O  O4    . DT  D 4 3  ? -16.617 0.787   -2.428  1.00 92.70  ? 12  DT  D O4    1 
ATOM   773 C  C5    . DT  D 4 3  ? -16.744 -1.412  -3.175  1.00 93.26  ? 12  DT  D C5    1 
ATOM   774 C  C7    . DT  D 4 3  ? -16.918 -1.025  -4.608  1.00 94.29  ? 12  DT  D C7    1 
ATOM   775 C  C6    . DT  D 4 3  ? -16.723 -2.688  -2.796  1.00 94.97  ? 12  DT  D C6    1 
ATOM   776 P  P     . DC  D 4 4  ? -18.379 -7.808  0.709   1.00 133.10 ? 13  DC  D P     1 
ATOM   777 O  OP1   . DC  D 4 4  ? -18.084 -9.249  0.791   1.00 137.25 ? 13  DC  D OP1   1 
ATOM   778 O  OP2   . DC  D 4 4  ? -19.695 -7.370  0.213   1.00 115.87 ? 13  DC  D OP2   1 
ATOM   779 O  "O5'" . DC  D 4 4  ? -18.149 -7.144  2.140   1.00 112.16 ? 13  DC  D "O5'" 1 
ATOM   780 C  "C5'" . DC  D 4 4  ? -17.783 -5.797  2.216   1.00 102.72 ? 13  DC  D "C5'" 1 
ATOM   781 C  "C4'" . DC  D 4 4  ? -17.800 -5.286  3.633   1.00 110.43 ? 13  DC  D "C4'" 1 
ATOM   782 O  "O4'" . DC  D 4 4  ? -17.656 -3.848  3.605   1.00 115.35 ? 13  DC  D "O4'" 1 
ATOM   783 C  "C3'" . DC  D 4 4  ? -19.089 -5.514  4.383   1.00 116.38 ? 13  DC  D "C3'" 1 
ATOM   784 O  "O3'" . DC  D 4 4  ? -18.847 -5.393  5.773   1.00 112.04 ? 13  DC  D "O3'" 1 
ATOM   785 C  "C2'" . DC  D 4 4  ? -19.938 -4.365  3.863   1.00 115.61 ? 13  DC  D "C2'" 1 
ATOM   786 C  "C1'" . DC  D 4 4  ? -18.919 -3.235  3.786   1.00 109.07 ? 13  DC  D "C1'" 1 
ATOM   787 N  N1    . DC  D 4 4  ? -19.153 -2.318  2.650   1.00 102.08 ? 13  DC  D N1    1 
ATOM   788 C  C2    . DC  D 4 4  ? -19.004 -0.943  2.815   1.00 107.52 ? 13  DC  D C2    1 
ATOM   789 O  O2    . DC  D 4 4  ? -18.673 -0.496  3.915   1.00 110.33 ? 13  DC  D O2    1 
ATOM   790 N  N3    . DC  D 4 4  ? -19.219 -0.135  1.752   1.00 104.10 ? 13  DC  D N3    1 
ATOM   791 C  C4    . DC  D 4 4  ? -19.570 -0.652  0.583   1.00 103.47 ? 13  DC  D C4    1 
ATOM   792 N  N4    . DC  D 4 4  ? -19.776 0.177   -0.435  1.00 104.77 ? 13  DC  D N4    1 
ATOM   793 C  C5    . DC  D 4 4  ? -19.733 -2.045  0.402   1.00 100.85 ? 13  DC  D C5    1 
ATOM   794 C  C6    . DC  D 4 4  ? -19.514 -2.830  1.450   1.00 104.98 ? 13  DC  D C6    1 
ATOM   795 P  P     . DT  D 4 5  ? -20.046 -5.498  6.834   1.00 125.86 ? 14  DT  D P     1 
ATOM   796 O  OP1   . DT  D 4 5  ? -19.451 -5.975  8.094   1.00 119.48 ? 14  DT  D OP1   1 
ATOM   797 O  OP2   . DT  D 4 5  ? -21.165 -6.242  6.224   1.00 124.90 ? 14  DT  D OP2   1 
ATOM   798 O  "O5'" . DT  D 4 5  ? -20.489 -3.986  7.066   1.00 118.34 ? 14  DT  D "O5'" 1 
ATOM   799 C  "C5'" . DT  D 4 5  ? -19.523 -3.045  7.485   1.00 111.96 ? 14  DT  D "C5'" 1 
ATOM   800 C  "C4'" . DT  D 4 5  ? -20.154 -1.746  7.969   1.00 109.72 ? 14  DT  D "C4'" 1 
ATOM   801 O  "O4'" . DT  D 4 5  ? -20.329 -0.827  6.866   1.00 113.47 ? 14  DT  D "O4'" 1 
ATOM   802 C  "C3'" . DT  D 4 5  ? -21.512 -1.863  8.633   1.00 113.30 ? 14  DT  D "C3'" 1 
ATOM   803 O  "O3'" . DT  D 4 5  ? -21.566 -0.953  9.690   1.00 111.55 ? 14  DT  D "O3'" 1 
ATOM   804 C  "C2'" . DT  D 4 5  ? -22.469 -1.457  7.517   1.00 119.30 ? 14  DT  D "C2'" 1 
ATOM   805 C  "C1'" . DT  D 4 5  ? -21.664 -0.380  6.821   1.00 110.58 ? 14  DT  D "C1'" 1 
ATOM   806 N  N1    . DT  D 4 5  ? -22.000 -0.199  5.402   1.00 108.86 ? 14  DT  D N1    1 
ATOM   807 C  C2    . DT  D 4 5  ? -21.936 1.052   4.860   1.00 116.47 ? 14  DT  D C2    1 
ATOM   808 O  O2    . DT  D 4 5  ? -21.653 2.040   5.507   1.00 122.22 ? 14  DT  D O2    1 
ATOM   809 N  N3    . DT  D 4 5  ? -22.229 1.112   3.525   1.00 113.88 ? 14  DT  D N3    1 
ATOM   810 C  C4    . DT  D 4 5  ? -22.557 0.057   2.703   1.00 112.65 ? 14  DT  D C4    1 
ATOM   811 O  O4    . DT  D 4 5  ? -22.807 0.204   1.518   1.00 116.00 ? 14  DT  D O4    1 
ATOM   812 C  C5    . DT  D 4 5  ? -22.592 -1.230  3.337   1.00 102.18 ? 14  DT  D C5    1 
ATOM   813 C  C7    . DT  D 4 5  ? -22.943 -2.449  2.543   1.00 91.72  ? 14  DT  D C7    1 
ATOM   814 C  C6    . DT  D 4 5  ? -22.305 -1.296  4.639   1.00 102.08 ? 14  DT  D C6    1 
ATOM   815 P  P     . DG  D 4 6  ? -22.393 -1.305  11.008  1.00 111.29 ? 15  DG  D P     1 
ATOM   816 O  OP1   . DG  D 4 6  ? -21.482 -1.244  12.162  1.00 122.74 ? 15  DG  D OP1   1 
ATOM   817 O  OP2   . DG  D 4 6  ? -23.148 -2.534  10.720  1.00 115.96 ? 15  DG  D OP2   1 
ATOM   818 O  "O5'" . DG  D 4 6  ? -23.422 -0.107  11.123  1.00 116.74 ? 15  DG  D "O5'" 1 
ATOM   819 C  "C5'" . DG  D 4 6  ? -22.991 1.210   10.893  1.00 112.49 ? 15  DG  D "C5'" 1 
ATOM   820 C  "C4'" . DG  D 4 6  ? -24.142 2.030   10.376  1.00 118.66 ? 15  DG  D "C4'" 1 
ATOM   821 O  "O4'" . DG  D 4 6  ? -24.145 1.976   8.950   1.00 124.95 ? 15  DG  D "O4'" 1 
ATOM   822 C  "C3'" . DG  D 4 6  ? -25.491 1.493   10.793  1.00 116.67 ? 15  DG  D "C3'" 1 
ATOM   823 O  "O3'" . DG  D 4 6  ? -25.987 2.106   12.025  1.00 123.54 ? 15  DG  D "O3'" 1 
ATOM   824 C  "C2'" . DG  D 4 6  ? -26.405 1.729   9.586   1.00 123.85 ? 15  DG  D "C2'" 1 
ATOM   825 C  "C1'" . DG  D 4 6  ? -25.451 2.171   8.480   1.00 119.87 ? 15  DG  D "C1'" 1 
ATOM   826 N  N9    . DG  D 4 6  ? -25.593 1.411   7.248   1.00 118.02 ? 15  DG  D N9    1 
ATOM   827 C  C8    . DG  D 4 6  ? -25.832 0.069   7.127   1.00 113.47 ? 15  DG  D C8    1 
ATOM   828 N  N7    . DG  D 4 6  ? -25.890 -0.338  5.895   1.00 112.33 ? 15  DG  D N7    1 
ATOM   829 C  C5    . DG  D 4 6  ? -25.664 0.806   5.151   1.00 117.07 ? 15  DG  D C5    1 
ATOM   830 C  C6    . DG  D 4 6  ? -25.616 0.986   3.755   1.00 116.41 ? 15  DG  D C6    1 
ATOM   831 O  O6    . DG  D 4 6  ? -25.756 0.138   2.868   1.00 109.87 ? 15  DG  D O6    1 
ATOM   832 N  N1    . DG  D 4 6  ? -25.369 2.308   3.417   1.00 118.04 ? 15  DG  D N1    1 
ATOM   833 C  C2    . DG  D 4 6  ? -25.198 3.326   4.317   1.00 116.58 ? 15  DG  D C2    1 
ATOM   834 N  N2    . DG  D 4 6  ? -24.974 4.542   3.809   1.00 117.74 ? 15  DG  D N2    1 
ATOM   835 N  N3    . DG  D 4 6  ? -25.242 3.169   5.627   1.00 116.59 ? 15  DG  D N3    1 
ATOM   836 C  C4    . DG  D 4 6  ? -25.485 1.890   5.970   1.00 116.06 ? 15  DG  D C4    1 
ATOM   837 P  P     . DC  D 4 7  ? -25.746 3.644   12.447  1.00 132.21 ? 16  DC  D P     1 
ATOM   838 O  OP1   . DC  D 4 7  ? -24.374 3.923   12.915  1.00 128.65 ? 16  DC  D OP1   1 
ATOM   839 O  OP2   . DC  D 4 7  ? -26.823 3.897   13.419  1.00 134.79 ? 16  DC  D OP2   1 
ATOM   840 O  "O5'" . DC  D 4 7  ? -26.158 4.508   11.173  1.00 132.38 ? 16  DC  D "O5'" 1 
ATOM   841 C  "C5'" . DC  D 4 7  ? -27.513 4.914   11.023  1.00 132.82 ? 16  DC  D "C5'" 1 
ATOM   842 C  "C4'" . DC  D 4 7  ? -27.741 5.655   9.717   1.00 140.88 ? 16  DC  D "C4'" 1 
ATOM   843 O  "O4'" . DC  D 4 7  ? -27.501 4.767   8.590   1.00 140.01 ? 16  DC  D "O4'" 1 
ATOM   844 C  "C3'" . DC  D 4 7  ? -29.171 6.185   9.528   1.00 142.95 ? 16  DC  D "C3'" 1 
ATOM   845 O  "O3'" . DC  D 4 7  ? -29.132 7.514   9.042   1.00 148.65 ? 16  DC  D "O3'" 1 
ATOM   846 C  "C2'" . DC  D 4 7  ? -29.759 5.233   8.491   1.00 136.60 ? 16  DC  D "C2'" 1 
ATOM   847 C  "C1'" . DC  D 4 7  ? -28.530 4.960   7.653   1.00 131.93 ? 16  DC  D "C1'" 1 
ATOM   848 N  N1    . DC  D 4 7  ? -28.646 3.768   6.793   1.00 121.61 ? 16  DC  D N1    1 
ATOM   849 C  C2    . DC  D 4 7  ? -28.358 3.875   5.435   1.00 127.22 ? 16  DC  D C2    1 
ATOM   850 O  O2    . DC  D 4 7  ? -27.995 4.964   4.984   1.00 135.21 ? 16  DC  D O2    1 
ATOM   851 N  N3    . DC  D 4 7  ? -28.472 2.781   4.652   1.00 122.90 ? 16  DC  D N3    1 
ATOM   852 C  C4    . DC  D 4 7  ? -28.866 1.632   5.177   1.00 114.55 ? 16  DC  D C4    1 
ATOM   853 N  N4    . DC  D 4 7  ? -28.965 0.582   4.368   1.00 107.18 ? 16  DC  D N4    1 
ATOM   854 C  C5    . DC  D 4 7  ? -29.168 1.504   6.559   1.00 111.11 ? 16  DC  D C5    1 
ATOM   855 C  C6    . DC  D 4 7  ? -29.052 2.591   7.322   1.00 114.26 ? 16  DC  D C6    1 
HETATM 856 AS AS    . CAC E 5 .  ? 0.071   -1.993  2.785   1.00 232.51 ? 101 CAC B AS    1 
HETATM 857 AS AS    . CAC F 5 .  ? -14.295 4.520   -5.594  1.00 134.79 ? 101 CAC D AS    1 
# 
loop_
_pdbx_poly_seq_scheme.asym_id 
_pdbx_poly_seq_scheme.entity_id 
_pdbx_poly_seq_scheme.seq_id 
_pdbx_poly_seq_scheme.mon_id 
_pdbx_poly_seq_scheme.ndb_seq_num 
_pdbx_poly_seq_scheme.pdb_seq_num 
_pdbx_poly_seq_scheme.auth_seq_num 
_pdbx_poly_seq_scheme.pdb_mon_id 
_pdbx_poly_seq_scheme.auth_mon_id 
_pdbx_poly_seq_scheme.pdb_strand_id 
_pdbx_poly_seq_scheme.pdb_ins_code 
_pdbx_poly_seq_scheme.hetero 
A 1 1  DG 1  1  1  DG DG A . n 
A 1 2  DA 2  2  2  DA DA A . n 
A 1 3  DG 3  3  3  DG DG A . n 
A 1 4  DC 4  4  4  DC DC A . n 
A 1 5  DA 5  5  5  DA DA A . n 
A 1 6  DG 6  6  6  DG DG A . n 
A 1 7  DA 7  7  7  DA DA A . n 
A 1 8  DC 8  8  8  DC DC A . n 
A 1 9  DC 9  9  9  DC DC A . n 
A 1 10 DA 10 10 10 DA DA A . n 
A 1 11 DG 11 11 11 DG DG A . n 
A 1 12 DA 12 12 12 DA DA A . n 
A 1 13 DC 13 13 13 DC DC A . n 
A 1 14 DG 14 14 14 DG DG A . n 
A 1 15 DT 15 15 15 DT DT A . n 
A 1 16 DC 16 16 16 DC DC A . n 
A 1 17 DA 17 17 17 DA DA A . n 
A 1 18 DC 18 18 18 DC DC A . n 
A 1 19 DT 19 19 19 DT DT A . n 
A 1 20 DC 20 20 20 DC DC A . n 
A 1 21 DA 21 21 21 DA DA A . n 
B 2 1  DC 1  1  1  DC DC B . n 
B 2 2  DG 2  2  2  DG DG B . n 
B 2 3  DT 3  3  3  DT DT B . n 
B 2 4  DC 4  4  4  DC DC B . n 
B 2 5  DT 5  5  5  DT DT B . n 
C 3 1  DT 1  1  1  DT DT C . n 
C 3 2  DC 2  2  2  DC DC C . n 
C 3 3  DT 3  3  3  DT DT C . n 
C 3 4  DG 4  4  4  DG DG C . n 
C 3 5  DA 5  5  5  DA DA C . n 
C 3 6  DG 6  6  6  DG DG C . n 
C 3 7  DT 7  7  7  DT DT C . n 
C 3 8  DG 8  8  8  DG DG C . n 
C 3 9  DA 9  9  9  DA DA C . n 
D 4 1  DG 1  10 10 DG DG D . n 
D 4 2  DG 2  11 11 DG DG D . n 
D 4 3  DT 3  12 12 DT DT D . n 
D 4 4  DC 4  13 13 DC DC D . n 
D 4 5  DT 5  14 14 DT DT D . n 
D 4 6  DG 6  15 15 DG DG D . n 
D 4 7  DC 7  16 16 DC DC D . n 
# 
loop_
_pdbx_nonpoly_scheme.asym_id 
_pdbx_nonpoly_scheme.entity_id 
_pdbx_nonpoly_scheme.mon_id 
_pdbx_nonpoly_scheme.ndb_seq_num 
_pdbx_nonpoly_scheme.pdb_seq_num 
_pdbx_nonpoly_scheme.auth_seq_num 
_pdbx_nonpoly_scheme.pdb_mon_id 
_pdbx_nonpoly_scheme.auth_mon_id 
_pdbx_nonpoly_scheme.pdb_strand_id 
_pdbx_nonpoly_scheme.pdb_ins_code 
E 5 CAC 1 101 1 CAC AS B . 
F 5 CAC 1 101 2 CAC AS D . 
# 
_pdbx_struct_assembly.id                   1 
_pdbx_struct_assembly.details              author_and_software_defined_assembly 
_pdbx_struct_assembly.method_details       PISA 
_pdbx_struct_assembly.oligomeric_details   tetrameric 
_pdbx_struct_assembly.oligomeric_count     4 
# 
_pdbx_struct_assembly_gen.assembly_id       1 
_pdbx_struct_assembly_gen.oper_expression   1 
_pdbx_struct_assembly_gen.asym_id_list      A,B,C,D,E,F 
# 
loop_
_pdbx_struct_assembly_prop.biol_id 
_pdbx_struct_assembly_prop.type 
_pdbx_struct_assembly_prop.value 
_pdbx_struct_assembly_prop.details 
1 'ABSA (A^2)' 2470 ? 
1 MORE         -12  ? 
1 'SSA (A^2)'  7830 ? 
# 
_pdbx_struct_oper_list.id                   1 
_pdbx_struct_oper_list.type                 'identity operation' 
_pdbx_struct_oper_list.name                 1_555 
_pdbx_struct_oper_list.symmetry_operation   x,y,z 
_pdbx_struct_oper_list.matrix[1][1]         1.0000000000 
_pdbx_struct_oper_list.matrix[1][2]         0.0000000000 
_pdbx_struct_oper_list.matrix[1][3]         0.0000000000 
_pdbx_struct_oper_list.vector[1]            0.0000000000 
_pdbx_struct_oper_list.matrix[2][1]         0.0000000000 
_pdbx_struct_oper_list.matrix[2][2]         1.0000000000 
_pdbx_struct_oper_list.matrix[2][3]         0.0000000000 
_pdbx_struct_oper_list.vector[2]            0.0000000000 
_pdbx_struct_oper_list.matrix[3][1]         0.0000000000 
_pdbx_struct_oper_list.matrix[3][2]         0.0000000000 
_pdbx_struct_oper_list.matrix[3][3]         1.0000000000 
_pdbx_struct_oper_list.vector[3]            0.0000000000 
# 
loop_
_pdbx_audit_revision_history.ordinal 
_pdbx_audit_revision_history.data_content_type 
_pdbx_audit_revision_history.major_revision 
_pdbx_audit_revision_history.minor_revision 
_pdbx_audit_revision_history.revision_date 
1 'Structure model' 1 0 2021-07-14 
2 'Structure model' 1 1 2022-07-06 
3 'Structure model' 1 2 2023-10-18 
# 
_pdbx_audit_revision_details.ordinal             1 
_pdbx_audit_revision_details.revision_ordinal    1 
_pdbx_audit_revision_details.data_content_type   'Structure model' 
_pdbx_audit_revision_details.provider            repository 
_pdbx_audit_revision_details.type                'Initial release' 
_pdbx_audit_revision_details.description         ? 
_pdbx_audit_revision_details.details             ? 
# 
loop_
_pdbx_audit_revision_group.ordinal 
_pdbx_audit_revision_group.revision_ordinal 
_pdbx_audit_revision_group.data_content_type 
_pdbx_audit_revision_group.group 
1 2 'Structure model' 'Database references'    
2 3 'Structure model' 'Data collection'        
3 3 'Structure model' 'Refinement description' 
# 
loop_
_pdbx_audit_revision_category.ordinal 
_pdbx_audit_revision_category.revision_ordinal 
_pdbx_audit_revision_category.data_content_type 
_pdbx_audit_revision_category.category 
1 2 'Structure model' citation                      
2 2 'Structure model' citation_author               
3 2 'Structure model' database_2                    
4 3 'Structure model' chem_comp_atom                
5 3 'Structure model' chem_comp_bond                
6 3 'Structure model' pdbx_initial_refinement_model 
# 
loop_
_pdbx_audit_revision_item.ordinal 
_pdbx_audit_revision_item.revision_ordinal 
_pdbx_audit_revision_item.data_content_type 
_pdbx_audit_revision_item.item 
1  2 'Structure model' '_citation.country'                   
2  2 'Structure model' '_citation.journal_abbrev'            
3  2 'Structure model' '_citation.journal_id_CSD'            
4  2 'Structure model' '_citation.journal_id_ISSN'           
5  2 'Structure model' '_citation.journal_volume'            
6  2 'Structure model' '_citation.page_first'                
7  2 'Structure model' '_citation.page_last'                 
8  2 'Structure model' '_citation.pdbx_database_id_DOI'      
9  2 'Structure model' '_citation.pdbx_database_id_PubMed'   
10 2 'Structure model' '_citation.title'                     
11 2 'Structure model' '_citation.year'                      
12 2 'Structure model' '_database_2.pdbx_DOI'                
13 2 'Structure model' '_database_2.pdbx_database_accession' 
# 
loop_
_software.citation_id 
_software.classification 
_software.compiler_name 
_software.compiler_version 
_software.contact_author 
_software.contact_author_email 
_software.date 
_software.description 
_software.dependencies 
_software.hardware 
_software.language 
_software.location 
_software.mods 
_software.name 
_software.os 
_software.os_version 
_software.type 
_software.version 
_software.pdbx_ordinal 
? 'data reduction'  ? ? ? ? ? ? ? ? ? ? ? HKL-2000    ? ? ? .           1 
? 'data scaling'    ? ? ? ? ? ? ? ? ? ? ? HKL-2000    ? ? ? .           2 
? refinement        ? ? ? ? ? ? ? ? ? ? ? PHENIX      ? ? ? 1.11.1_2575 3 
? 'data extraction' ? ? ? ? ? ? ? ? ? ? ? PDB_EXTRACT ? ? ? 3.25        4 
? phasing           ? ? ? ? ? ? ? ? ? ? ? PHASER      ? ? ? .           5 
# 
_pdbx_entry_details.entry_id                 6WSN 
_pdbx_entry_details.has_ligand_of_interest   N 
_pdbx_entry_details.compound_details         ? 
_pdbx_entry_details.source_details           ? 
_pdbx_entry_details.nonpolymer_details       ? 
_pdbx_entry_details.sequence_details         ? 
# 
loop_
_pdbx_unobs_or_zero_occ_atoms.id 
_pdbx_unobs_or_zero_occ_atoms.PDB_model_num 
_pdbx_unobs_or_zero_occ_atoms.polymer_flag 
_pdbx_unobs_or_zero_occ_atoms.occupancy_flag 
_pdbx_unobs_or_zero_occ_atoms.auth_asym_id 
_pdbx_unobs_or_zero_occ_atoms.auth_comp_id 
_pdbx_unobs_or_zero_occ_atoms.auth_seq_id 
_pdbx_unobs_or_zero_occ_atoms.PDB_ins_code 
_pdbx_unobs_or_zero_occ_atoms.auth_atom_id 
_pdbx_unobs_or_zero_occ_atoms.label_alt_id 
_pdbx_unobs_or_zero_occ_atoms.label_asym_id 
_pdbx_unobs_or_zero_occ_atoms.label_comp_id 
_pdbx_unobs_or_zero_occ_atoms.label_seq_id 
_pdbx_unobs_or_zero_occ_atoms.label_atom_id 
1 1 N 1 B CAC 101 ? O1 ? E CAC 1 O1 
2 1 N 1 B CAC 101 ? O2 ? E CAC 1 O2 
3 1 N 1 B CAC 101 ? C1 ? E CAC 1 C1 
4 1 N 1 B CAC 101 ? C2 ? E CAC 1 C2 
5 1 N 1 D CAC 101 ? O1 ? F CAC 1 O1 
6 1 N 1 D CAC 101 ? O2 ? F CAC 1 O2 
7 1 N 1 D CAC 101 ? C1 ? F CAC 1 C1 
8 1 N 1 D CAC 101 ? C2 ? F CAC 1 C2 
# 
loop_
_chem_comp_atom.comp_id 
_chem_comp_atom.atom_id 
_chem_comp_atom.type_symbol 
_chem_comp_atom.pdbx_aromatic_flag 
_chem_comp_atom.pdbx_stereo_config 
_chem_comp_atom.pdbx_ordinal 
CAC AS     AS N N 1   
CAC O1     O  N N 2   
CAC O2     O  N N 3   
CAC C1     C  N N 4   
CAC C2     C  N N 5   
CAC H11    H  N N 6   
CAC H12    H  N N 7   
CAC H13    H  N N 8   
CAC H21    H  N N 9   
CAC H22    H  N N 10  
CAC H23    H  N N 11  
DA  OP3    O  N N 12  
DA  P      P  N N 13  
DA  OP1    O  N N 14  
DA  OP2    O  N N 15  
DA  "O5'"  O  N N 16  
DA  "C5'"  C  N N 17  
DA  "C4'"  C  N R 18  
DA  "O4'"  O  N N 19  
DA  "C3'"  C  N S 20  
DA  "O3'"  O  N N 21  
DA  "C2'"  C  N N 22  
DA  "C1'"  C  N R 23  
DA  N9     N  Y N 24  
DA  C8     C  Y N 25  
DA  N7     N  Y N 26  
DA  C5     C  Y N 27  
DA  C6     C  Y N 28  
DA  N6     N  N N 29  
DA  N1     N  Y N 30  
DA  C2     C  Y N 31  
DA  N3     N  Y N 32  
DA  C4     C  Y N 33  
DA  HOP3   H  N N 34  
DA  HOP2   H  N N 35  
DA  "H5'"  H  N N 36  
DA  "H5''" H  N N 37  
DA  "H4'"  H  N N 38  
DA  "H3'"  H  N N 39  
DA  "HO3'" H  N N 40  
DA  "H2'"  H  N N 41  
DA  "H2''" H  N N 42  
DA  "H1'"  H  N N 43  
DA  H8     H  N N 44  
DA  H61    H  N N 45  
DA  H62    H  N N 46  
DA  H2     H  N N 47  
DC  OP3    O  N N 48  
DC  P      P  N N 49  
DC  OP1    O  N N 50  
DC  OP2    O  N N 51  
DC  "O5'"  O  N N 52  
DC  "C5'"  C  N N 53  
DC  "C4'"  C  N R 54  
DC  "O4'"  O  N N 55  
DC  "C3'"  C  N S 56  
DC  "O3'"  O  N N 57  
DC  "C2'"  C  N N 58  
DC  "C1'"  C  N R 59  
DC  N1     N  N N 60  
DC  C2     C  N N 61  
DC  O2     O  N N 62  
DC  N3     N  N N 63  
DC  C4     C  N N 64  
DC  N4     N  N N 65  
DC  C5     C  N N 66  
DC  C6     C  N N 67  
DC  HOP3   H  N N 68  
DC  HOP2   H  N N 69  
DC  "H5'"  H  N N 70  
DC  "H5''" H  N N 71  
DC  "H4'"  H  N N 72  
DC  "H3'"  H  N N 73  
DC  "HO3'" H  N N 74  
DC  "H2'"  H  N N 75  
DC  "H2''" H  N N 76  
DC  "H1'"  H  N N 77  
DC  H41    H  N N 78  
DC  H42    H  N N 79  
DC  H5     H  N N 80  
DC  H6     H  N N 81  
DG  OP3    O  N N 82  
DG  P      P  N N 83  
DG  OP1    O  N N 84  
DG  OP2    O  N N 85  
DG  "O5'"  O  N N 86  
DG  "C5'"  C  N N 87  
DG  "C4'"  C  N R 88  
DG  "O4'"  O  N N 89  
DG  "C3'"  C  N S 90  
DG  "O3'"  O  N N 91  
DG  "C2'"  C  N N 92  
DG  "C1'"  C  N R 93  
DG  N9     N  Y N 94  
DG  C8     C  Y N 95  
DG  N7     N  Y N 96  
DG  C5     C  Y N 97  
DG  C6     C  N N 98  
DG  O6     O  N N 99  
DG  N1     N  N N 100 
DG  C2     C  N N 101 
DG  N2     N  N N 102 
DG  N3     N  N N 103 
DG  C4     C  Y N 104 
DG  HOP3   H  N N 105 
DG  HOP2   H  N N 106 
DG  "H5'"  H  N N 107 
DG  "H5''" H  N N 108 
DG  "H4'"  H  N N 109 
DG  "H3'"  H  N N 110 
DG  "HO3'" H  N N 111 
DG  "H2'"  H  N N 112 
DG  "H2''" H  N N 113 
DG  "H1'"  H  N N 114 
DG  H8     H  N N 115 
DG  H1     H  N N 116 
DG  H21    H  N N 117 
DG  H22    H  N N 118 
DT  OP3    O  N N 119 
DT  P      P  N N 120 
DT  OP1    O  N N 121 
DT  OP2    O  N N 122 
DT  "O5'"  O  N N 123 
DT  "C5'"  C  N N 124 
DT  "C4'"  C  N R 125 
DT  "O4'"  O  N N 126 
DT  "C3'"  C  N S 127 
DT  "O3'"  O  N N 128 
DT  "C2'"  C  N N 129 
DT  "C1'"  C  N R 130 
DT  N1     N  N N 131 
DT  C2     C  N N 132 
DT  O2     O  N N 133 
DT  N3     N  N N 134 
DT  C4     C  N N 135 
DT  O4     O  N N 136 
DT  C5     C  N N 137 
DT  C7     C  N N 138 
DT  C6     C  N N 139 
DT  HOP3   H  N N 140 
DT  HOP2   H  N N 141 
DT  "H5'"  H  N N 142 
DT  "H5''" H  N N 143 
DT  "H4'"  H  N N 144 
DT  "H3'"  H  N N 145 
DT  "HO3'" H  N N 146 
DT  "H2'"  H  N N 147 
DT  "H2''" H  N N 148 
DT  "H1'"  H  N N 149 
DT  H3     H  N N 150 
DT  H71    H  N N 151 
DT  H72    H  N N 152 
DT  H73    H  N N 153 
DT  H6     H  N N 154 
# 
loop_
_chem_comp_bond.comp_id 
_chem_comp_bond.atom_id_1 
_chem_comp_bond.atom_id_2 
_chem_comp_bond.value_order 
_chem_comp_bond.pdbx_aromatic_flag 
_chem_comp_bond.pdbx_stereo_config 
_chem_comp_bond.pdbx_ordinal 
CAC AS    O1     doub N N 1   
CAC AS    O2     sing N N 2   
CAC AS    C1     sing N N 3   
CAC AS    C2     sing N N 4   
CAC C1    H11    sing N N 5   
CAC C1    H12    sing N N 6   
CAC C1    H13    sing N N 7   
CAC C2    H21    sing N N 8   
CAC C2    H22    sing N N 9   
CAC C2    H23    sing N N 10  
DA  OP3   P      sing N N 11  
DA  OP3   HOP3   sing N N 12  
DA  P     OP1    doub N N 13  
DA  P     OP2    sing N N 14  
DA  P     "O5'"  sing N N 15  
DA  OP2   HOP2   sing N N 16  
DA  "O5'" "C5'"  sing N N 17  
DA  "C5'" "C4'"  sing N N 18  
DA  "C5'" "H5'"  sing N N 19  
DA  "C5'" "H5''" sing N N 20  
DA  "C4'" "O4'"  sing N N 21  
DA  "C4'" "C3'"  sing N N 22  
DA  "C4'" "H4'"  sing N N 23  
DA  "O4'" "C1'"  sing N N 24  
DA  "C3'" "O3'"  sing N N 25  
DA  "C3'" "C2'"  sing N N 26  
DA  "C3'" "H3'"  sing N N 27  
DA  "O3'" "HO3'" sing N N 28  
DA  "C2'" "C1'"  sing N N 29  
DA  "C2'" "H2'"  sing N N 30  
DA  "C2'" "H2''" sing N N 31  
DA  "C1'" N9     sing N N 32  
DA  "C1'" "H1'"  sing N N 33  
DA  N9    C8     sing Y N 34  
DA  N9    C4     sing Y N 35  
DA  C8    N7     doub Y N 36  
DA  C8    H8     sing N N 37  
DA  N7    C5     sing Y N 38  
DA  C5    C6     sing Y N 39  
DA  C5    C4     doub Y N 40  
DA  C6    N6     sing N N 41  
DA  C6    N1     doub Y N 42  
DA  N6    H61    sing N N 43  
DA  N6    H62    sing N N 44  
DA  N1    C2     sing Y N 45  
DA  C2    N3     doub Y N 46  
DA  C2    H2     sing N N 47  
DA  N3    C4     sing Y N 48  
DC  OP3   P      sing N N 49  
DC  OP3   HOP3   sing N N 50  
DC  P     OP1    doub N N 51  
DC  P     OP2    sing N N 52  
DC  P     "O5'"  sing N N 53  
DC  OP2   HOP2   sing N N 54  
DC  "O5'" "C5'"  sing N N 55  
DC  "C5'" "C4'"  sing N N 56  
DC  "C5'" "H5'"  sing N N 57  
DC  "C5'" "H5''" sing N N 58  
DC  "C4'" "O4'"  sing N N 59  
DC  "C4'" "C3'"  sing N N 60  
DC  "C4'" "H4'"  sing N N 61  
DC  "O4'" "C1'"  sing N N 62  
DC  "C3'" "O3'"  sing N N 63  
DC  "C3'" "C2'"  sing N N 64  
DC  "C3'" "H3'"  sing N N 65  
DC  "O3'" "HO3'" sing N N 66  
DC  "C2'" "C1'"  sing N N 67  
DC  "C2'" "H2'"  sing N N 68  
DC  "C2'" "H2''" sing N N 69  
DC  "C1'" N1     sing N N 70  
DC  "C1'" "H1'"  sing N N 71  
DC  N1    C2     sing N N 72  
DC  N1    C6     sing N N 73  
DC  C2    O2     doub N N 74  
DC  C2    N3     sing N N 75  
DC  N3    C4     doub N N 76  
DC  C4    N4     sing N N 77  
DC  C4    C5     sing N N 78  
DC  N4    H41    sing N N 79  
DC  N4    H42    sing N N 80  
DC  C5    C6     doub N N 81  
DC  C5    H5     sing N N 82  
DC  C6    H6     sing N N 83  
DG  OP3   P      sing N N 84  
DG  OP3   HOP3   sing N N 85  
DG  P     OP1    doub N N 86  
DG  P     OP2    sing N N 87  
DG  P     "O5'"  sing N N 88  
DG  OP2   HOP2   sing N N 89  
DG  "O5'" "C5'"  sing N N 90  
DG  "C5'" "C4'"  sing N N 91  
DG  "C5'" "H5'"  sing N N 92  
DG  "C5'" "H5''" sing N N 93  
DG  "C4'" "O4'"  sing N N 94  
DG  "C4'" "C3'"  sing N N 95  
DG  "C4'" "H4'"  sing N N 96  
DG  "O4'" "C1'"  sing N N 97  
DG  "C3'" "O3'"  sing N N 98  
DG  "C3'" "C2'"  sing N N 99  
DG  "C3'" "H3'"  sing N N 100 
DG  "O3'" "HO3'" sing N N 101 
DG  "C2'" "C1'"  sing N N 102 
DG  "C2'" "H2'"  sing N N 103 
DG  "C2'" "H2''" sing N N 104 
DG  "C1'" N9     sing N N 105 
DG  "C1'" "H1'"  sing N N 106 
DG  N9    C8     sing Y N 107 
DG  N9    C4     sing Y N 108 
DG  C8    N7     doub Y N 109 
DG  C8    H8     sing N N 110 
DG  N7    C5     sing Y N 111 
DG  C5    C6     sing N N 112 
DG  C5    C4     doub Y N 113 
DG  C6    O6     doub N N 114 
DG  C6    N1     sing N N 115 
DG  N1    C2     sing N N 116 
DG  N1    H1     sing N N 117 
DG  C2    N2     sing N N 118 
DG  C2    N3     doub N N 119 
DG  N2    H21    sing N N 120 
DG  N2    H22    sing N N 121 
DG  N3    C4     sing N N 122 
DT  OP3   P      sing N N 123 
DT  OP3   HOP3   sing N N 124 
DT  P     OP1    doub N N 125 
DT  P     OP2    sing N N 126 
DT  P     "O5'"  sing N N 127 
DT  OP2   HOP2   sing N N 128 
DT  "O5'" "C5'"  sing N N 129 
DT  "C5'" "C4'"  sing N N 130 
DT  "C5'" "H5'"  sing N N 131 
DT  "C5'" "H5''" sing N N 132 
DT  "C4'" "O4'"  sing N N 133 
DT  "C4'" "C3'"  sing N N 134 
DT  "C4'" "H4'"  sing N N 135 
DT  "O4'" "C1'"  sing N N 136 
DT  "C3'" "O3'"  sing N N 137 
DT  "C3'" "C2'"  sing N N 138 
DT  "C3'" "H3'"  sing N N 139 
DT  "O3'" "HO3'" sing N N 140 
DT  "C2'" "C1'"  sing N N 141 
DT  "C2'" "H2'"  sing N N 142 
DT  "C2'" "H2''" sing N N 143 
DT  "C1'" N1     sing N N 144 
DT  "C1'" "H1'"  sing N N 145 
DT  N1    C2     sing N N 146 
DT  N1    C6     sing N N 147 
DT  C2    O2     doub N N 148 
DT  C2    N3     sing N N 149 
DT  N3    C4     sing N N 150 
DT  N3    H3     sing N N 151 
DT  C4    O4     doub N N 152 
DT  C4    C5     sing N N 153 
DT  C5    C7     sing N N 154 
DT  C5    C6     doub N N 155 
DT  C7    H71    sing N N 156 
DT  C7    H72    sing N N 157 
DT  C7    H73    sing N N 158 
DT  C6    H6     sing N N 159 
# 
loop_
_ndb_struct_conf_na.entry_id 
_ndb_struct_conf_na.feature 
6WSN 'double helix'        
6WSN 'a-form double helix' 
6WSN 'b-form double helix' 
# 
loop_
_ndb_struct_na_base_pair.model_number 
_ndb_struct_na_base_pair.i_label_asym_id 
_ndb_struct_na_base_pair.i_label_comp_id 
_ndb_struct_na_base_pair.i_label_seq_id 
_ndb_struct_na_base_pair.i_symmetry 
_ndb_struct_na_base_pair.j_label_asym_id 
_ndb_struct_na_base_pair.j_label_comp_id 
_ndb_struct_na_base_pair.j_label_seq_id 
_ndb_struct_na_base_pair.j_symmetry 
_ndb_struct_na_base_pair.shear 
_ndb_struct_na_base_pair.stretch 
_ndb_struct_na_base_pair.stagger 
_ndb_struct_na_base_pair.buckle 
_ndb_struct_na_base_pair.propeller 
_ndb_struct_na_base_pair.opening 
_ndb_struct_na_base_pair.pair_number 
_ndb_struct_na_base_pair.pair_name 
_ndb_struct_na_base_pair.i_auth_asym_id 
_ndb_struct_na_base_pair.i_auth_seq_id 
_ndb_struct_na_base_pair.i_PDB_ins_code 
_ndb_struct_na_base_pair.j_auth_asym_id 
_ndb_struct_na_base_pair.j_auth_seq_id 
_ndb_struct_na_base_pair.j_PDB_ins_code 
_ndb_struct_na_base_pair.hbond_type_28 
_ndb_struct_na_base_pair.hbond_type_12 
1 A DG 3  1_555 D DC 7 1_555 0.525  0.168  -0.437 -15.788 -16.842 -8.706 1  A_DG3:DC16_D A 3  ? D 16 ? 19 1 
1 A DC 4  1_555 D DG 6 1_555 0.169  -0.106 -0.202 -5.328  -5.668  1.281  2  A_DC4:DG15_D A 4  ? D 15 ? 19 1 
1 A DA 5  1_555 D DT 5 1_555 0.161  -0.045 0.124  3.013   -6.735  -2.252 3  A_DA5:DT14_D A 5  ? D 14 ? 20 1 
1 A DG 6  1_555 D DC 4 1_555 -0.143 -0.217 0.033  2.281   -9.047  -1.512 4  A_DG6:DC13_D A 6  ? D 13 ? 19 1 
1 A DA 7  1_555 D DT 3 1_555 0.129  -0.154 0.175  3.642   -4.852  -3.892 5  A_DA7:DT12_D A 7  ? D 12 ? 20 1 
1 A DC 8  1_555 D DG 2 1_555 0.150  -0.210 0.290  4.132   -8.714  -0.929 6  A_DC8:DG11_D A 8  ? D 11 ? 19 1 
1 A DC 9  1_555 D DG 1 1_555 0.160  -0.174 0.120  0.289   -13.289 0.263  7  A_DC9:DG10_D A 9  ? D 10 ? 19 1 
1 A DA 10 1_555 B DT 5 1_555 0.054  -0.352 1.039  4.225   -0.138  0.891  8  A_DA10:DT5_B A 10 ? B 5  ? 20 1 
1 A DG 11 1_555 B DC 4 1_555 -0.102 -0.318 0.706  7.108   -4.048  -2.364 9  A_DG11:DC4_B A 11 ? B 4  ? 19 1 
1 A DA 12 1_555 B DT 3 1_555 0.210  -0.272 0.425  4.005   -5.030  -1.712 10 A_DA12:DT3_B A 12 ? B 3  ? 20 1 
1 A DC 13 1_555 B DG 2 1_555 0.173  -0.322 0.453  4.708   -4.729  -1.504 11 A_DC13:DG2_B A 13 ? B 2  ? 19 1 
1 A DG 14 1_555 B DC 1 1_555 -0.193 -0.171 0.186  -4.157  -11.164 -0.767 12 A_DG14:DC1_B A 14 ? B 1  ? 19 1 
1 A DT 15 1_555 C DA 9 1_555 -0.228 -0.169 0.265  -7.202  -7.860  -3.300 13 A_DT15:DA9_C A 15 ? C 9  ? 20 1 
1 A DC 16 1_555 C DG 8 1_555 0.172  -0.235 0.392  0.906   -5.751  -1.578 14 A_DC16:DG8_C A 16 ? C 8  ? 19 1 
1 A DA 17 1_555 C DT 7 1_555 0.129  -0.194 0.102  -0.813  -8.255  -2.836 15 A_DA17:DT7_C A 17 ? C 7  ? 20 1 
1 A DC 18 1_555 C DG 6 1_555 0.146  -0.150 0.250  -3.322  -6.881  -1.190 16 A_DC18:DG6_C A 18 ? C 6  ? 19 1 
1 A DT 19 1_555 C DA 5 1_555 -0.239 -0.112 0.534  -0.881  -8.671  -4.007 17 A_DT19:DA5_C A 19 ? C 5  ? 20 1 
1 A DC 20 1_555 C DG 4 1_555 0.467  0.913  0.700  -1.117  -7.907  7.012  18 A_DC20:DG4_C A 20 ? C 4  ? ?  ? 
1 A DA 21 1_555 C DT 3 1_555 0.391  -0.253 1.050  10.772  -11.495 -7.275 19 A_DA21:DT3_C A 21 ? C 3  ? 20 1 
# 
loop_
_ndb_struct_na_base_pair_step.model_number 
_ndb_struct_na_base_pair_step.i_label_asym_id_1 
_ndb_struct_na_base_pair_step.i_label_comp_id_1 
_ndb_struct_na_base_pair_step.i_label_seq_id_1 
_ndb_struct_na_base_pair_step.i_symmetry_1 
_ndb_struct_na_base_pair_step.j_label_asym_id_1 
_ndb_struct_na_base_pair_step.j_label_comp_id_1 
_ndb_struct_na_base_pair_step.j_label_seq_id_1 
_ndb_struct_na_base_pair_step.j_symmetry_1 
_ndb_struct_na_base_pair_step.i_label_asym_id_2 
_ndb_struct_na_base_pair_step.i_label_comp_id_2 
_ndb_struct_na_base_pair_step.i_label_seq_id_2 
_ndb_struct_na_base_pair_step.i_symmetry_2 
_ndb_struct_na_base_pair_step.j_label_asym_id_2 
_ndb_struct_na_base_pair_step.j_label_comp_id_2 
_ndb_struct_na_base_pair_step.j_label_seq_id_2 
_ndb_struct_na_base_pair_step.j_symmetry_2 
_ndb_struct_na_base_pair_step.shift 
_ndb_struct_na_base_pair_step.slide 
_ndb_struct_na_base_pair_step.rise 
_ndb_struct_na_base_pair_step.tilt 
_ndb_struct_na_base_pair_step.roll 
_ndb_struct_na_base_pair_step.twist 
_ndb_struct_na_base_pair_step.x_displacement 
_ndb_struct_na_base_pair_step.y_displacement 
_ndb_struct_na_base_pair_step.helical_rise 
_ndb_struct_na_base_pair_step.inclination 
_ndb_struct_na_base_pair_step.tip 
_ndb_struct_na_base_pair_step.helical_twist 
_ndb_struct_na_base_pair_step.step_number 
_ndb_struct_na_base_pair_step.step_name 
_ndb_struct_na_base_pair_step.i_auth_asym_id_1 
_ndb_struct_na_base_pair_step.i_auth_seq_id_1 
_ndb_struct_na_base_pair_step.i_PDB_ins_code_1 
_ndb_struct_na_base_pair_step.j_auth_asym_id_1 
_ndb_struct_na_base_pair_step.j_auth_seq_id_1 
_ndb_struct_na_base_pair_step.j_PDB_ins_code_1 
_ndb_struct_na_base_pair_step.i_auth_asym_id_2 
_ndb_struct_na_base_pair_step.i_auth_seq_id_2 
_ndb_struct_na_base_pair_step.i_PDB_ins_code_2 
_ndb_struct_na_base_pair_step.j_auth_asym_id_2 
_ndb_struct_na_base_pair_step.j_auth_seq_id_2 
_ndb_struct_na_base_pair_step.j_PDB_ins_code_2 
1 A DG 3  1_555 D DC 7 1_555 A DC 4  1_555 D DG 6 1_555 -0.160 -0.222 2.861 -2.589  0.701  28.748 -0.582 -0.184 2.858 1.409  5.200 
28.871 1  AA_DG3DC4:DG15DC16_DD A 3  ? D 16 ? A 4  ? D 15 ? 
1 A DC 4  1_555 D DG 6 1_555 A DA 5  1_555 D DT 5 1_555 -0.962 1.246  3.165 -5.942  5.722  34.846 1.185  0.691  3.432 9.392  9.753 
35.780 2  AA_DC4DA5:DT14DG15_DD A 4  ? D 15 ? A 5  ? D 14 ? 
1 A DA 5  1_555 D DT 5 1_555 A DG 6  1_555 D DC 4 1_555 0.191  -0.481 3.254 -2.018  0.994  30.112 -1.122 -0.772 3.217 1.910  3.878 
30.194 3  AA_DA5DG6:DC13DT14_DD A 5  ? D 14 ? A 6  ? D 13 ? 
1 A DG 6  1_555 D DC 4 1_555 A DA 7  1_555 D DT 3 1_555 0.348  -0.892 3.139 -2.850  -3.177 40.282 -0.946 -0.810 3.166 -4.598 4.125 
40.498 4  AA_DG6DA7:DT12DC13_DD A 6  ? D 13 ? A 7  ? D 12 ? 
1 A DA 7  1_555 D DT 3 1_555 A DC 8  1_555 D DG 2 1_555 0.611  -1.190 3.311 -3.141  0.798  32.286 -2.270 -1.645 3.209 1.431  5.631 
32.444 5  AA_DA7DC8:DG11DT12_DD A 7  ? D 12 ? A 8  ? D 11 ? 
1 A DC 8  1_555 D DG 2 1_555 A DC 9  1_555 D DG 1 1_555 -0.062 -1.234 3.281 -0.728  1.573  33.638 -2.385 -0.012 3.222 2.716  1.258 
33.682 6  AA_DC8DC9:DG10DG11_DD A 8  ? D 11 ? A 9  ? D 10 ? 
1 A DC 9  1_555 D DG 1 1_555 A DA 10 1_555 B DT 5 1_555 -1.083 -0.856 3.062 -11.652 -0.673 26.787 -1.550 -0.414 3.260 -1.374 
23.769 29.176 7  AA_DC9DA10:DT5DG10_BD A 9  ? D 10 ? A 10 ? B 5  ? 
1 A DA 10 1_555 B DT 5 1_555 A DG 11 1_555 B DC 4 1_555 -0.854 -0.277 3.370 -0.437  2.805  29.069 -1.176 1.596  3.341 5.571  0.867 
29.205 8  AA_DA10DG11:DC4DT5_BB A 10 ? B 5  ? A 11 ? B 4  ? 
1 A DG 11 1_555 B DC 4 1_555 A DA 12 1_555 B DT 3 1_555 -0.142 -0.139 3.440 -1.699  3.427  42.430 -0.555 0.016  3.422 4.724  2.342 
42.595 9  AA_DG11DA12:DT3DC4_BB A 11 ? B 4  ? A 12 ? B 3  ? 
1 A DA 12 1_555 B DT 3 1_555 A DC 13 1_555 B DG 2 1_555 0.328  -1.131 3.353 -3.430  -0.958 31.986 -1.866 -1.219 3.333 -1.731 6.201 
32.178 10 AA_DA12DC13:DG2DT3_BB A 12 ? B 3  ? A 13 ? B 2  ? 
1 A DC 13 1_555 B DG 2 1_555 A DG 14 1_555 B DC 1 1_555 -0.460 -1.217 3.429 -1.237  -0.155 35.684 -1.962 0.562  3.448 -0.253 2.018 
35.705 11 AA_DC13DG14:DC1DG2_BB A 13 ? B 2  ? A 14 ? B 1  ? 
1 A DG 14 1_555 B DC 1 1_555 A DT 15 1_555 C DA 9 1_555 -1.215 -1.165 3.312 -1.427  -0.987 28.581 -2.126 2.125  3.405 -1.997 2.887 
28.633 12 AA_DG14DT15:DA9DC1_CB A 14 ? B 1  ? A 15 ? C 9  ? 
1 A DT 15 1_555 C DA 9 1_555 A DC 16 1_555 C DG 8 1_555 0.065  0.219  3.219 -2.138  3.778  32.839 -0.245 -0.470 3.213 6.647  3.760 
33.117 13 AA_DT15DC16:DG8DA9_CC A 15 ? C 9  ? A 16 ? C 8  ? 
1 A DC 16 1_555 C DG 8 1_555 A DA 17 1_555 C DT 7 1_555 -0.057 0.822  3.318 0.510   0.691  40.549 1.107  0.140  3.330 0.997  
-0.736 40.557 14 AA_DC16DA17:DT7DG8_CC A 16 ? C 8  ? A 17 ? C 7  ? 
1 A DA 17 1_555 C DT 7 1_555 A DC 18 1_555 C DG 6 1_555 0.285  -1.033 3.392 -1.452  -0.471 30.804 -1.848 -0.829 3.390 -0.886 2.731 
30.840 15 AA_DA17DC18:DG6DT7_CC A 17 ? C 7  ? A 18 ? C 6  ? 
1 A DC 18 1_555 C DG 6 1_555 A DT 19 1_555 C DA 5 1_555 -0.332 -0.818 3.332 -0.642  -0.628 32.527 -1.348 0.477  3.353 -1.122 1.147 
32.539 16 AA_DC18DT19:DA5DG6_CC A 18 ? C 6  ? A 19 ? C 5  ? 
1 A DT 19 1_555 C DA 5 1_555 A DC 20 1_555 C DG 4 1_555 0.928  0.110  3.346 4.510   1.460  36.688 -0.031 -0.832 3.433 2.308  
-7.128 36.983 17 AA_DT19DC20:DG4DA5_CC A 19 ? C 5  ? A 20 ? C 4  ? 
1 A DC 20 1_555 C DG 4 1_555 A DA 21 1_555 C DT 3 1_555 -0.461 1.090  3.011 -7.606  2.543  44.820 1.199  -0.034 3.100 3.304  9.882 
45.495 18 AA_DC20DA21:DT3DG4_CC A 20 ? C 4  ? A 21 ? C 3  ? 
# 
loop_
_pdbx_audit_support.funding_organization 
_pdbx_audit_support.country 
_pdbx_audit_support.grant_number 
_pdbx_audit_support.ordinal 
'National Science Foundation (NSF, United States)'                                         'United States' 1360635     1 
'National Institutes of Health/National Institute of General Medical Sciences (NIH/NIGMS)' 'United States' R01GM104960 2 
'National Science Foundation (NSF, United States)'                                         'United States' NSF2004250  3 
# 
_pdbx_entity_nonpoly.entity_id   5 
_pdbx_entity_nonpoly.name        'CACODYLATE ION' 
_pdbx_entity_nonpoly.comp_id     CAC 
# 
_pdbx_initial_refinement_model.id               1 
_pdbx_initial_refinement_model.entity_id_list   ? 
_pdbx_initial_refinement_model.type             'experimental model' 
_pdbx_initial_refinement_model.source_name      PDB 
_pdbx_initial_refinement_model.accession_code   5KEK 
_pdbx_initial_refinement_model.details          ? 
# 
_pdbx_struct_assembly_auth_evidence.id                     1 
_pdbx_struct_assembly_auth_evidence.assembly_id            1 
_pdbx_struct_assembly_auth_evidence.experimental_support   none 
_pdbx_struct_assembly_auth_evidence.details                ? 
# 
